data_3T6X
#
_entry.id   3T6X
#
_cell.length_a   73.510
_cell.length_b   140.040
_cell.length_c   172.980
_cell.angle_alpha   90.00
_cell.angle_beta   90.00
_cell.angle_gamma   90.00
#
_symmetry.space_group_name_H-M   'P 21 21 21'
#
loop_
_entity.id
_entity.type
_entity.pdbx_description
1 polymer Laccase
2 branched 2-acetamido-2-deoxy-beta-D-glucopyranose-(1-4)-2-acetamido-2-deoxy-beta-D-glucopyranose
3 non-polymer 'COPPER (II) ION'
4 non-polymer 'SULFATE ION'
5 non-polymer GLYCEROL
6 non-polymer 'PEROXIDE ION'
7 non-polymer 2-acetamido-2-deoxy-beta-D-glucopyranose
8 water water
#
_entity_poly.entity_id   1
_entity_poly.type   'polypeptide(L)'
_entity_poly.pdbx_seq_one_letter_code
;VQIGPVTDLHIVNADIVPDGFVRPAVNAGGTFPGPVIAGNVGDNFQIVTFNQLIECSMLVDTSIHWHGEFQKGTNWADGP
AFITQCPIIVGNSFSYNFNVPGMAGTYWYHSHLTTQYCDGLRGPFVVYDPNDPDANLYDVDDDTTIITLADWYHVLAKEM
GAGGAITADSTLIDGLGRTHVNVAAVPLSVITVEVGKRYRMRLVSISCDPNYDFSIDGHDMTIIETDGVDSQELTVDEIQ
IFAAQRYSFVLNANQPVGNYWIRANPNSGGEGFDGGINSAILRYDGATTADPVTVASTVHTKCLIETDLHPLSRNGVPGN
PHQGGADCNLNLSLGFACGNFVINGVSFTPPTVPVLLQICSGANTAADLLPSGSVISLPSNSTIEIALPAGAAGGPHPFH
LHGHDFAVSESASNSTSNYDDPIWRDVVSIGGVGDNVTIRFCTDNPGPWFLHCHIDWHLDAGFAIVFAEDIPNTASANPV
PEAWSNLCPSYDSAH
;
_entity_poly.pdbx_strand_id   A,B,C
#
# COMPACT_ATOMS: atom_id res chain seq x y z
N VAL A 1 4.90 -14.02 10.79
CA VAL A 1 6.00 -14.84 10.20
C VAL A 1 7.22 -14.76 11.14
N GLN A 2 7.93 -15.88 11.31
CA GLN A 2 9.21 -15.91 12.06
C GLN A 2 10.37 -16.14 11.12
N ILE A 3 11.46 -15.42 11.39
CA ILE A 3 12.70 -15.54 10.66
C ILE A 3 13.81 -15.62 11.69
N GLY A 4 14.96 -16.18 11.28
CA GLY A 4 16.16 -16.22 12.09
C GLY A 4 16.47 -17.59 12.68
N PRO A 5 17.56 -17.68 13.47
CA PRO A 5 18.40 -16.56 13.95
C PRO A 5 19.36 -15.94 12.93
N VAL A 6 19.61 -16.67 11.85
CA VAL A 6 20.36 -16.07 10.76
C VAL A 6 19.38 -15.68 9.65
N THR A 7 19.35 -14.40 9.31
CA THR A 7 18.37 -13.90 8.34
C THR A 7 18.79 -12.56 7.73
N ASP A 8 18.19 -12.22 6.59
CA ASP A 8 18.21 -10.87 6.05
C ASP A 8 16.99 -10.11 6.55
N LEU A 9 17.17 -8.82 6.77
CA LEU A 9 16.09 -7.97 7.14
C LEU A 9 16.21 -6.71 6.32
N HIS A 10 15.32 -6.57 5.34
CA HIS A 10 15.34 -5.39 4.48
C HIS A 10 14.49 -4.30 5.06
N ILE A 11 14.95 -3.07 4.94
CA ILE A 11 14.24 -1.96 5.50
C ILE A 11 13.80 -1.12 4.33
N VAL A 12 12.49 -1.02 4.15
CA VAL A 12 11.91 -0.35 2.99
C VAL A 12 10.81 0.65 3.36
N ASN A 13 10.50 1.53 2.42
CA ASN A 13 9.32 2.36 2.51
C ASN A 13 8.14 1.70 1.80
N ALA A 14 6.97 1.91 2.38
CA ALA A 14 5.74 1.32 1.90
C ALA A 14 4.66 2.19 2.48
N ASP A 15 3.62 2.50 1.70
CA ASP A 15 2.39 3.02 2.26
C ASP A 15 1.58 1.90 2.87
N ILE A 16 1.02 2.13 4.04
CA ILE A 16 0.14 1.16 4.71
C ILE A 16 -1.10 1.89 5.24
N VAL A 17 -2.19 1.15 5.37
CA VAL A 17 -3.47 1.66 5.88
C VAL A 17 -4.07 0.80 7.01
N PRO A 18 -3.32 0.57 8.10
CA PRO A 18 -3.81 -0.36 9.16
C PRO A 18 -5.16 0.02 9.79
N ASP A 19 -5.48 1.31 9.81
CA ASP A 19 -6.78 1.80 10.28
C ASP A 19 -7.70 2.31 9.14
N GLY A 20 -7.34 2.00 7.89
CA GLY A 20 -8.06 2.50 6.71
C GLY A 20 -7.52 3.81 6.12
N PHE A 21 -6.54 4.42 6.79
CA PHE A 21 -5.98 5.69 6.36
C PHE A 21 -4.58 5.42 5.80
N VAL A 22 -4.40 5.64 4.47
CA VAL A 22 -3.07 5.41 3.86
C VAL A 22 -2.07 6.52 4.19
N ARG A 23 -0.89 6.11 4.61
CA ARG A 23 0.21 7.02 4.90
C ARG A 23 1.56 6.29 4.69
N PRO A 24 2.68 7.03 4.53
CA PRO A 24 3.98 6.38 4.38
C PRO A 24 4.46 5.68 5.66
N ALA A 25 5.27 4.63 5.49
CA ALA A 25 5.87 3.93 6.61
C ALA A 25 7.33 3.50 6.31
N VAL A 26 8.04 3.17 7.38
CA VAL A 26 9.38 2.61 7.34
C VAL A 26 9.20 1.17 7.86
N ASN A 27 9.39 0.18 6.99
CA ASN A 27 9.12 -1.23 7.35
C ASN A 27 10.37 -2.13 7.47
N ALA A 28 10.40 -2.96 8.51
CA ALA A 28 11.41 -4.01 8.64
C ALA A 28 10.80 -5.29 8.14
N GLY A 29 11.49 -5.95 7.22
CA GLY A 29 10.98 -7.18 6.65
C GLY A 29 9.68 -7.08 5.89
N GLY A 30 9.32 -5.88 5.47
CA GLY A 30 8.18 -5.66 4.59
C GLY A 30 6.77 -5.64 5.15
N THR A 31 6.63 -5.84 6.47
CA THR A 31 5.33 -5.94 7.11
C THR A 31 5.20 -5.04 8.35
N PHE A 32 3.95 -4.82 8.77
CA PHE A 32 3.69 -4.13 10.02
C PHE A 32 2.73 -4.89 10.95
N PRO A 33 3.22 -5.31 12.13
CA PRO A 33 4.62 -5.08 12.56
C PRO A 33 5.62 -5.87 11.73
N GLY A 34 6.91 -5.63 11.98
CA GLY A 34 7.99 -6.42 11.37
C GLY A 34 7.86 -7.88 11.72
N PRO A 35 8.47 -8.79 10.92
CA PRO A 35 8.39 -10.21 11.23
C PRO A 35 9.01 -10.47 12.59
N VAL A 36 8.63 -11.58 13.21
CA VAL A 36 9.22 -11.96 14.46
C VAL A 36 10.61 -12.52 14.15
N ILE A 37 11.63 -11.93 14.77
CA ILE A 37 12.97 -12.50 14.77
C ILE A 37 13.06 -13.51 15.96
N ALA A 38 13.45 -14.74 15.67
CA ALA A 38 13.46 -15.78 16.71
C ALA A 38 14.69 -16.68 16.65
N GLY A 39 15.00 -17.26 17.81
CA GLY A 39 16.08 -18.23 18.00
C GLY A 39 15.93 -18.90 19.37
N ASN A 40 16.87 -19.78 19.71
CA ASN A 40 16.91 -20.40 21.04
C ASN A 40 18.02 -19.79 21.86
N VAL A 41 17.93 -19.88 23.19
CA VAL A 41 18.95 -19.26 24.04
C VAL A 41 20.32 -19.81 23.65
N GLY A 42 21.32 -18.93 23.57
CA GLY A 42 22.69 -19.33 23.25
C GLY A 42 22.97 -19.34 21.76
N ASP A 43 21.92 -19.07 20.97
CA ASP A 43 22.07 -18.94 19.52
C ASP A 43 22.90 -17.74 19.12
N ASN A 44 23.64 -17.90 18.04
CA ASN A 44 24.25 -16.78 17.40
C ASN A 44 23.23 -16.17 16.43
N PHE A 45 22.91 -14.89 16.62
CA PHE A 45 22.04 -14.15 15.71
C PHE A 45 22.89 -13.43 14.70
N GLN A 46 22.56 -13.58 13.42
CA GLN A 46 23.25 -12.82 12.39
C GLN A 46 22.21 -12.12 11.57
N ILE A 47 21.95 -10.85 11.88
CA ILE A 47 20.89 -10.15 11.16
C ILE A 47 21.50 -9.16 10.16
N VAL A 48 21.34 -9.47 8.88
CA VAL A 48 21.88 -8.57 7.86
C VAL A 48 20.82 -7.56 7.46
N THR A 49 20.98 -6.35 7.95
CA THR A 49 20.04 -5.30 7.71
C THR A 49 20.44 -4.58 6.42
N PHE A 50 19.52 -4.57 5.45
CA PHE A 50 19.70 -3.88 4.16
C PHE A 50 18.87 -2.61 4.16
N ASN A 51 19.53 -1.46 4.21
CA ASN A 51 18.83 -0.20 4.20
C ASN A 51 18.47 0.11 2.77
N GLN A 52 17.18 0.04 2.45
CA GLN A 52 16.70 0.40 1.11
C GLN A 52 15.78 1.62 1.05
N LEU A 53 15.89 2.49 2.05
CA LEU A 53 14.92 3.58 2.24
C LEU A 53 15.14 4.71 1.25
N ILE A 54 14.06 5.29 0.75
CA ILE A 54 14.14 6.40 -0.22
C ILE A 54 13.38 7.67 0.24
N GLU A 55 12.41 7.51 1.12
CA GLU A 55 11.52 8.59 1.51
C GLU A 55 12.11 9.42 2.68
N CYS A 56 12.63 10.59 2.33
CA CYS A 56 13.36 11.37 3.32
C CYS A 56 12.46 11.90 4.41
N SER A 57 11.16 12.04 4.11
CA SER A 57 10.19 12.54 5.07
C SER A 57 10.26 11.79 6.40
N MET A 58 10.80 10.57 6.37
CA MET A 58 10.94 9.74 7.58
C MET A 58 12.42 9.32 7.80
N LEU A 59 13.32 9.95 7.05
CA LEU A 59 14.76 9.69 7.10
C LEU A 59 15.14 8.41 6.38
N VAL A 60 16.07 8.53 5.45
CA VAL A 60 16.58 7.35 4.74
C VAL A 60 17.77 6.68 5.40
N ASP A 61 18.28 7.26 6.49
CA ASP A 61 19.21 6.53 7.36
C ASP A 61 18.44 5.65 8.35
N THR A 62 19.09 4.62 8.90
CA THR A 62 18.45 3.84 9.97
C THR A 62 19.48 3.16 10.87
N SER A 63 19.01 2.69 12.04
CA SER A 63 19.82 1.94 12.98
C SER A 63 18.88 1.13 13.87
N ILE A 64 19.21 -0.14 14.11
CA ILE A 64 18.25 -1.03 14.78
C ILE A 64 18.72 -1.54 16.13
N HIS A 65 17.84 -1.41 17.13
CA HIS A 65 18.11 -1.90 18.51
C HIS A 65 17.33 -3.17 18.85
N TRP A 66 18.00 -4.11 19.47
CA TRP A 66 17.43 -5.41 19.83
C TRP A 66 17.09 -5.22 21.28
N HIS A 67 15.85 -4.83 21.53
CA HIS A 67 15.47 -4.26 22.84
C HIS A 67 15.48 -5.32 23.94
N GLY A 68 16.28 -5.14 24.99
CA GLY A 68 16.37 -6.12 26.08
C GLY A 68 17.45 -7.20 25.97
N GLU A 69 18.10 -7.29 24.81
CA GLU A 69 19.29 -8.12 24.59
C GLU A 69 20.48 -7.41 25.18
N PHE A 70 21.23 -8.10 26.01
CA PHE A 70 22.35 -7.48 26.75
C PHE A 70 23.52 -7.09 25.88
N GLN A 71 23.79 -7.85 24.80
CA GLN A 71 24.90 -7.52 23.88
C GLN A 71 26.28 -7.42 24.55
N LYS A 72 26.54 -8.29 25.51
CA LYS A 72 27.82 -8.32 26.19
C LYS A 72 28.91 -8.69 25.19
N GLY A 73 29.94 -7.85 25.07
CA GLY A 73 31.00 -8.10 24.11
C GLY A 73 30.68 -7.61 22.70
N THR A 74 29.43 -7.19 22.49
CA THR A 74 28.95 -6.70 21.21
C THR A 74 28.19 -5.37 21.35
N ASN A 75 28.67 -4.48 22.21
CA ASN A 75 28.10 -3.14 22.36
C ASN A 75 27.97 -2.43 21.00
N TRP A 76 28.87 -2.75 20.08
CA TRP A 76 28.78 -2.22 18.71
C TRP A 76 27.47 -2.61 17.97
N ALA A 77 26.83 -3.71 18.40
CA ALA A 77 25.63 -4.22 17.75
C ALA A 77 24.33 -3.69 18.36
N ASP A 78 24.43 -2.77 19.33
CA ASP A 78 23.28 -2.43 20.15
C ASP A 78 22.22 -1.60 19.43
N GLY A 79 22.65 -0.63 18.61
CA GLY A 79 21.74 0.08 17.72
C GLY A 79 21.42 1.55 17.97
N PRO A 80 21.49 2.04 19.22
CA PRO A 80 21.18 3.45 19.40
C PRO A 80 22.12 4.39 18.64
N ALA A 81 21.55 5.16 17.72
CA ALA A 81 22.29 6.12 16.91
C ALA A 81 23.11 7.08 17.76
N PHE A 82 24.40 7.15 17.45
CA PHE A 82 25.33 8.11 18.05
C PHE A 82 25.64 7.82 19.49
N ILE A 83 25.18 6.67 19.98
CA ILE A 83 25.68 6.12 21.23
C ILE A 83 26.63 5.00 20.87
N THR A 84 26.14 4.01 20.13
CA THR A 84 26.96 2.83 19.77
C THR A 84 27.29 2.70 18.27
N GLN A 85 26.61 3.47 17.43
CA GLN A 85 26.95 3.50 16.00
C GLN A 85 26.49 4.73 15.28
N CYS A 86 27.13 5.00 14.14
CA CYS A 86 26.51 5.86 13.15
C CYS A 86 25.39 5.11 12.43
N PRO A 87 24.35 5.84 11.97
CA PRO A 87 23.29 5.18 11.21
C PRO A 87 23.83 4.56 9.91
N ILE A 88 23.22 3.45 9.49
CA ILE A 88 23.46 2.87 8.18
C ILE A 88 22.83 3.78 7.13
N ILE A 89 23.55 4.06 6.05
CA ILE A 89 22.98 4.92 5.00
C ILE A 89 22.21 4.09 3.95
N VAL A 90 21.25 4.70 3.26
CA VAL A 90 20.47 4.00 2.23
C VAL A 90 21.40 3.41 1.17
N GLY A 91 21.05 2.24 0.64
CA GLY A 91 21.87 1.55 -0.33
C GLY A 91 22.99 0.69 0.27
N ASN A 92 23.24 0.83 1.57
CA ASN A 92 24.19 -0.06 2.27
C ASN A 92 23.53 -1.11 3.13
N SER A 93 24.34 -2.02 3.64
CA SER A 93 23.85 -3.07 4.54
C SER A 93 24.77 -3.17 5.74
N PHE A 94 24.33 -3.91 6.76
CA PHE A 94 25.11 -4.06 7.98
C PHE A 94 24.66 -5.31 8.76
N SER A 95 25.65 -6.07 9.19
CA SER A 95 25.42 -7.34 9.84
C SER A 95 25.46 -7.17 11.36
N TYR A 96 24.28 -7.25 12.00
CA TYR A 96 24.17 -7.28 13.46
C TYR A 96 24.39 -8.73 13.85
N ASN A 97 25.57 -9.02 14.36
CA ASN A 97 25.99 -10.37 14.64
C ASN A 97 26.25 -10.45 16.15
N PHE A 98 25.47 -11.26 16.85
CA PHE A 98 25.52 -11.35 18.32
C PHE A 98 24.97 -12.64 18.89
N ASN A 99 25.18 -12.87 20.18
CA ASN A 99 24.71 -14.07 20.83
C ASN A 99 23.81 -13.61 21.94
N VAL A 100 23.01 -14.55 22.43
CA VAL A 100 22.12 -14.23 23.51
C VAL A 100 22.31 -15.29 24.60
N PRO A 101 23.51 -15.33 25.21
CA PRO A 101 23.73 -16.27 26.28
C PRO A 101 22.88 -15.85 27.43
N GLY A 102 22.31 -16.84 28.11
CA GLY A 102 21.62 -16.62 29.36
C GLY A 102 20.20 -16.09 29.26
N MET A 103 19.83 -15.55 28.09
CA MET A 103 18.55 -14.90 27.97
C MET A 103 17.55 -15.78 27.22
N ALA A 104 16.31 -15.71 27.66
CA ALA A 104 15.18 -16.32 26.98
C ALA A 104 13.98 -15.39 27.17
N GLY A 105 12.95 -15.56 26.36
CA GLY A 105 11.70 -14.86 26.59
C GLY A 105 11.29 -13.93 25.46
N THR A 106 10.48 -12.94 25.82
CA THR A 106 9.84 -12.06 24.85
C THR A 106 10.45 -10.68 24.83
N TYR A 107 10.91 -10.31 23.65
CA TYR A 107 11.62 -9.05 23.35
C TYR A 107 11.05 -8.47 22.09
N TRP A 108 11.70 -7.43 21.60
CA TRP A 108 11.32 -6.79 20.35
C TRP A 108 12.51 -6.05 19.82
N TYR A 109 12.37 -5.46 18.63
CA TYR A 109 13.41 -4.73 18.00
C TYR A 109 12.80 -3.48 17.31
N HIS A 110 13.59 -2.42 17.19
CA HIS A 110 13.07 -1.16 16.66
C HIS A 110 14.17 -0.24 16.16
N SER A 111 13.81 0.66 15.24
CA SER A 111 14.70 1.73 14.86
C SER A 111 15.04 2.52 16.11
N HIS A 112 16.33 2.83 16.25
CA HIS A 112 16.80 3.65 17.37
C HIS A 112 17.53 4.88 16.85
N LEU A 113 17.04 5.40 15.73
CA LEU A 113 17.41 6.69 15.21
C LEU A 113 16.19 7.62 15.34
N THR A 114 16.38 8.80 15.96
CA THR A 114 15.33 9.83 16.04
C THR A 114 13.99 9.23 16.45
N THR A 115 12.89 9.58 15.78
CA THR A 115 11.57 9.01 16.13
C THR A 115 11.08 8.03 15.07
N GLN A 116 12.03 7.38 14.41
CA GLN A 116 11.75 6.55 13.24
C GLN A 116 10.97 5.28 13.55
N TYR A 117 11.14 4.69 14.73
CA TYR A 117 10.32 3.51 15.07
C TYR A 117 8.81 3.79 15.06
N CYS A 118 8.42 5.01 15.40
CA CYS A 118 7.01 5.39 15.28
C CYS A 118 6.47 5.22 13.86
N ASP A 119 7.33 5.47 12.86
CA ASP A 119 6.94 5.45 11.46
C ASP A 119 6.84 4.04 10.90
N GLY A 120 7.07 3.04 11.74
CA GLY A 120 6.79 1.64 11.37
C GLY A 120 7.83 0.55 11.66
N LEU A 121 9.07 0.94 11.99
CA LEU A 121 10.15 -0.05 12.15
C LEU A 121 10.16 -0.67 13.54
N ARG A 122 9.32 -1.69 13.71
CA ARG A 122 9.16 -2.30 15.04
C ARG A 122 8.54 -3.66 14.88
N GLY A 123 9.08 -4.62 15.61
CA GLY A 123 8.56 -5.97 15.52
C GLY A 123 9.02 -6.81 16.69
N PRO A 124 8.47 -8.01 16.81
CA PRO A 124 8.75 -8.85 18.00
C PRO A 124 10.05 -9.66 17.85
N PHE A 125 10.67 -10.01 18.98
CA PHE A 125 11.94 -10.76 19.02
C PHE A 125 11.73 -11.78 20.12
N VAL A 126 11.72 -13.06 19.76
CA VAL A 126 11.47 -14.10 20.77
C VAL A 126 12.65 -15.07 20.84
N VAL A 127 13.17 -15.25 22.05
CA VAL A 127 14.18 -16.26 22.27
C VAL A 127 13.53 -17.44 23.01
N TYR A 128 13.37 -18.56 22.33
CA TYR A 128 12.70 -19.72 22.90
C TYR A 128 13.66 -20.53 23.79
N ASP A 129 13.11 -21.11 24.85
CA ASP A 129 13.92 -21.90 25.76
C ASP A 129 13.50 -23.32 25.57
N PRO A 130 14.40 -24.17 25.07
CA PRO A 130 14.05 -25.56 24.87
C PRO A 130 13.75 -26.27 26.21
N ASN A 131 14.27 -25.72 27.31
CA ASN A 131 13.95 -26.23 28.66
C ASN A 131 13.25 -25.18 29.52
N ASP A 132 12.33 -24.44 28.90
CA ASP A 132 11.54 -23.43 29.57
C ASP A 132 10.85 -24.09 30.76
N PRO A 133 11.09 -23.56 31.97
CA PRO A 133 10.46 -24.13 33.15
C PRO A 133 8.93 -23.90 33.17
N ASP A 134 8.43 -22.95 32.37
CA ASP A 134 6.99 -22.70 32.30
C ASP A 134 6.26 -23.55 31.27
N ALA A 135 7.01 -24.36 30.52
CA ALA A 135 6.46 -25.20 29.45
C ALA A 135 5.18 -25.93 29.81
N ASN A 136 5.17 -26.59 30.96
CA ASN A 136 4.03 -27.43 31.35
C ASN A 136 2.75 -26.63 31.59
N LEU A 137 2.88 -25.31 31.68
CA LEU A 137 1.73 -24.46 31.98
C LEU A 137 0.79 -24.20 30.81
N TYR A 138 1.19 -24.58 29.61
CA TYR A 138 0.38 -24.27 28.45
C TYR A 138 0.58 -25.27 27.33
N ASP A 139 -0.37 -25.28 26.40
CA ASP A 139 -0.34 -26.18 25.26
C ASP A 139 0.29 -25.58 24.01
N VAL A 140 0.15 -24.26 23.81
CA VAL A 140 0.43 -23.60 22.52
C VAL A 140 1.24 -22.34 22.73
N ASP A 141 2.43 -22.32 22.14
CA ASP A 141 3.29 -21.18 22.17
C ASP A 141 3.92 -21.10 20.80
N ASP A 142 3.48 -20.15 19.99
CA ASP A 142 4.02 -19.99 18.63
C ASP A 142 3.65 -18.61 18.08
N ASP A 143 3.82 -18.42 16.76
CA ASP A 143 3.70 -17.07 16.18
C ASP A 143 2.27 -16.52 16.26
N THR A 144 1.31 -17.44 16.28
CA THR A 144 -0.11 -17.05 16.43
C THR A 144 -0.51 -16.58 17.84
N THR A 145 0.39 -16.75 18.83
CA THR A 145 0.10 -16.36 20.22
C THR A 145 0.92 -15.15 20.64
N ILE A 146 1.55 -14.47 19.67
CA ILE A 146 2.19 -13.18 19.94
C ILE A 146 1.14 -12.09 19.73
N ILE A 147 1.07 -11.15 20.67
CA ILE A 147 0.16 -10.03 20.62
C ILE A 147 0.95 -8.71 20.74
N THR A 148 1.00 -7.94 19.65
CA THR A 148 1.61 -6.61 19.68
C THR A 148 0.55 -5.54 19.87
N LEU A 149 0.84 -4.57 20.74
CA LEU A 149 -0.01 -3.39 20.90
C LEU A 149 0.80 -2.20 20.39
N ALA A 150 0.21 -1.39 19.51
CA ALA A 150 0.97 -0.32 18.82
C ALA A 150 0.14 0.93 18.67
N ASP A 151 0.75 2.07 18.96
CA ASP A 151 0.16 3.37 18.69
C ASP A 151 0.45 3.70 17.25
N TRP A 152 -0.56 4.19 16.54
CA TRP A 152 -0.37 4.57 15.14
C TRP A 152 -0.75 6.03 14.92
N TYR A 153 0.02 6.72 14.07
CA TYR A 153 -0.14 8.17 13.89
C TYR A 153 -0.44 8.50 12.43
N HIS A 154 -1.33 9.44 12.16
CA HIS A 154 -1.56 9.90 10.79
C HIS A 154 -0.55 10.94 10.31
N VAL A 155 0.05 11.61 11.29
CA VAL A 155 1.11 12.60 11.10
C VAL A 155 2.47 11.92 11.16
N LEU A 156 3.24 12.09 10.09
CA LEU A 156 4.63 11.63 10.04
C LEU A 156 5.44 12.08 11.27
N ALA A 157 6.15 11.13 11.89
CA ALA A 157 6.94 11.36 13.11
C ALA A 157 7.78 12.63 13.07
N LYS A 158 8.55 12.80 11.99
CA LYS A 158 9.44 13.96 11.79
CA LYS A 158 9.45 13.96 11.84
C LYS A 158 8.72 15.30 11.92
N GLU A 159 7.42 15.29 11.60
CA GLU A 159 6.58 16.48 11.65
C GLU A 159 5.78 16.66 12.95
N MET A 160 5.89 15.71 13.87
CA MET A 160 5.24 15.85 15.17
C MET A 160 5.87 17.00 15.93
N GLY A 161 5.05 17.88 16.53
CA GLY A 161 5.61 18.99 17.29
C GLY A 161 5.14 19.00 18.73
N ALA A 162 6.01 18.74 19.73
CA ALA A 162 7.43 18.30 19.63
C ALA A 162 8.41 19.05 20.57
N GLY A 163 8.21 18.96 21.88
CA GLY A 163 7.04 18.40 22.48
C GLY A 163 6.68 19.27 23.66
N GLY A 164 5.47 19.83 23.69
CA GLY A 164 4.43 19.53 22.71
C GLY A 164 3.79 18.18 23.01
N ALA A 165 2.51 18.21 23.40
CA ALA A 165 1.77 16.96 23.58
C ALA A 165 1.52 16.34 22.20
N ILE A 166 1.71 15.03 22.09
CA ILE A 166 1.47 14.32 20.86
C ILE A 166 0.54 13.16 21.21
N THR A 167 -0.46 12.91 20.37
CA THR A 167 -1.33 11.76 20.62
C THR A 167 -1.53 10.91 19.37
N ALA A 168 -1.71 9.60 19.55
CA ALA A 168 -1.94 8.67 18.44
C ALA A 168 -3.32 8.88 17.80
N ASP A 169 -3.52 8.31 16.60
CA ASP A 169 -4.79 8.37 15.89
C ASP A 169 -5.48 7.02 15.85
N SER A 170 -4.76 5.96 16.20
CA SER A 170 -5.42 4.72 16.57
C SER A 170 -4.53 3.73 17.29
N THR A 171 -5.18 2.70 17.82
CA THR A 171 -4.49 1.60 18.49
C THR A 171 -4.57 0.41 17.56
N LEU A 172 -3.43 -0.22 17.30
CA LEU A 172 -3.40 -1.39 16.47
C LEU A 172 -3.00 -2.60 17.29
N ILE A 173 -3.79 -3.66 17.20
CA ILE A 173 -3.48 -4.91 17.85
C ILE A 173 -3.13 -5.88 16.73
N ASP A 174 -1.92 -6.44 16.80
CA ASP A 174 -1.35 -7.27 15.75
C ASP A 174 -1.49 -6.56 14.40
N GLY A 175 -1.21 -5.26 14.37
CA GLY A 175 -1.18 -4.52 13.08
C GLY A 175 -2.50 -4.02 12.52
N LEU A 176 -3.59 -4.28 13.22
CA LEU A 176 -4.91 -3.83 12.77
C LEU A 176 -5.68 -3.17 13.91
N GLY A 177 -6.36 -2.11 13.58
CA GLY A 177 -7.17 -1.37 14.54
C GLY A 177 -7.89 -0.22 13.88
N ARG A 178 -8.76 0.45 14.63
CA ARG A 178 -9.61 1.49 14.03
C ARG A 178 -9.26 2.87 14.50
N THR A 179 -9.50 3.87 13.65
CA THR A 179 -9.09 5.23 13.95
C THR A 179 -9.92 5.84 15.10
N HIS A 180 -9.31 6.72 15.91
CA HIS A 180 -9.99 7.29 17.06
C HIS A 180 -11.02 8.31 16.54
N VAL A 181 -10.64 9.06 15.51
CA VAL A 181 -11.59 10.02 14.96
C VAL A 181 -12.24 9.58 13.63
N ASN A 182 -13.56 9.70 13.60
CA ASN A 182 -14.32 9.43 12.38
C ASN A 182 -14.04 8.02 11.99
N VAL A 183 -14.29 7.15 12.96
CA VAL A 183 -14.00 5.73 12.91
C VAL A 183 -14.63 5.00 11.73
N ALA A 184 -13.79 4.51 10.82
CA ALA A 184 -14.23 3.66 9.71
C ALA A 184 -14.21 2.17 10.10
N ALA A 185 -15.14 1.40 9.55
CA ALA A 185 -15.31 -0.02 9.91
C ALA A 185 -14.30 -0.94 9.16
N VAL A 186 -13.04 -0.81 9.54
CA VAL A 186 -11.96 -1.50 8.87
C VAL A 186 -11.67 -2.82 9.58
N PRO A 187 -10.95 -3.74 8.92
CA PRO A 187 -10.78 -5.06 9.56
C PRO A 187 -10.06 -5.02 10.90
N LEU A 188 -10.57 -5.84 11.82
CA LEU A 188 -9.95 -6.00 13.13
C LEU A 188 -9.14 -7.27 13.11
N SER A 189 -8.08 -7.30 13.93
CA SER A 189 -7.35 -8.53 14.16
C SER A 189 -8.19 -9.53 14.93
N VAL A 190 -7.94 -10.82 14.70
CA VAL A 190 -8.58 -11.96 15.38
C VAL A 190 -7.53 -12.86 16.02
N ILE A 191 -7.78 -13.28 17.26
CA ILE A 191 -6.93 -14.29 17.89
C ILE A 191 -7.78 -15.50 18.17
N THR A 192 -7.42 -16.63 17.57
CA THR A 192 -8.30 -17.80 17.59
C THR A 192 -7.85 -18.87 18.61
N VAL A 193 -8.80 -19.41 19.35
CA VAL A 193 -8.50 -20.35 20.42
C VAL A 193 -9.46 -21.52 20.29
N GLU A 194 -9.09 -22.64 20.90
CA GLU A 194 -9.90 -23.86 20.95
C GLU A 194 -10.29 -24.18 22.38
N VAL A 195 -11.59 -24.37 22.61
CA VAL A 195 -12.13 -24.76 23.91
C VAL A 195 -11.20 -25.72 24.65
N GLY A 196 -10.84 -25.38 25.89
CA GLY A 196 -9.99 -26.23 26.76
C GLY A 196 -8.47 -26.22 26.59
N LYS A 197 -7.94 -25.43 25.66
CA LYS A 197 -6.49 -25.32 25.46
C LYS A 197 -5.93 -24.13 26.23
N ARG A 198 -4.68 -24.24 26.64
CA ARG A 198 -4.02 -23.16 27.33
C ARG A 198 -2.96 -22.56 26.38
N TYR A 199 -2.89 -21.24 26.34
CA TYR A 199 -2.00 -20.54 25.42
C TYR A 199 -0.95 -19.70 26.12
N ARG A 200 0.31 -19.81 25.72
CA ARG A 200 1.27 -18.82 26.13
C ARG A 200 1.15 -17.57 25.25
N MET A 201 0.41 -16.57 25.71
CA MET A 201 0.27 -15.30 24.98
C MET A 201 1.41 -14.34 25.31
N ARG A 202 2.10 -13.87 24.26
CA ARG A 202 3.25 -13.01 24.42
C ARG A 202 2.87 -11.57 24.09
N LEU A 203 2.56 -10.81 25.14
CA LEU A 203 2.04 -9.48 25.01
C LEU A 203 3.21 -8.52 24.94
N VAL A 204 3.28 -7.76 23.85
CA VAL A 204 4.43 -6.92 23.57
C VAL A 204 3.98 -5.51 23.29
N SER A 205 4.45 -4.57 24.08
CA SER A 205 4.20 -3.20 23.76
C SER A 205 5.29 -2.72 22.83
N ILE A 206 4.90 -2.38 21.59
CA ILE A 206 5.79 -1.73 20.62
C ILE A 206 5.38 -0.28 20.48
N SER A 207 4.90 0.26 21.59
CA SER A 207 4.43 1.63 21.64
C SER A 207 5.54 2.72 21.61
N CYS A 208 5.30 3.76 20.82
CA CYS A 208 6.11 4.99 20.89
C CYS A 208 5.73 5.91 22.05
N ASP A 209 4.61 5.63 22.69
CA ASP A 209 4.16 6.52 23.77
C ASP A 209 3.16 5.89 24.78
N PRO A 210 1.90 5.67 24.39
CA PRO A 210 0.92 5.36 25.45
C PRO A 210 1.09 4.01 26.14
N ASN A 211 0.66 3.95 27.40
CA ASN A 211 0.54 2.68 28.10
C ASN A 211 -0.88 2.18 27.86
N TYR A 212 -1.11 0.88 27.96
CA TYR A 212 -2.40 0.29 27.66
C TYR A 212 -2.95 -0.49 28.85
N ASP A 213 -4.25 -0.32 29.11
CA ASP A 213 -4.97 -1.21 30.03
C ASP A 213 -5.49 -2.36 29.20
N PHE A 214 -4.86 -3.51 29.37
CA PHE A 214 -5.14 -4.66 28.52
C PHE A 214 -5.96 -5.71 29.24
N SER A 215 -7.01 -6.19 28.61
CA SER A 215 -7.87 -7.24 29.20
C SER A 215 -8.61 -8.00 28.11
N ILE A 216 -9.12 -9.17 28.46
CA ILE A 216 -9.88 -9.99 27.54
C ILE A 216 -11.21 -10.34 28.22
N ASP A 217 -12.33 -9.90 27.63
CA ASP A 217 -13.66 -10.15 28.22
C ASP A 217 -13.85 -11.64 28.55
N GLY A 218 -14.45 -11.90 29.71
CA GLY A 218 -14.72 -13.27 30.14
C GLY A 218 -13.55 -14.07 30.64
N HIS A 219 -12.32 -13.55 30.47
CA HIS A 219 -11.11 -14.34 30.68
C HIS A 219 -10.14 -13.74 31.69
N ASP A 220 -9.43 -14.65 32.38
CA ASP A 220 -8.30 -14.38 33.30
C ASP A 220 -7.01 -14.37 32.50
N MET A 221 -5.91 -13.95 33.11
CA MET A 221 -4.58 -14.02 32.50
C MET A 221 -3.55 -14.34 33.57
N THR A 222 -2.81 -15.42 33.40
CA THR A 222 -1.76 -15.78 34.35
C THR A 222 -0.37 -15.46 33.85
N ILE A 223 0.16 -14.34 34.34
CA ILE A 223 1.47 -13.83 34.00
C ILE A 223 2.55 -14.81 34.49
N ILE A 224 3.51 -15.13 33.61
CA ILE A 224 4.59 -16.09 33.86
C ILE A 224 5.96 -15.54 33.42
N GLU A 225 5.98 -14.34 32.84
CA GLU A 225 7.20 -13.75 32.27
C GLU A 225 7.06 -12.24 32.19
N THR A 226 8.08 -11.51 32.61
CA THR A 226 8.05 -10.06 32.54
C THR A 226 9.36 -9.47 32.00
N ASP A 227 9.24 -8.75 30.87
CA ASP A 227 10.40 -8.22 30.16
C ASP A 227 11.58 -9.23 30.05
N GLY A 228 11.29 -10.50 29.78
CA GLY A 228 12.33 -11.51 29.60
C GLY A 228 12.60 -12.35 30.83
N VAL A 229 12.06 -11.93 31.96
CA VAL A 229 12.37 -12.62 33.22
C VAL A 229 11.22 -13.50 33.68
N ASP A 230 11.47 -14.80 33.78
CA ASP A 230 10.47 -15.74 34.28
C ASP A 230 9.96 -15.33 35.63
N SER A 231 8.65 -15.30 35.77
CA SER A 231 8.00 -14.85 36.99
C SER A 231 7.16 -15.99 37.63
N GLN A 232 6.93 -15.91 38.93
CA GLN A 232 5.96 -16.80 39.54
C GLN A 232 4.59 -16.48 38.92
N GLU A 233 3.71 -17.49 38.87
CA GLU A 233 2.36 -17.37 38.31
C GLU A 233 1.54 -16.29 39.00
N LEU A 234 1.02 -15.34 38.22
CA LEU A 234 0.22 -14.29 38.78
C LEU A 234 -1.02 -14.05 37.94
N THR A 235 -2.18 -14.40 38.51
CA THR A 235 -3.44 -14.26 37.80
C THR A 235 -4.03 -12.85 38.02
N VAL A 236 -4.28 -12.19 36.91
CA VAL A 236 -4.84 -10.85 36.86
C VAL A 236 -5.99 -10.83 35.85
N ASP A 237 -6.83 -9.82 35.93
CA ASP A 237 -7.90 -9.66 34.95
C ASP A 237 -7.69 -8.39 34.08
N GLU A 238 -6.64 -7.64 34.41
CA GLU A 238 -6.22 -6.48 33.63
C GLU A 238 -4.71 -6.30 33.72
N ILE A 239 -4.09 -5.77 32.66
CA ILE A 239 -2.67 -5.50 32.61
C ILE A 239 -2.38 -4.09 32.07
N GLN A 240 -1.87 -3.23 32.94
CA GLN A 240 -1.36 -1.97 32.45
C GLN A 240 0.05 -2.29 31.97
N ILE A 241 0.29 -2.02 30.69
CA ILE A 241 1.56 -2.37 30.03
C ILE A 241 2.11 -1.10 29.43
N PHE A 242 3.29 -0.73 29.90
CA PHE A 242 3.86 0.55 29.51
C PHE A 242 4.71 0.29 28.25
N ALA A 243 5.10 1.36 27.57
CA ALA A 243 5.80 1.27 26.30
C ALA A 243 7.08 0.47 26.47
N ALA A 244 7.30 -0.46 25.54
CA ALA A 244 8.45 -1.35 25.49
C ALA A 244 8.43 -2.53 26.52
N GLN A 245 7.45 -2.59 27.42
CA GLN A 245 7.35 -3.75 28.35
C GLN A 245 6.80 -5.02 27.68
N ARG A 246 7.12 -6.20 28.22
CA ARG A 246 6.53 -7.45 27.70
C ARG A 246 6.04 -8.33 28.82
N TYR A 247 4.97 -9.07 28.56
CA TYR A 247 4.48 -10.09 29.48
C TYR A 247 4.10 -11.32 28.69
N SER A 248 4.46 -12.50 29.20
CA SER A 248 3.83 -13.72 28.75
C SER A 248 2.77 -14.03 29.79
N PHE A 249 1.57 -14.32 29.31
CA PHE A 249 0.51 -14.82 30.17
C PHE A 249 -0.17 -16.03 29.57
N VAL A 250 -0.54 -16.98 30.44
CA VAL A 250 -1.34 -18.14 30.05
C VAL A 250 -2.80 -17.71 29.99
N LEU A 251 -3.40 -18.00 28.84
CA LEU A 251 -4.80 -17.83 28.63
C LEU A 251 -5.38 -19.23 28.52
N ASN A 252 -6.25 -19.55 29.47
CA ASN A 252 -6.97 -20.79 29.49
C ASN A 252 -8.29 -20.54 28.76
N ALA A 253 -8.46 -21.20 27.62
CA ALA A 253 -9.65 -21.03 26.81
C ALA A 253 -10.82 -21.84 27.41
N ASN A 254 -11.38 -21.33 28.50
CA ASN A 254 -12.32 -22.09 29.36
C ASN A 254 -13.75 -21.54 29.33
N GLN A 255 -13.97 -20.53 28.49
CA GLN A 255 -15.31 -19.93 28.35
C GLN A 255 -16.12 -20.60 27.22
N PRO A 256 -17.43 -20.28 27.12
CA PRO A 256 -18.20 -20.93 26.07
C PRO A 256 -17.73 -20.50 24.70
N VAL A 257 -17.83 -21.39 23.73
CA VAL A 257 -17.45 -21.06 22.37
C VAL A 257 -18.17 -19.77 21.97
N GLY A 258 -17.43 -18.76 21.52
CA GLY A 258 -18.03 -17.48 21.12
C GLY A 258 -17.03 -16.41 20.74
N ASN A 259 -17.49 -15.17 20.69
CA ASN A 259 -16.64 -14.01 20.40
C ASN A 259 -16.53 -13.10 21.61
N TYR A 260 -15.28 -12.78 21.97
CA TYR A 260 -15.00 -11.96 23.13
C TYR A 260 -14.05 -10.83 22.73
N TRP A 261 -14.37 -9.59 23.10
CA TRP A 261 -13.49 -8.46 22.80
C TRP A 261 -12.15 -8.59 23.54
N ILE A 262 -11.08 -8.23 22.83
CA ILE A 262 -9.79 -7.97 23.44
C ILE A 262 -9.67 -6.47 23.52
N ARG A 263 -9.40 -5.92 24.71
CA ARG A 263 -9.40 -4.47 24.92
C ARG A 263 -7.99 -3.97 25.25
N ALA A 264 -7.57 -2.86 24.60
CA ALA A 264 -6.35 -2.19 24.99
C ALA A 264 -6.57 -0.68 25.06
N ASN A 265 -6.92 -0.17 26.25
CA ASN A 265 -7.19 1.27 26.38
C ASN A 265 -5.91 2.00 26.69
N PRO A 266 -5.51 2.90 25.77
CA PRO A 266 -4.39 3.80 25.91
C PRO A 266 -4.68 4.91 26.92
N ASN A 267 -3.62 5.46 27.52
CA ASN A 267 -3.79 6.52 28.51
C ASN A 267 -4.01 7.90 27.86
N SER A 268 -3.76 8.01 26.55
CA SER A 268 -4.14 9.18 25.79
C SER A 268 -4.74 8.73 24.47
N GLY A 269 -5.27 9.68 23.71
CA GLY A 269 -5.94 9.35 22.44
C GLY A 269 -7.39 8.97 22.72
N GLY A 270 -7.94 8.06 21.90
CA GLY A 270 -9.35 7.70 22.01
C GLY A 270 -9.71 6.92 23.25
N GLU A 271 -10.73 7.36 23.97
CA GLU A 271 -11.17 6.65 25.16
C GLU A 271 -12.39 5.72 24.90
N GLY A 272 -12.36 4.52 25.47
CA GLY A 272 -13.48 3.59 25.28
C GLY A 272 -13.31 2.78 24.01
N PHE A 273 -14.41 2.16 23.57
CA PHE A 273 -14.36 1.08 22.60
C PHE A 273 -15.45 1.21 21.51
N ASP A 274 -16.05 2.40 21.41
CA ASP A 274 -17.09 2.69 20.44
C ASP A 274 -16.65 2.39 19.02
N GLY A 275 -17.50 1.66 18.28
CA GLY A 275 -17.23 1.27 16.89
C GLY A 275 -16.07 0.30 16.72
N GLY A 276 -15.55 -0.20 17.82
CA GLY A 276 -14.46 -1.15 17.77
C GLY A 276 -13.04 -0.59 17.83
N ILE A 277 -12.88 0.68 18.19
CA ILE A 277 -11.56 1.19 18.55
C ILE A 277 -11.02 0.45 19.79
N ASN A 278 -9.69 0.45 19.95
CA ASN A 278 -8.96 -0.16 21.04
C ASN A 278 -9.23 -1.65 21.24
N SER A 279 -9.54 -2.32 20.14
CA SER A 279 -10.13 -3.63 20.18
C SER A 279 -9.55 -4.62 19.16
N ALA A 280 -9.60 -5.89 19.53
CA ALA A 280 -9.41 -6.98 18.61
C ALA A 280 -10.37 -8.07 19.10
N ILE A 281 -10.41 -9.21 18.41
CA ILE A 281 -11.40 -10.24 18.66
C ILE A 281 -10.79 -11.56 19.10
N LEU A 282 -11.17 -12.04 20.30
CA LEU A 282 -10.88 -13.42 20.67
C LEU A 282 -12.00 -14.32 20.16
N ARG A 283 -11.74 -15.12 19.14
CA ARG A 283 -12.72 -16.03 18.58
C ARG A 283 -12.43 -17.51 18.94
N TYR A 284 -13.42 -18.21 19.49
CA TYR A 284 -13.29 -19.69 19.64
C TYR A 284 -13.61 -20.41 18.34
N ASP A 285 -12.82 -21.43 17.99
CA ASP A 285 -13.19 -22.30 16.87
C ASP A 285 -14.60 -22.85 17.17
N GLY A 286 -15.52 -22.69 16.21
CA GLY A 286 -16.90 -23.08 16.37
C GLY A 286 -17.84 -21.91 16.55
N ALA A 287 -17.30 -20.75 16.93
CA ALA A 287 -18.14 -19.54 17.07
C ALA A 287 -18.59 -19.07 15.69
N THR A 288 -19.68 -18.31 15.66
CA THR A 288 -20.08 -17.62 14.44
C THR A 288 -19.07 -16.53 14.19
N THR A 289 -18.85 -16.21 12.91
CA THR A 289 -18.01 -15.10 12.55
C THR A 289 -18.85 -13.85 12.65
N ALA A 290 -18.78 -13.20 13.82
CA ALA A 290 -19.41 -11.90 14.08
C ALA A 290 -18.62 -11.15 15.13
N ASP A 291 -18.89 -9.86 15.25
CA ASP A 291 -18.28 -9.02 16.27
C ASP A 291 -18.73 -9.48 17.63
N PRO A 292 -17.81 -9.49 18.62
CA PRO A 292 -18.23 -9.79 19.98
C PRO A 292 -19.29 -8.78 20.43
N VAL A 293 -20.15 -9.20 21.34
CA VAL A 293 -21.07 -8.27 22.00
C VAL A 293 -20.81 -8.27 23.49
N THR A 294 -19.63 -8.73 23.87
CA THR A 294 -19.29 -8.88 25.27
C THR A 294 -19.01 -7.53 25.93
N VAL A 295 -18.97 -7.54 27.26
CA VAL A 295 -18.67 -6.32 28.03
C VAL A 295 -17.55 -6.61 29.01
N ALA A 296 -16.73 -5.60 29.25
CA ALA A 296 -15.71 -5.66 30.29
C ALA A 296 -16.41 -5.72 31.64
N SER A 297 -15.76 -6.28 32.64
CA SER A 297 -16.27 -6.16 34.00
C SER A 297 -16.32 -4.66 34.38
N THR A 298 -17.37 -4.25 35.09
CA THR A 298 -17.52 -2.85 35.54
C THR A 298 -16.34 -2.46 36.39
N VAL A 299 -15.90 -3.40 37.22
CA VAL A 299 -14.66 -3.17 37.92
C VAL A 299 -13.78 -4.43 37.90
N HIS A 300 -12.51 -4.22 37.54
CA HIS A 300 -11.54 -5.30 37.42
C HIS A 300 -11.07 -5.57 38.83
N THR A 301 -11.16 -6.82 39.26
CA THR A 301 -10.92 -7.09 40.67
C THR A 301 -9.49 -7.55 40.99
N LYS A 302 -8.71 -7.84 39.96
CA LYS A 302 -7.35 -8.35 40.14
C LYS A 302 -6.42 -7.79 39.07
N CYS A 303 -6.37 -6.47 38.95
CA CYS A 303 -5.49 -5.89 37.97
C CYS A 303 -4.06 -6.05 38.44
N LEU A 304 -3.14 -6.06 37.48
CA LEU A 304 -1.71 -6.14 37.78
C LEU A 304 -1.20 -4.99 38.67
N ILE A 305 -0.53 -5.38 39.75
CA ILE A 305 0.26 -4.47 40.57
C ILE A 305 1.69 -4.97 40.49
N GLU A 306 2.63 -4.12 40.08
CA GLU A 306 4.03 -4.55 39.82
C GLU A 306 4.68 -5.22 41.02
N THR A 307 4.38 -4.68 42.20
CA THR A 307 4.82 -5.22 43.48
C THR A 307 4.34 -6.65 43.80
N ASP A 308 3.31 -7.14 43.08
CA ASP A 308 2.86 -8.54 43.25
C ASP A 308 3.66 -9.56 42.43
N LEU A 309 4.53 -9.08 41.54
CA LEU A 309 5.39 -9.96 40.74
C LEU A 309 6.66 -10.35 41.47
N HIS A 310 7.06 -11.61 41.27
CA HIS A 310 8.30 -12.12 41.82
C HIS A 310 8.95 -13.03 40.80
N PRO A 311 10.29 -12.91 40.66
CA PRO A 311 11.01 -13.81 39.79
C PRO A 311 10.80 -15.26 40.18
N LEU A 312 10.77 -16.11 39.18
CA LEU A 312 10.71 -17.55 39.40
C LEU A 312 12.06 -18.09 39.91
N SER A 313 13.14 -17.51 39.38
CA SER A 313 14.48 -17.82 39.86
C SER A 313 14.76 -17.01 41.13
N ARG A 314 15.76 -17.47 41.89
CA ARG A 314 16.13 -16.80 43.13
C ARG A 314 17.06 -15.62 42.84
N ASN A 315 16.57 -14.67 42.05
CA ASN A 315 17.37 -13.52 41.66
C ASN A 315 17.84 -12.68 42.85
N GLY A 316 16.93 -12.49 43.82
CA GLY A 316 17.18 -11.63 44.97
C GLY A 316 17.42 -10.21 44.52
N VAL A 317 18.26 -9.50 45.26
CA VAL A 317 18.58 -8.10 44.99
C VAL A 317 20.02 -7.87 45.40
N PRO A 318 20.84 -7.31 44.50
CA PRO A 318 22.21 -7.02 44.85
C PRO A 318 22.33 -5.88 45.88
N GLY A 319 23.40 -5.93 46.68
CA GLY A 319 23.72 -4.86 47.61
C GLY A 319 23.13 -4.99 49.01
N ASN A 320 22.89 -3.84 49.63
CA ASN A 320 22.40 -3.76 51.01
C ASN A 320 20.94 -3.31 51.08
N PRO A 321 20.20 -3.83 52.08
CA PRO A 321 18.76 -3.53 52.21
C PRO A 321 18.40 -2.18 52.86
N HIS A 322 18.87 -1.08 52.26
CA HIS A 322 18.48 0.30 52.66
C HIS A 322 18.83 1.24 51.51
N GLN A 323 18.17 2.39 51.39
CA GLN A 323 18.48 3.27 50.23
C GLN A 323 19.91 3.83 50.21
N GLY A 324 20.62 3.53 49.15
CA GLY A 324 22.05 3.85 49.08
C GLY A 324 22.88 2.63 49.37
N GLY A 325 22.21 1.50 49.65
CA GLY A 325 22.88 0.22 49.93
C GLY A 325 23.60 -0.39 48.74
N ALA A 326 24.32 0.45 48.00
CA ALA A 326 25.06 0.05 46.81
C ALA A 326 26.45 0.70 46.77
N ASP A 327 27.34 0.13 45.98
CA ASP A 327 28.67 0.70 45.76
C ASP A 327 28.56 2.06 45.08
N CYS A 328 27.74 2.16 44.03
CA CYS A 328 27.56 3.45 43.37
CA CYS A 328 27.56 3.44 43.36
C CYS A 328 26.09 3.77 43.22
N ASN A 329 25.62 4.65 44.08
CA ASN A 329 24.22 4.99 44.17
C ASN A 329 23.97 6.33 43.54
N LEU A 330 22.91 6.38 42.75
CA LEU A 330 22.63 7.57 42.00
C LEU A 330 21.23 7.97 42.33
N ASN A 331 20.98 9.26 42.17
CA ASN A 331 19.68 9.82 42.30
C ASN A 331 19.59 10.81 41.17
N LEU A 332 18.74 10.52 40.20
CA LEU A 332 18.67 11.33 38.98
C LEU A 332 17.64 12.44 39.10
N SER A 333 18.03 13.66 38.73
CA SER A 333 17.09 14.76 38.66
C SER A 333 16.51 14.81 37.23
N LEU A 334 15.25 14.41 37.16
CA LEU A 334 14.50 14.29 35.91
C LEU A 334 13.55 15.46 35.80
N GLY A 335 13.79 16.33 34.82
CA GLY A 335 13.02 17.55 34.68
C GLY A 335 12.43 17.69 33.30
N PHE A 336 11.52 18.66 33.16
CA PHE A 336 11.01 19.12 31.87
C PHE A 336 10.75 20.61 32.00
N ALA A 337 11.11 21.35 30.95
CA ALA A 337 10.89 22.77 30.89
C ALA A 337 11.04 23.22 29.46
N CYS A 338 10.13 24.07 29.02
CA CYS A 338 10.21 24.70 27.69
C CYS A 338 10.39 23.70 26.54
N GLY A 339 9.60 22.64 26.54
CA GLY A 339 9.62 21.66 25.45
C GLY A 339 10.78 20.66 25.42
N ASN A 340 11.62 20.66 26.45
CA ASN A 340 12.75 19.71 26.55
C ASN A 340 12.88 19.05 27.92
N PHE A 341 13.34 17.80 27.90
CA PHE A 341 13.57 17.02 29.11
C PHE A 341 15.03 17.03 29.49
N VAL A 342 15.32 16.94 30.77
CA VAL A 342 16.70 16.99 31.23
C VAL A 342 16.96 15.90 32.23
N ILE A 343 18.19 15.39 32.22
CA ILE A 343 18.63 14.50 33.25
C ILE A 343 19.82 15.20 33.90
N ASN A 344 19.71 15.46 35.21
CA ASN A 344 20.70 16.28 35.94
C ASN A 344 21.03 17.56 35.19
N GLY A 345 19.97 18.27 34.79
CA GLY A 345 20.07 19.55 34.10
C GLY A 345 20.49 19.54 32.65
N VAL A 346 20.81 18.36 32.11
CA VAL A 346 21.25 18.30 30.72
C VAL A 346 20.23 17.59 29.83
N SER A 347 19.80 18.27 28.77
CA SER A 347 18.98 17.65 27.74
C SER A 347 19.94 16.86 26.83
N PHE A 348 19.59 15.63 26.51
CA PHE A 348 20.42 14.83 25.62
C PHE A 348 20.28 15.33 24.18
N THR A 349 21.41 15.60 23.55
CA THR A 349 21.43 15.83 22.10
C THR A 349 22.59 15.05 21.49
N PRO A 350 22.30 14.19 20.49
CA PRO A 350 23.25 13.18 20.03
C PRO A 350 24.55 13.82 19.56
N PRO A 351 25.69 13.25 19.97
CA PRO A 351 27.00 13.75 19.56
C PRO A 351 27.28 13.40 18.10
N THR A 352 28.16 14.17 17.45
CA THR A 352 28.61 13.86 16.09
C THR A 352 29.31 12.51 16.02
N VAL A 353 30.23 12.26 16.94
CA VAL A 353 30.92 10.97 16.97
C VAL A 353 30.21 10.10 18.00
N PRO A 354 29.81 8.87 17.62
CA PRO A 354 29.15 7.96 18.58
C PRO A 354 29.96 7.86 19.86
N VAL A 355 29.28 7.74 20.99
CA VAL A 355 29.98 7.53 22.27
C VAL A 355 31.00 6.35 22.17
N LEU A 356 30.62 5.23 21.58
CA LEU A 356 31.53 4.05 21.54
C LEU A 356 32.79 4.31 20.71
N LEU A 357 32.64 4.95 19.55
CA LEU A 357 33.79 5.38 18.75
C LEU A 357 34.71 6.34 19.53
N GLN A 358 34.11 7.31 20.23
CA GLN A 358 34.86 8.23 21.08
C GLN A 358 35.79 7.50 22.04
N ILE A 359 35.27 6.43 22.64
CA ILE A 359 36.03 5.63 23.61
C ILE A 359 37.13 4.85 22.89
N CYS A 360 36.76 4.22 21.77
CA CYS A 360 37.69 3.44 20.96
C CYS A 360 38.81 4.29 20.38
N SER A 361 38.50 5.57 20.14
CA SER A 361 39.49 6.57 19.68
C SER A 361 40.46 6.99 20.80
N GLY A 362 40.19 6.56 22.03
CA GLY A 362 41.06 6.86 23.16
C GLY A 362 40.50 7.64 24.35
N ALA A 363 39.23 8.03 24.33
CA ALA A 363 38.62 8.65 25.51
C ALA A 363 38.60 7.69 26.70
N ASN A 364 38.87 8.22 27.89
CA ASN A 364 39.03 7.40 29.11
C ASN A 364 38.04 7.69 30.24
N THR A 365 37.41 8.85 30.20
CA THR A 365 36.55 9.26 31.29
C THR A 365 35.29 9.88 30.73
N ALA A 366 34.27 9.94 31.58
CA ALA A 366 33.05 10.63 31.24
C ALA A 366 33.36 12.08 30.89
N ALA A 367 34.31 12.69 31.61
CA ALA A 367 34.75 14.07 31.33
C ALA A 367 35.31 14.22 29.90
N ASP A 368 36.01 13.19 29.43
CA ASP A 368 36.53 13.15 28.06
C ASP A 368 35.48 12.98 26.96
N LEU A 369 34.24 12.69 27.32
CA LEU A 369 33.23 12.20 26.37
C LEU A 369 32.14 13.21 26.08
N LEU A 370 31.75 13.28 24.81
CA LEU A 370 30.63 14.11 24.41
C LEU A 370 29.36 13.24 24.25
N PRO A 371 28.17 13.83 24.45
CA PRO A 371 27.96 15.25 24.75
C PRO A 371 28.34 15.54 26.19
N SER A 372 28.78 16.76 26.47
CA SER A 372 29.14 17.14 27.82
C SER A 372 27.91 17.11 28.73
N GLY A 373 28.09 16.54 29.91
CA GLY A 373 27.02 16.47 30.89
C GLY A 373 26.00 15.37 30.63
N SER A 374 26.26 14.52 29.62
CA SER A 374 25.26 13.52 29.20
C SER A 374 25.78 12.10 29.41
N VAL A 375 26.91 11.98 30.12
CA VAL A 375 27.58 10.72 30.32
C VAL A 375 28.01 10.58 31.78
N ILE A 376 27.70 9.43 32.36
CA ILE A 376 28.05 9.13 33.74
C ILE A 376 28.79 7.82 33.67
N SER A 377 30.06 7.84 34.08
CA SER A 377 30.85 6.63 34.05
C SER A 377 30.48 5.70 35.22
N LEU A 378 30.53 4.40 35.01
CA LEU A 378 30.33 3.45 36.10
C LEU A 378 31.57 2.58 36.17
N PRO A 379 32.02 2.24 37.40
CA PRO A 379 33.13 1.33 37.56
C PRO A 379 32.64 -0.08 37.40
N SER A 380 33.55 -1.00 37.13
CA SER A 380 33.22 -2.40 36.88
C SER A 380 32.85 -3.19 38.15
N ASN A 381 32.23 -4.35 37.97
CA ASN A 381 31.81 -5.24 39.07
C ASN A 381 31.30 -4.58 40.37
N SER A 382 30.41 -3.61 40.18
CA SER A 382 29.87 -2.81 41.27
C SER A 382 28.35 -2.85 41.28
N THR A 383 27.76 -2.73 42.47
CA THR A 383 26.30 -2.64 42.60
C THR A 383 25.88 -1.20 42.38
N ILE A 384 25.06 -0.98 41.35
CA ILE A 384 24.55 0.36 41.06
C ILE A 384 23.15 0.49 41.61
N GLU A 385 22.82 1.67 42.10
CA GLU A 385 21.44 1.94 42.45
C GLU A 385 21.02 3.19 41.73
N ILE A 386 19.88 3.15 41.08
CA ILE A 386 19.38 4.36 40.43
C ILE A 386 17.97 4.69 40.88
N ALA A 387 17.85 5.73 41.71
CA ALA A 387 16.55 6.29 42.05
C ALA A 387 16.18 7.25 40.95
N LEU A 388 14.91 7.21 40.57
CA LEU A 388 14.37 7.96 39.44
C LEU A 388 13.02 8.59 39.84
N PRO A 389 13.05 9.53 40.81
CA PRO A 389 11.86 10.28 41.28
C PRO A 389 11.12 11.00 40.17
N ALA A 390 9.83 10.68 40.06
CA ALA A 390 8.96 11.31 39.08
C ALA A 390 8.53 12.73 39.46
N GLY A 391 7.82 13.37 38.53
CA GLY A 391 7.39 14.74 38.68
C GLY A 391 7.41 15.43 37.33
N ALA A 392 8.39 15.09 36.49
CA ALA A 392 8.52 15.76 35.18
C ALA A 392 7.29 15.54 34.29
N ALA A 393 6.84 16.63 33.65
CA ALA A 393 5.71 16.65 32.74
C ALA A 393 5.40 15.30 32.07
N GLY A 394 4.19 14.82 32.35
CA GLY A 394 3.65 13.54 31.91
C GLY A 394 4.41 12.62 31.00
N GLY A 395 4.69 11.41 31.45
CA GLY A 395 4.27 10.95 32.76
C GLY A 395 2.97 10.19 32.64
N PRO A 396 2.94 8.92 33.06
CA PRO A 396 4.05 8.22 33.70
C PRO A 396 5.11 7.74 32.70
N HIS A 397 6.38 7.92 33.07
CA HIS A 397 7.48 7.67 32.15
C HIS A 397 8.05 6.27 32.34
N PRO A 398 8.09 5.48 31.25
CA PRO A 398 8.71 4.19 31.30
C PRO A 398 10.23 4.26 31.00
N PHE A 399 11.04 4.20 32.05
CA PHE A 399 12.50 4.21 31.87
C PHE A 399 13.11 2.86 31.50
N HIS A 400 14.00 2.91 30.53
CA HIS A 400 14.66 1.71 30.05
C HIS A 400 16.17 1.89 30.08
N LEU A 401 16.86 0.83 30.49
CA LEU A 401 18.31 0.75 30.48
C LEU A 401 18.76 -0.36 29.47
N HIS A 402 19.65 0.00 28.53
CA HIS A 402 20.23 -0.96 27.57
C HIS A 402 21.28 -1.81 28.24
N GLY A 403 21.54 -2.98 27.71
CA GLY A 403 22.66 -3.82 28.18
C GLY A 403 22.46 -4.50 29.52
N HIS A 404 21.27 -4.34 30.10
CA HIS A 404 20.98 -4.78 31.46
C HIS A 404 19.50 -4.96 31.66
N ASP A 405 19.13 -5.92 32.50
CA ASP A 405 17.86 -5.82 33.18
C ASP A 405 18.14 -5.37 34.63
N PHE A 406 17.11 -5.29 35.48
CA PHE A 406 17.33 -4.73 36.82
C PHE A 406 16.22 -5.04 37.82
N ALA A 407 16.61 -5.24 39.07
CA ALA A 407 15.65 -5.36 40.16
C ALA A 407 14.93 -4.03 40.36
N VAL A 408 13.60 -4.08 40.39
CA VAL A 408 12.81 -2.90 40.70
C VAL A 408 12.65 -2.87 42.21
N SER A 409 13.53 -2.16 42.91
CA SER A 409 13.51 -2.16 44.35
C SER A 409 12.30 -1.41 44.86
N GLU A 410 11.86 -0.39 44.11
CA GLU A 410 10.63 0.33 44.44
C GLU A 410 9.85 0.66 43.18
N SER A 411 8.57 0.28 43.17
CA SER A 411 7.63 0.55 42.07
C SER A 411 6.82 1.86 42.19
N ALA A 412 6.07 2.17 41.14
CA ALA A 412 5.13 3.28 41.11
C ALA A 412 4.03 3.15 42.16
N SER A 413 3.52 4.30 42.63
CA SER A 413 2.38 4.41 43.58
C SER A 413 2.53 3.64 44.86
N ASN A 414 3.78 3.48 45.30
CA ASN A 414 4.08 2.63 46.44
C ASN A 414 5.47 2.91 46.98
N SER A 415 5.50 3.53 48.15
CA SER A 415 6.74 4.07 48.66
C SER A 415 7.55 3.06 49.47
N THR A 416 7.06 1.81 49.52
CA THR A 416 7.76 0.75 50.26
C THR A 416 8.76 -0.02 49.38
N SER A 417 10.04 0.08 49.71
CA SER A 417 11.07 -0.64 48.97
C SER A 417 10.99 -2.18 49.17
N ASN A 418 11.47 -2.93 48.18
CA ASN A 418 11.56 -4.38 48.30
C ASN A 418 12.97 -4.82 48.01
N TYR A 419 13.66 -5.30 49.04
CA TYR A 419 15.04 -5.76 48.92
C TYR A 419 15.16 -7.27 49.06
N ASP A 420 14.03 -7.98 49.02
CA ASP A 420 14.02 -9.43 49.18
C ASP A 420 13.81 -10.16 47.85
N ASP A 421 12.63 -9.97 47.24
CA ASP A 421 12.23 -10.71 46.04
C ASP A 421 11.44 -9.89 45.00
N PRO A 422 11.83 -8.63 44.73
CA PRO A 422 11.16 -7.86 43.69
C PRO A 422 11.43 -8.41 42.30
N ILE A 423 10.49 -8.16 41.39
CA ILE A 423 10.61 -8.58 40.01
C ILE A 423 11.82 -7.91 39.36
N TRP A 424 12.46 -8.59 38.41
CA TRP A 424 13.46 -7.92 37.57
C TRP A 424 12.86 -7.67 36.18
N ARG A 425 13.29 -6.59 35.54
CA ARG A 425 12.77 -6.23 34.21
C ARG A 425 13.72 -5.24 33.51
N ASP A 426 13.36 -4.76 32.31
CA ASP A 426 14.24 -3.79 31.62
C ASP A 426 13.60 -2.44 31.36
N VAL A 427 12.28 -2.36 31.55
CA VAL A 427 11.55 -1.09 31.35
C VAL A 427 10.55 -0.90 32.49
N VAL A 428 10.65 0.22 33.20
CA VAL A 428 9.83 0.40 34.40
C VAL A 428 9.16 1.76 34.40
N SER A 429 7.86 1.79 34.70
CA SER A 429 7.17 3.05 34.97
C SER A 429 7.74 3.68 36.24
N ILE A 430 8.13 4.95 36.17
CA ILE A 430 8.60 5.65 37.37
C ILE A 430 7.45 6.37 38.10
N GLY A 431 6.21 6.05 37.71
CA GLY A 431 5.03 6.51 38.41
C GLY A 431 4.72 7.98 38.35
N GLY A 432 4.35 8.52 39.50
CA GLY A 432 3.75 9.86 39.59
C GLY A 432 4.46 10.72 40.61
N VAL A 433 4.11 12.02 40.63
CA VAL A 433 4.82 13.00 41.47
C VAL A 433 4.84 12.50 42.91
N GLY A 434 6.03 12.49 43.51
CA GLY A 434 6.20 12.00 44.87
C GLY A 434 6.69 10.57 44.91
N ASP A 435 6.63 9.86 43.77
CA ASP A 435 7.14 8.48 43.76
C ASP A 435 8.67 8.46 43.79
N ASN A 436 9.23 7.29 44.04
CA ASN A 436 10.65 7.16 44.01
C ASN A 436 11.10 5.79 43.49
N VAL A 437 10.67 5.49 42.27
CA VAL A 437 11.02 4.23 41.64
C VAL A 437 12.53 4.04 41.61
N THR A 438 12.97 2.88 42.06
CA THR A 438 14.38 2.68 42.24
C THR A 438 14.76 1.34 41.70
N ILE A 439 15.87 1.31 40.99
CA ILE A 439 16.38 0.08 40.37
C ILE A 439 17.80 -0.21 40.82
N ARG A 440 18.18 -1.48 40.73
CA ARG A 440 19.53 -1.91 41.06
C ARG A 440 20.01 -2.96 40.07
N PHE A 441 21.26 -2.82 39.65
CA PHE A 441 21.94 -3.83 38.85
C PHE A 441 23.43 -3.91 39.21
N CYS A 442 24.10 -4.94 38.69
CA CYS A 442 25.55 -5.01 38.73
C CYS A 442 26.21 -4.69 37.38
N THR A 443 27.38 -4.06 37.44
CA THR A 443 28.10 -3.68 36.23
C THR A 443 28.99 -4.82 35.74
N ASP A 444 28.36 -5.71 34.99
CA ASP A 444 29.12 -6.86 34.46
CA ASP A 444 28.96 -6.93 34.45
C ASP A 444 29.17 -6.83 32.93
N ASN A 445 28.99 -5.64 32.37
CA ASN A 445 28.91 -5.50 30.91
C ASN A 445 29.55 -4.18 30.40
N PRO A 446 30.89 -4.17 30.18
CA PRO A 446 31.53 -2.91 29.77
C PRO A 446 31.01 -2.45 28.42
N GLY A 447 30.77 -1.15 28.28
CA GLY A 447 30.18 -0.55 27.08
C GLY A 447 29.37 0.70 27.44
N PRO A 448 29.14 1.59 26.44
CA PRO A 448 28.25 2.71 26.70
C PRO A 448 26.78 2.32 26.58
N TRP A 449 26.03 2.40 27.69
CA TRP A 449 24.63 1.93 27.71
C TRP A 449 23.65 3.05 27.87
N PHE A 450 22.69 3.12 26.96
CA PHE A 450 21.63 4.16 26.97
C PHE A 450 20.61 3.96 28.12
N LEU A 451 20.34 5.04 28.86
CA LEU A 451 19.24 5.08 29.82
C LEU A 451 18.34 6.21 29.38
N HIS A 452 17.10 5.88 29.05
CA HIS A 452 16.14 6.87 28.55
C HIS A 452 14.71 6.49 28.78
N CYS A 453 13.84 7.51 28.74
CA CYS A 453 12.40 7.28 28.71
C CYS A 453 12.08 6.59 27.39
N HIS A 454 11.27 5.53 27.46
CA HIS A 454 10.87 4.89 26.22
C HIS A 454 9.69 5.57 25.53
N ILE A 455 9.24 6.74 25.99
CA ILE A 455 8.35 7.55 25.14
C ILE A 455 9.23 8.23 24.10
N ASP A 456 9.09 7.82 22.84
CA ASP A 456 10.07 8.18 21.83
C ASP A 456 10.09 9.70 21.63
N TRP A 457 8.91 10.30 21.67
CA TRP A 457 8.80 11.75 21.61
C TRP A 457 9.58 12.41 22.76
N HIS A 458 9.77 11.70 23.86
CA HIS A 458 10.47 12.28 25.01
C HIS A 458 11.95 12.10 24.86
N LEU A 459 12.33 11.00 24.19
CA LEU A 459 13.71 10.74 23.87
C LEU A 459 14.23 11.81 22.90
N ASP A 460 13.45 12.15 21.86
CA ASP A 460 13.86 13.21 20.92
C ASP A 460 13.90 14.61 21.57
N ALA A 461 13.19 14.75 22.70
CA ALA A 461 13.16 16.00 23.45
C ALA A 461 14.21 16.01 24.58
N GLY A 462 14.99 14.94 24.63
CA GLY A 462 16.25 14.90 25.37
C GLY A 462 16.26 14.10 26.65
N PHE A 463 15.31 13.19 26.84
CA PHE A 463 15.17 12.52 28.17
C PHE A 463 16.06 11.29 28.26
N ALA A 464 17.37 11.53 28.24
CA ALA A 464 18.32 10.41 28.15
C ALA A 464 19.71 10.77 28.64
N ILE A 465 20.42 9.77 29.15
CA ILE A 465 21.87 9.84 29.43
C ILE A 465 22.53 8.51 29.11
N VAL A 466 23.85 8.51 29.06
CA VAL A 466 24.61 7.31 28.77
C VAL A 466 25.36 6.92 30.04
N PHE A 467 25.24 5.65 30.44
CA PHE A 467 26.09 5.08 31.45
C PHE A 467 27.30 4.45 30.74
N ALA A 468 28.46 5.10 30.87
CA ALA A 468 29.67 4.59 30.27
C ALA A 468 30.27 3.63 31.26
N GLU A 469 29.83 2.37 31.16
CA GLU A 469 30.24 1.32 32.05
C GLU A 469 31.64 0.82 31.73
N ASP A 470 32.53 0.91 32.73
CA ASP A 470 33.92 0.42 32.62
C ASP A 470 34.54 0.94 31.33
N ILE A 471 34.73 2.27 31.23
CA ILE A 471 35.42 2.86 30.07
C ILE A 471 36.79 2.23 29.75
N PRO A 472 37.67 2.03 30.77
CA PRO A 472 38.97 1.39 30.50
C PRO A 472 38.91 0.05 29.76
N ASN A 473 37.94 -0.80 30.07
CA ASN A 473 37.90 -2.13 29.46
C ASN A 473 36.99 -2.22 28.21
N THR A 474 36.40 -1.08 27.81
CA THR A 474 35.37 -1.06 26.74
C THR A 474 35.90 -1.56 25.37
N ALA A 475 37.10 -1.11 25.01
CA ALA A 475 37.68 -1.46 23.71
C ALA A 475 38.06 -2.93 23.66
N SER A 476 38.65 -3.39 24.75
CA SER A 476 39.09 -4.77 24.86
C SER A 476 37.92 -5.73 24.86
N ALA A 477 36.84 -5.38 25.57
CA ALA A 477 35.66 -6.24 25.64
C ALA A 477 34.83 -6.32 24.34
N ASN A 478 34.83 -5.24 23.56
CA ASN A 478 33.97 -5.11 22.37
C ASN A 478 34.73 -4.99 21.05
N PRO A 479 35.47 -6.04 20.64
CA PRO A 479 36.14 -5.83 19.34
C PRO A 479 35.11 -5.57 18.24
N VAL A 480 35.34 -4.56 17.41
CA VAL A 480 34.39 -4.19 16.38
C VAL A 480 34.80 -4.80 15.03
N PRO A 481 33.79 -5.17 14.19
CA PRO A 481 34.06 -5.56 12.80
C PRO A 481 34.42 -4.34 11.95
N GLU A 482 35.11 -4.55 10.82
CA GLU A 482 35.41 -3.42 9.91
C GLU A 482 34.15 -2.68 9.44
N ALA A 483 33.08 -3.42 9.13
CA ALA A 483 31.84 -2.76 8.66
C ALA A 483 31.34 -1.72 9.64
N TRP A 484 31.46 -1.99 10.94
CA TRP A 484 31.13 -1.00 11.98
C TRP A 484 32.02 0.26 11.86
N SER A 485 33.35 0.06 11.80
CA SER A 485 34.25 1.16 11.56
C SER A 485 33.89 1.94 10.30
N ASN A 486 33.34 1.25 9.30
CA ASN A 486 32.97 1.90 8.03
C ASN A 486 31.77 2.86 8.10
N LEU A 487 30.93 2.70 9.13
CA LEU A 487 29.62 3.38 9.23
C LEU A 487 29.69 4.90 9.29
N CYS A 488 30.54 5.40 10.18
CA CYS A 488 30.61 6.82 10.44
C CYS A 488 31.22 7.61 9.28
N PRO A 489 32.28 7.08 8.62
CA PRO A 489 32.79 7.66 7.38
C PRO A 489 31.75 7.74 6.28
N SER A 490 31.00 6.66 6.09
CA SER A 490 29.86 6.64 5.16
C SER A 490 28.83 7.69 5.51
N TYR A 491 28.37 7.68 6.76
CA TYR A 491 27.29 8.57 7.17
C TYR A 491 27.74 10.03 6.98
N ASP A 492 28.91 10.33 7.52
CA ASP A 492 29.43 11.70 7.50
C ASP A 492 29.71 12.22 6.08
N SER A 493 30.21 11.35 5.21
CA SER A 493 30.40 11.73 3.81
C SER A 493 29.06 12.02 3.14
N ALA A 494 28.08 11.15 3.35
CA ALA A 494 26.74 11.33 2.78
C ALA A 494 26.02 12.59 3.29
N HIS A 495 26.41 13.12 4.46
CA HIS A 495 25.69 14.25 5.07
C HIS A 495 26.49 15.57 5.19
N VAL B 1 -5.13 15.66 8.40
CA VAL B 1 -3.89 16.23 9.01
C VAL B 1 -3.62 17.58 8.34
N GLN B 2 -3.18 18.56 9.12
CA GLN B 2 -2.90 19.89 8.59
C GLN B 2 -1.44 20.30 8.66
N ILE B 3 -1.04 21.11 7.68
CA ILE B 3 0.25 21.75 7.51
C ILE B 3 -0.22 22.90 6.61
N GLY B 4 0.50 24.00 6.42
CA GLY B 4 1.74 24.37 7.07
C GLY B 4 1.44 25.51 8.03
N PRO B 5 1.52 26.79 7.66
CA PRO B 5 1.85 27.38 6.35
C PRO B 5 3.31 27.25 5.91
N VAL B 6 4.22 27.04 6.85
CA VAL B 6 5.59 26.69 6.52
C VAL B 6 5.71 25.18 6.65
N THR B 7 6.15 24.53 5.56
CA THR B 7 6.17 23.08 5.54
C THR B 7 6.92 22.43 4.38
N ASP B 8 7.34 21.21 4.64
CA ASP B 8 7.83 20.35 3.58
C ASP B 8 6.63 19.63 2.97
N LEU B 9 6.72 19.31 1.69
CA LEU B 9 5.73 18.48 1.03
C LEU B 9 6.45 17.56 0.04
N HIS B 10 6.58 16.29 0.40
CA HIS B 10 7.27 15.29 -0.44
C HIS B 10 6.32 14.65 -1.42
N ILE B 11 6.78 14.49 -2.65
CA ILE B 11 5.93 13.97 -3.71
C ILE B 11 6.47 12.60 -4.02
N VAL B 12 5.72 11.57 -3.66
CA VAL B 12 6.19 10.18 -3.73
C VAL B 12 5.25 9.29 -4.56
N ASN B 13 5.74 8.13 -4.99
CA ASN B 13 4.83 7.12 -5.50
C ASN B 13 4.45 6.16 -4.36
N ALA B 14 3.23 5.65 -4.42
CA ALA B 14 2.78 4.62 -3.50
C ALA B 14 1.63 3.92 -4.18
N ASP B 15 1.46 2.63 -3.91
CA ASP B 15 0.23 1.97 -4.32
C ASP B 15 -0.82 2.16 -3.22
N ILE B 16 -2.08 2.31 -3.63
CA ILE B 16 -3.17 2.56 -2.72
C ILE B 16 -4.39 1.83 -3.23
N VAL B 17 -5.33 1.55 -2.35
CA VAL B 17 -6.48 0.72 -2.64
C VAL B 17 -7.76 1.37 -2.17
N PRO B 18 -8.02 2.65 -2.53
CA PRO B 18 -9.10 3.37 -1.85
C PRO B 18 -10.48 2.73 -2.00
N ASP B 19 -10.66 1.92 -3.04
CA ASP B 19 -11.89 1.20 -3.24
C ASP B 19 -11.68 -0.30 -3.20
N GLY B 20 -10.50 -0.73 -2.72
CA GLY B 20 -10.19 -2.15 -2.62
C GLY B 20 -9.34 -2.71 -3.76
N PHE B 21 -9.07 -1.87 -4.76
CA PHE B 21 -8.30 -2.25 -5.95
C PHE B 21 -6.95 -1.54 -5.86
N VAL B 22 -5.87 -2.28 -5.56
CA VAL B 22 -4.55 -1.62 -5.49
C VAL B 22 -4.07 -1.14 -6.85
N ARG B 23 -3.63 0.10 -6.91
CA ARG B 23 -3.03 0.69 -8.12
C ARG B 23 -1.97 1.72 -7.74
N PRO B 24 -1.07 2.05 -8.67
CA PRO B 24 -0.04 3.06 -8.39
C PRO B 24 -0.63 4.45 -8.25
N ALA B 25 0.06 5.31 -7.52
CA ALA B 25 -0.42 6.67 -7.32
C ALA B 25 0.73 7.64 -7.21
N VAL B 26 0.43 8.92 -7.34
CA VAL B 26 1.39 10.00 -7.13
C VAL B 26 0.82 10.78 -5.96
N ASN B 27 1.53 10.81 -4.84
CA ASN B 27 0.96 11.40 -3.64
C ASN B 27 1.71 12.64 -3.22
N ALA B 28 0.97 13.65 -2.79
CA ALA B 28 1.56 14.75 -2.04
C ALA B 28 1.41 14.46 -0.55
N GLY B 29 2.53 14.54 0.16
CA GLY B 29 2.54 14.32 1.61
C GLY B 29 2.21 12.90 2.04
N GLY B 30 2.24 11.95 1.10
CA GLY B 30 2.05 10.52 1.41
C GLY B 30 0.66 9.93 1.60
N THR B 31 -0.37 10.73 1.34
CA THR B 31 -1.75 10.37 1.70
C THR B 31 -2.70 10.61 0.53
N PHE B 32 -3.82 9.90 0.47
CA PHE B 32 -4.87 10.31 -0.45
C PHE B 32 -6.21 10.64 0.19
N PRO B 33 -6.71 11.89 0.01
CA PRO B 33 -6.04 13.05 -0.67
C PRO B 33 -4.78 13.46 0.09
N GLY B 34 -4.03 14.43 -0.44
CA GLY B 34 -2.82 14.91 0.21
C GLY B 34 -3.25 15.64 1.46
N PRO B 35 -2.33 15.88 2.43
CA PRO B 35 -2.70 16.55 3.68
C PRO B 35 -3.27 17.93 3.38
N VAL B 36 -4.11 18.43 4.27
CA VAL B 36 -4.61 19.79 4.14
C VAL B 36 -3.50 20.80 4.39
N ILE B 37 -3.21 21.63 3.40
CA ILE B 37 -2.30 22.74 3.64
C ILE B 37 -3.12 23.91 4.18
N ALA B 38 -2.61 24.61 5.19
CA ALA B 38 -3.38 25.64 5.89
C ALA B 38 -2.55 26.75 6.56
N GLY B 39 -3.21 27.88 6.78
CA GLY B 39 -2.64 29.04 7.46
C GLY B 39 -3.76 30.05 7.71
N ASN B 40 -3.39 31.29 8.04
CA ASN B 40 -4.38 32.35 8.25
C ASN B 40 -4.27 33.39 7.15
N VAL B 41 -5.32 34.16 6.90
CA VAL B 41 -5.27 35.21 5.87
C VAL B 41 -4.04 36.11 6.03
N GLY B 42 -3.44 36.51 4.92
CA GLY B 42 -2.25 37.35 4.99
C GLY B 42 -0.96 36.59 5.24
N ASP B 43 -1.06 35.34 5.67
CA ASP B 43 0.13 34.51 5.97
C ASP B 43 1.08 34.34 4.80
N ASN B 44 2.37 34.28 5.13
CA ASN B 44 3.40 33.84 4.19
C ASN B 44 3.47 32.31 4.16
N PHE B 45 3.09 31.73 3.04
CA PHE B 45 3.17 30.28 2.85
C PHE B 45 4.55 29.98 2.31
N GLN B 46 5.23 29.02 2.95
CA GLN B 46 6.52 28.53 2.45
C GLN B 46 6.52 27.00 2.34
N ILE B 47 6.24 26.51 1.16
CA ILE B 47 6.01 25.10 0.95
C ILE B 47 7.12 24.54 0.12
N VAL B 48 8.03 23.82 0.76
CA VAL B 48 9.15 23.19 0.04
C VAL B 48 8.70 21.86 -0.55
N THR B 49 8.61 21.81 -1.87
CA THR B 49 8.18 20.62 -2.59
C THR B 49 9.41 19.78 -2.96
N PHE B 50 9.52 18.59 -2.36
CA PHE B 50 10.56 17.59 -2.71
C PHE B 50 9.97 16.58 -3.68
N ASN B 51 10.49 16.53 -4.90
CA ASN B 51 10.08 15.54 -5.88
C ASN B 51 10.91 14.30 -5.65
N GLN B 52 10.25 13.25 -5.14
CA GLN B 52 10.85 11.91 -4.97
C GLN B 52 10.25 10.82 -5.88
N LEU B 53 9.68 11.23 -7.01
CA LEU B 53 8.96 10.31 -7.90
C LEU B 53 9.90 9.42 -8.72
N ILE B 54 9.52 8.15 -8.88
CA ILE B 54 10.30 7.18 -9.65
C ILE B 54 9.49 6.42 -10.71
N GLU B 55 8.17 6.40 -10.57
CA GLU B 55 7.38 5.56 -11.46
C GLU B 55 7.01 6.37 -12.71
N CYS B 56 7.73 6.11 -13.82
CA CYS B 56 7.57 6.89 -15.06
C CYS B 56 6.20 6.74 -15.68
N SER B 57 5.51 5.65 -15.33
CA SER B 57 4.13 5.41 -15.76
C SER B 57 3.20 6.57 -15.43
N MET B 58 3.60 7.38 -14.45
CA MET B 58 2.81 8.56 -14.06
C MET B 58 3.59 9.88 -14.14
N LEU B 59 4.79 9.81 -14.73
CA LEU B 59 5.70 10.94 -14.91
C LEU B 59 6.43 11.23 -13.61
N VAL B 60 7.74 11.46 -13.71
CA VAL B 60 8.57 11.76 -12.56
C VAL B 60 8.80 13.26 -12.35
N ASP B 61 8.41 14.07 -13.35
CA ASP B 61 8.40 15.52 -13.15
C ASP B 61 7.09 15.92 -12.52
N THR B 62 7.10 17.08 -11.89
CA THR B 62 5.86 17.59 -11.31
C THR B 62 5.89 19.10 -11.20
N SER B 63 4.71 19.66 -10.94
CA SER B 63 4.56 21.07 -10.76
C SER B 63 3.23 21.24 -10.07
N ILE B 64 3.20 22.10 -9.05
CA ILE B 64 2.03 22.20 -8.17
C ILE B 64 1.37 23.58 -8.21
N HIS B 65 0.05 23.58 -8.44
CA HIS B 65 -0.80 24.76 -8.43
C HIS B 65 -1.63 24.84 -7.16
N TRP B 66 -1.74 26.05 -6.61
CA TRP B 66 -2.52 26.36 -5.42
C TRP B 66 -3.79 27.06 -5.93
N HIS B 67 -4.80 26.25 -6.15
CA HIS B 67 -5.96 26.64 -6.94
C HIS B 67 -6.76 27.71 -6.23
N GLY B 68 -6.86 28.88 -6.85
CA GLY B 68 -7.67 29.96 -6.32
C GLY B 68 -6.92 30.99 -5.50
N GLU B 69 -5.62 30.80 -5.29
CA GLU B 69 -4.72 31.80 -4.72
C GLU B 69 -4.38 32.78 -5.80
N PHE B 70 -4.47 34.08 -5.51
CA PHE B 70 -4.26 35.09 -6.55
C PHE B 70 -2.81 35.18 -7.04
N GLN B 71 -1.87 34.77 -6.20
CA GLN B 71 -0.43 34.86 -6.52
C GLN B 71 0.04 36.24 -7.07
N LYS B 72 -0.44 37.34 -6.51
CA LYS B 72 -0.01 38.67 -6.95
C LYS B 72 1.43 38.96 -6.54
N GLY B 73 2.29 39.21 -7.53
CA GLY B 73 3.72 39.42 -7.27
C GLY B 73 4.53 38.13 -7.27
N THR B 74 3.83 37.00 -7.27
CA THR B 74 4.49 35.70 -7.22
C THR B 74 3.94 34.78 -8.28
N ASN B 75 3.67 35.32 -9.47
CA ASN B 75 3.20 34.55 -10.62
C ASN B 75 4.07 33.31 -10.90
N TRP B 76 5.36 33.39 -10.57
CA TRP B 76 6.30 32.27 -10.72
C TRP B 76 5.94 31.05 -9.86
N ALA B 77 5.22 31.29 -8.77
CA ALA B 77 4.85 30.24 -7.84
C ALA B 77 3.47 29.65 -8.12
N ASP B 78 2.87 30.01 -9.26
CA ASP B 78 1.50 29.59 -9.58
C ASP B 78 1.30 28.10 -9.89
N GLY B 79 2.27 27.50 -10.59
CA GLY B 79 2.29 26.05 -10.83
C GLY B 79 1.97 25.45 -12.18
N PRO B 80 1.14 26.11 -13.03
CA PRO B 80 0.82 25.50 -14.33
C PRO B 80 2.05 25.34 -15.20
N ALA B 81 2.33 24.09 -15.58
CA ALA B 81 3.58 23.78 -16.26
C ALA B 81 3.59 24.46 -17.62
N PHE B 82 4.68 25.18 -17.91
CA PHE B 82 4.88 25.87 -19.21
C PHE B 82 4.03 27.15 -19.39
N ILE B 83 3.36 27.57 -18.34
CA ILE B 83 2.77 28.89 -18.28
C ILE B 83 3.61 29.70 -17.31
N THR B 84 3.77 29.19 -16.09
CA THR B 84 4.50 29.93 -15.08
C THR B 84 5.82 29.27 -14.65
N GLN B 85 6.04 28.01 -15.02
CA GLN B 85 7.33 27.32 -14.72
C GLN B 85 7.62 26.11 -15.62
N CYS B 86 8.89 25.68 -15.68
CA CYS B 86 9.21 24.31 -16.09
C CYS B 86 8.99 23.34 -14.92
N PRO B 87 8.65 22.07 -15.20
CA PRO B 87 8.41 21.14 -14.09
C PRO B 87 9.60 20.94 -13.15
N ILE B 88 9.33 20.62 -11.89
CA ILE B 88 10.39 20.13 -11.01
C ILE B 88 10.74 18.70 -11.40
N ILE B 89 12.01 18.38 -11.61
CA ILE B 89 12.44 17.04 -12.00
C ILE B 89 12.74 16.22 -10.74
N VAL B 90 12.79 14.90 -10.87
CA VAL B 90 12.93 14.05 -9.68
C VAL B 90 14.30 14.18 -9.00
N GLY B 91 14.31 14.05 -7.67
CA GLY B 91 15.50 14.28 -6.85
C GLY B 91 15.73 15.77 -6.56
N ASN B 92 14.96 16.66 -7.18
CA ASN B 92 15.07 18.10 -6.91
C ASN B 92 13.92 18.61 -6.07
N SER B 93 14.17 19.73 -5.38
CA SER B 93 13.13 20.44 -4.63
C SER B 93 12.92 21.84 -5.19
N PHE B 94 11.81 22.47 -4.82
CA PHE B 94 11.51 23.85 -5.16
C PHE B 94 10.67 24.46 -4.03
N SER B 95 10.94 25.73 -3.70
CA SER B 95 10.22 26.42 -2.63
C SER B 95 9.15 27.35 -3.21
N TYR B 96 7.89 26.93 -3.11
CA TYR B 96 6.79 27.83 -3.41
C TYR B 96 6.57 28.76 -2.19
N ASN B 97 7.02 30.01 -2.33
CA ASN B 97 6.94 31.00 -1.25
C ASN B 97 6.08 32.16 -1.68
N PHE B 98 4.94 32.33 -1.03
CA PHE B 98 3.97 33.28 -1.50
C PHE B 98 3.10 33.72 -0.36
N ASN B 99 2.37 34.81 -0.59
CA ASN B 99 1.46 35.34 0.42
C ASN B 99 -0.01 35.25 -0.03
N VAL B 100 -0.92 35.25 0.95
CA VAL B 100 -2.37 35.21 0.69
C VAL B 100 -3.10 36.46 1.22
N PRO B 101 -2.70 37.67 0.75
CA PRO B 101 -3.40 38.90 1.17
C PRO B 101 -4.88 39.01 0.70
N GLY B 102 -5.75 39.45 1.61
CA GLY B 102 -7.16 39.68 1.28
C GLY B 102 -7.94 38.42 0.86
N MET B 103 -7.37 37.24 1.12
CA MET B 103 -8.05 35.97 0.78
C MET B 103 -8.25 35.12 2.02
N ALA B 104 -9.39 34.43 2.06
CA ALA B 104 -9.68 33.46 3.09
C ALA B 104 -10.82 32.59 2.61
N GLY B 105 -10.74 31.31 2.93
CA GLY B 105 -11.79 30.36 2.56
C GLY B 105 -11.18 29.02 2.25
N THR B 106 -11.89 28.25 1.44
CA THR B 106 -11.59 26.87 1.12
C THR B 106 -11.07 26.73 -0.30
N TYR B 107 -9.82 26.30 -0.40
CA TYR B 107 -9.14 26.09 -1.67
C TYR B 107 -8.60 24.65 -1.76
N TRP B 108 -7.71 24.42 -2.71
CA TRP B 108 -7.05 23.13 -2.88
C TRP B 108 -5.79 23.27 -3.70
N TYR B 109 -4.98 22.22 -3.69
CA TYR B 109 -3.76 22.15 -4.46
C TYR B 109 -3.70 20.85 -5.30
N HIS B 110 -3.06 20.95 -6.45
CA HIS B 110 -2.99 19.84 -7.38
C HIS B 110 -1.82 20.01 -8.30
N SER B 111 -1.31 18.87 -8.77
CA SER B 111 -0.38 18.86 -9.88
C SER B 111 -1.00 19.66 -11.03
N HIS B 112 -0.17 20.43 -11.71
CA HIS B 112 -0.65 21.18 -12.87
C HIS B 112 0.25 20.82 -14.06
N LEU B 113 0.62 19.54 -14.12
CA LEU B 113 1.40 18.97 -15.21
C LEU B 113 0.63 17.80 -15.80
N THR B 114 0.30 17.95 -17.08
CA THR B 114 -0.44 16.95 -17.85
C THR B 114 -1.69 16.55 -17.06
N THR B 115 -2.01 15.27 -16.98
CA THR B 115 -3.18 14.76 -16.23
C THR B 115 -2.77 14.09 -14.90
N GLN B 116 -1.63 14.51 -14.37
CA GLN B 116 -1.01 13.88 -13.18
C GLN B 116 -1.82 14.02 -11.87
N TYR B 117 -2.60 15.09 -11.71
CA TYR B 117 -3.42 15.18 -10.51
C TYR B 117 -4.44 14.07 -10.38
N CYS B 118 -4.88 13.55 -11.53
CA CYS B 118 -5.79 12.42 -11.56
C CYS B 118 -5.14 11.20 -10.89
N ASP B 119 -3.82 11.04 -11.08
CA ASP B 119 -3.07 9.93 -10.46
C ASP B 119 -2.81 10.06 -8.97
N GLY B 120 -3.27 11.16 -8.36
CA GLY B 120 -3.37 11.23 -6.91
C GLY B 120 -2.86 12.49 -6.24
N LEU B 121 -2.22 13.38 -7.01
CA LEU B 121 -1.61 14.58 -6.42
C LEU B 121 -2.64 15.68 -6.39
N ARG B 122 -3.48 15.61 -5.37
CA ARG B 122 -4.54 16.58 -5.12
C ARG B 122 -4.83 16.56 -3.61
N GLY B 123 -5.06 17.74 -3.02
CA GLY B 123 -5.38 17.80 -1.59
C GLY B 123 -5.99 19.14 -1.21
N PRO B 124 -6.55 19.23 0.01
CA PRO B 124 -7.22 20.47 0.38
C PRO B 124 -6.25 21.56 0.81
N PHE B 125 -6.65 22.82 0.63
CA PHE B 125 -5.84 23.98 0.95
C PHE B 125 -6.78 25.01 1.62
N VAL B 126 -6.56 25.29 2.90
CA VAL B 126 -7.53 26.11 3.64
C VAL B 126 -6.85 27.32 4.26
N VAL B 127 -7.44 28.49 4.00
CA VAL B 127 -7.01 29.73 4.62
C VAL B 127 -8.07 30.19 5.64
N TYR B 128 -7.78 29.94 6.92
CA TYR B 128 -8.65 30.36 8.02
C TYR B 128 -8.66 31.88 8.22
N ASP B 129 -9.77 32.40 8.72
CA ASP B 129 -9.89 33.82 8.98
C ASP B 129 -10.20 34.05 10.46
N PRO B 130 -9.21 34.55 11.25
CA PRO B 130 -9.41 34.74 12.69
C PRO B 130 -10.61 35.61 12.98
N ASN B 131 -11.01 36.45 12.02
CA ASN B 131 -12.25 37.23 12.15
C ASN B 131 -13.33 36.88 11.13
N ASP B 132 -13.33 35.63 10.71
CA ASP B 132 -14.27 35.18 9.72
C ASP B 132 -15.68 35.69 10.05
N PRO B 133 -16.25 36.51 9.15
CA PRO B 133 -17.58 37.06 9.26
C PRO B 133 -18.66 35.99 9.51
N ASP B 134 -18.35 34.73 9.20
CA ASP B 134 -19.33 33.65 9.40
C ASP B 134 -19.11 32.84 10.68
N ALA B 135 -18.02 33.08 11.42
CA ALA B 135 -17.57 32.18 12.49
C ALA B 135 -18.63 31.79 13.52
N ASN B 136 -19.49 32.75 13.86
CA ASN B 136 -20.59 32.54 14.82
C ASN B 136 -21.70 31.61 14.33
N LEU B 137 -21.65 31.26 13.04
CA LEU B 137 -22.66 30.37 12.44
C LEU B 137 -22.46 28.88 12.74
N TYR B 138 -21.34 28.54 13.37
CA TYR B 138 -21.00 27.14 13.65
C TYR B 138 -20.12 27.02 14.88
N ASP B 139 -20.08 25.82 15.43
CA ASP B 139 -19.26 25.48 16.59
C ASP B 139 -17.92 24.82 16.20
N VAL B 140 -17.94 23.95 15.17
CA VAL B 140 -16.74 23.17 14.80
C VAL B 140 -16.33 23.44 13.35
N ASP B 141 -15.12 23.95 13.15
CA ASP B 141 -14.50 24.14 11.83
C ASP B 141 -13.05 23.69 11.88
N ASP B 142 -12.77 22.47 11.45
CA ASP B 142 -11.42 21.95 11.51
C ASP B 142 -11.23 20.83 10.49
N ASP B 143 -10.08 20.19 10.54
CA ASP B 143 -9.77 19.10 9.61
C ASP B 143 -10.81 17.96 9.52
N THR B 144 -11.61 17.76 10.57
CA THR B 144 -12.66 16.74 10.57
C THR B 144 -13.93 17.21 9.86
N THR B 145 -13.97 18.48 9.47
CA THR B 145 -15.14 19.00 8.77
C THR B 145 -14.86 19.28 7.29
N ILE B 146 -13.70 18.86 6.82
CA ILE B 146 -13.37 18.99 5.41
C ILE B 146 -13.93 17.76 4.72
N ILE B 147 -14.63 17.96 3.61
CA ILE B 147 -15.15 16.82 2.83
C ILE B 147 -14.67 16.92 1.43
N THR B 148 -13.84 15.96 0.99
CA THR B 148 -13.38 15.99 -0.38
C THR B 148 -14.15 14.99 -1.23
N LEU B 149 -14.41 15.37 -2.46
CA LEU B 149 -15.07 14.50 -3.40
C LEU B 149 -14.09 14.24 -4.52
N ALA B 150 -13.85 12.96 -4.83
CA ALA B 150 -12.81 12.61 -5.78
C ALA B 150 -13.23 11.51 -6.69
N ASP B 151 -12.97 11.71 -7.98
CA ASP B 151 -13.15 10.67 -8.98
C ASP B 151 -11.90 9.80 -8.99
N TRP B 152 -12.08 8.48 -9.13
CA TRP B 152 -10.96 7.57 -9.02
C TRP B 152 -11.00 6.52 -10.13
N TYR B 153 -9.83 6.27 -10.75
CA TYR B 153 -9.69 5.50 -12.01
C TYR B 153 -8.83 4.26 -11.78
N HIS B 154 -9.21 3.10 -12.31
CA HIS B 154 -8.36 1.90 -12.21
C HIS B 154 -7.29 1.87 -13.32
N VAL B 155 -7.49 2.70 -14.33
CA VAL B 155 -6.59 2.90 -15.44
C VAL B 155 -5.71 4.12 -15.13
N LEU B 156 -4.40 4.01 -15.32
CA LEU B 156 -3.50 5.13 -15.07
C LEU B 156 -3.76 6.26 -16.08
N ALA B 157 -3.65 7.50 -15.58
CA ALA B 157 -3.89 8.73 -16.35
C ALA B 157 -3.24 8.75 -17.74
N LYS B 158 -1.93 8.53 -17.79
CA LYS B 158 -1.18 8.55 -19.06
C LYS B 158 -1.63 7.49 -20.10
N GLU B 159 -2.34 6.46 -19.65
CA GLU B 159 -2.87 5.41 -20.55
C GLU B 159 -4.33 5.64 -21.01
N MET B 160 -4.95 6.70 -20.53
CA MET B 160 -6.21 7.14 -21.10
C MET B 160 -5.72 7.92 -22.32
N GLY B 161 -6.59 8.25 -23.27
CA GLY B 161 -7.99 7.95 -23.25
C GLY B 161 -8.41 7.91 -24.71
N ALA B 162 -8.56 9.08 -25.34
CA ALA B 162 -8.40 10.40 -24.74
C ALA B 162 -8.07 11.48 -25.79
N GLY B 163 -9.04 12.30 -26.18
CA GLY B 163 -10.43 12.22 -25.73
C GLY B 163 -11.43 12.07 -26.86
N GLY B 164 -12.19 10.97 -26.86
CA GLY B 164 -12.09 9.96 -25.82
C GLY B 164 -12.89 10.32 -24.58
N ALA B 165 -14.17 9.96 -24.57
CA ALA B 165 -14.94 10.05 -23.34
C ALA B 165 -14.28 9.08 -22.36
N ILE B 166 -14.06 9.57 -21.16
CA ILE B 166 -13.31 8.84 -20.16
C ILE B 166 -14.20 8.85 -18.93
N THR B 167 -14.32 7.69 -18.29
CA THR B 167 -15.15 7.57 -17.08
C THR B 167 -14.43 6.90 -15.90
N ALA B 168 -14.77 7.36 -14.70
CA ALA B 168 -14.17 6.92 -13.45
C ALA B 168 -14.66 5.52 -13.04
N ASP B 169 -14.03 4.95 -12.00
CA ASP B 169 -14.34 3.58 -11.54
C ASP B 169 -14.82 3.53 -10.10
N SER B 170 -14.76 4.67 -9.43
CA SER B 170 -15.20 4.80 -8.05
C SER B 170 -15.28 6.26 -7.70
N THR B 171 -16.23 6.60 -6.83
CA THR B 171 -16.25 7.88 -6.16
C THR B 171 -15.68 7.73 -4.76
N LEU B 172 -14.85 8.70 -4.39
CA LEU B 172 -14.17 8.68 -3.10
C LEU B 172 -14.60 9.90 -2.33
N ILE B 173 -15.12 9.64 -1.13
CA ILE B 173 -15.44 10.73 -0.26
C ILE B 173 -14.45 10.66 0.88
N ASP B 174 -13.70 11.72 1.09
CA ASP B 174 -12.57 11.65 2.01
C ASP B 174 -11.66 10.44 1.76
N GLY B 175 -11.41 10.14 0.48
CA GLY B 175 -10.39 9.17 0.12
C GLY B 175 -10.84 7.72 0.20
N LEU B 176 -12.13 7.49 0.45
CA LEU B 176 -12.70 6.13 0.47
C LEU B 176 -14.03 6.07 -0.28
N GLY B 177 -14.18 5.01 -1.07
CA GLY B 177 -15.42 4.79 -1.78
C GLY B 177 -15.37 3.39 -2.33
N ARG B 178 -16.50 2.94 -2.89
CA ARG B 178 -16.59 1.62 -3.50
C ARG B 178 -16.72 1.65 -5.03
N THR B 179 -16.08 0.67 -5.67
CA THR B 179 -16.01 0.52 -7.13
C THR B 179 -17.39 0.46 -7.85
N HIS B 180 -17.53 1.16 -8.99
CA HIS B 180 -18.78 1.20 -9.77
C HIS B 180 -19.09 -0.21 -10.35
N VAL B 181 -18.07 -0.96 -10.76
CA VAL B 181 -18.36 -2.29 -11.28
C VAL B 181 -17.88 -3.39 -10.33
N ASN B 182 -18.67 -4.45 -10.18
CA ASN B 182 -18.38 -5.57 -9.26
C ASN B 182 -17.99 -5.07 -7.87
N VAL B 183 -18.85 -4.22 -7.30
CA VAL B 183 -18.58 -3.45 -6.09
C VAL B 183 -18.26 -4.39 -4.93
N ALA B 184 -17.08 -4.22 -4.34
CA ALA B 184 -16.69 -4.99 -3.15
C ALA B 184 -17.01 -4.15 -1.94
N ALA B 185 -17.33 -4.81 -0.82
CA ALA B 185 -17.83 -4.12 0.38
C ALA B 185 -16.67 -3.57 1.19
N VAL B 186 -16.05 -2.53 0.64
CA VAL B 186 -14.84 -1.97 1.22
C VAL B 186 -15.22 -0.86 2.18
N PRO B 187 -14.29 -0.43 3.06
CA PRO B 187 -14.65 0.53 4.12
C PRO B 187 -15.04 1.91 3.55
N LEU B 188 -16.04 2.52 4.20
CA LEU B 188 -16.54 3.83 3.82
C LEU B 188 -16.12 4.87 4.85
N SER B 189 -15.94 6.10 4.36
CA SER B 189 -15.63 7.24 5.19
C SER B 189 -16.79 7.59 6.09
N VAL B 190 -16.48 8.05 7.30
CA VAL B 190 -17.50 8.41 8.27
C VAL B 190 -17.25 9.87 8.66
N ILE B 191 -18.32 10.65 8.80
CA ILE B 191 -18.21 11.99 9.35
C ILE B 191 -19.09 12.02 10.61
N THR B 192 -18.51 12.40 11.74
CA THR B 192 -19.24 12.30 13.00
C THR B 192 -19.75 13.66 13.46
N VAL B 193 -20.98 13.71 13.94
CA VAL B 193 -21.48 14.93 14.55
C VAL B 193 -22.10 14.62 15.90
N GLU B 194 -22.30 15.65 16.73
CA GLU B 194 -23.02 15.51 18.00
C GLU B 194 -24.27 16.40 18.03
N VAL B 195 -25.35 15.86 18.56
CA VAL B 195 -26.58 16.64 18.65
C VAL B 195 -26.36 18.01 19.26
N GLY B 196 -26.93 19.01 18.59
CA GLY B 196 -26.93 20.39 19.07
C GLY B 196 -25.80 21.22 18.51
N LYS B 197 -24.83 20.59 17.87
CA LYS B 197 -23.68 21.33 17.36
C LYS B 197 -23.81 21.67 15.87
N ARG B 198 -23.16 22.76 15.47
CA ARG B 198 -23.19 23.25 14.08
C ARG B 198 -21.78 23.14 13.52
N TYR B 199 -21.69 22.64 12.30
CA TYR B 199 -20.41 22.28 11.69
C TYR B 199 -20.20 23.03 10.39
N ARG B 200 -19.06 23.70 10.25
CA ARG B 200 -18.71 24.26 8.95
C ARG B 200 -18.10 23.15 8.09
N MET B 201 -18.94 22.51 7.27
CA MET B 201 -18.44 21.47 6.34
C MET B 201 -17.79 22.18 5.13
N ARG B 202 -16.52 21.88 4.85
CA ARG B 202 -15.85 22.50 3.71
C ARG B 202 -15.80 21.51 2.56
N LEU B 203 -16.78 21.61 1.67
CA LEU B 203 -16.91 20.68 0.55
C LEU B 203 -15.95 21.06 -0.59
N VAL B 204 -14.98 20.18 -0.88
CA VAL B 204 -13.94 20.41 -1.89
C VAL B 204 -14.09 19.38 -3.03
N SER B 205 -14.30 19.86 -4.26
CA SER B 205 -14.23 18.96 -5.42
C SER B 205 -12.81 18.93 -5.89
N ILE B 206 -12.15 17.80 -5.63
CA ILE B 206 -10.83 17.57 -6.22
C ILE B 206 -10.93 16.65 -7.45
N SER B 207 -12.06 16.75 -8.14
CA SER B 207 -12.37 15.87 -9.27
C SER B 207 -11.52 16.22 -10.48
N CYS B 208 -11.21 15.20 -11.29
CA CYS B 208 -10.61 15.38 -12.61
C CYS B 208 -11.64 15.54 -13.71
N ASP B 209 -12.90 15.24 -13.42
CA ASP B 209 -13.89 15.26 -14.49
C ASP B 209 -15.32 15.48 -14.01
N PRO B 210 -15.94 14.46 -13.35
CA PRO B 210 -17.36 14.54 -13.05
C PRO B 210 -17.75 15.67 -12.15
N ASN B 211 -18.97 16.19 -12.32
CA ASN B 211 -19.64 16.98 -11.28
C ASN B 211 -20.46 16.06 -10.40
N TYR B 212 -20.74 16.51 -9.18
CA TYR B 212 -21.42 15.68 -8.18
C TYR B 212 -22.70 16.34 -7.70
N ASP B 213 -23.77 15.56 -7.63
CA ASP B 213 -24.97 15.93 -6.88
C ASP B 213 -24.74 15.48 -5.46
N PHE B 214 -24.47 16.43 -4.57
CA PHE B 214 -24.18 16.13 -3.19
C PHE B 214 -25.38 16.39 -2.28
N SER B 215 -25.68 15.42 -1.42
CA SER B 215 -26.69 15.60 -0.38
C SER B 215 -26.40 14.72 0.85
N ILE B 216 -27.00 15.06 1.98
CA ILE B 216 -26.89 14.25 3.21
C ILE B 216 -28.32 13.88 3.61
N ASP B 217 -28.68 12.60 3.59
CA ASP B 217 -30.04 12.19 3.94
C ASP B 217 -30.46 12.84 5.24
N GLY B 218 -31.73 13.23 5.32
CA GLY B 218 -32.31 13.86 6.51
C GLY B 218 -31.84 15.25 6.91
N HIS B 219 -30.97 15.89 6.12
CA HIS B 219 -30.37 17.15 6.53
C HIS B 219 -30.41 18.23 5.43
N ASP B 220 -30.53 19.48 5.87
CA ASP B 220 -30.38 20.65 5.04
C ASP B 220 -28.92 21.04 5.05
N MET B 221 -28.54 21.93 4.14
CA MET B 221 -27.18 22.45 4.06
C MET B 221 -27.27 23.96 3.83
N THR B 222 -26.59 24.75 4.65
CA THR B 222 -26.60 26.21 4.48
C THR B 222 -25.27 26.73 4.01
N ILE B 223 -25.21 27.02 2.72
CA ILE B 223 -24.01 27.55 2.08
C ILE B 223 -23.66 28.94 2.63
N ILE B 224 -22.39 29.11 2.97
CA ILE B 224 -21.88 30.40 3.51
C ILE B 224 -20.61 30.88 2.79
N GLU B 225 -20.11 30.06 1.87
CA GLU B 225 -18.89 30.38 1.13
C GLU B 225 -18.91 29.71 -0.23
N THR B 226 -18.42 30.40 -1.26
CA THR B 226 -18.22 29.73 -2.56
C THR B 226 -16.91 30.15 -3.27
N ASP B 227 -16.11 29.14 -3.63
CA ASP B 227 -14.79 29.35 -4.24
C ASP B 227 -13.98 30.43 -3.48
N GLY B 228 -14.00 30.37 -2.15
CA GLY B 228 -13.28 31.33 -1.33
C GLY B 228 -13.97 32.66 -1.09
N VAL B 229 -15.14 32.87 -1.72
CA VAL B 229 -15.91 34.11 -1.52
C VAL B 229 -17.01 33.85 -0.49
N ASP B 230 -17.04 34.62 0.60
CA ASP B 230 -18.15 34.53 1.57
C ASP B 230 -19.49 34.87 0.94
N SER B 231 -20.52 34.08 1.28
CA SER B 231 -21.85 34.24 0.69
C SER B 231 -22.92 34.50 1.75
N GLN B 232 -24.02 35.16 1.36
CA GLN B 232 -25.22 35.19 2.18
C GLN B 232 -25.67 33.76 2.35
N GLU B 233 -26.34 33.48 3.47
CA GLU B 233 -26.84 32.14 3.75
C GLU B 233 -27.84 31.67 2.69
N LEU B 234 -27.61 30.45 2.19
CA LEU B 234 -28.52 29.82 1.24
C LEU B 234 -28.71 28.36 1.64
N THR B 235 -29.91 28.05 2.12
CA THR B 235 -30.21 26.69 2.57
C THR B 235 -30.73 25.85 1.42
N VAL B 236 -30.04 24.73 1.17
CA VAL B 236 -30.36 23.81 0.11
C VAL B 236 -30.40 22.38 0.60
N ASP B 237 -31.11 21.51 -0.13
CA ASP B 237 -31.08 20.10 0.20
C ASP B 237 -30.20 19.28 -0.75
N GLU B 238 -29.72 19.93 -1.82
CA GLU B 238 -28.80 19.28 -2.76
C GLU B 238 -27.82 20.30 -3.36
N ILE B 239 -26.58 19.87 -3.61
CA ILE B 239 -25.57 20.70 -4.22
C ILE B 239 -24.92 20.01 -5.41
N GLN B 240 -25.19 20.51 -6.59
CA GLN B 240 -24.41 20.16 -7.75
C GLN B 240 -23.12 20.96 -7.70
N ILE B 241 -22.01 20.23 -7.52
CA ILE B 241 -20.67 20.84 -7.41
C ILE B 241 -19.77 20.37 -8.56
N PHE B 242 -19.25 21.32 -9.34
CA PHE B 242 -18.43 21.00 -10.51
C PHE B 242 -16.94 20.83 -10.16
N ALA B 243 -16.18 20.16 -11.01
CA ALA B 243 -14.79 19.91 -10.71
C ALA B 243 -14.10 21.21 -10.33
N ALA B 244 -13.35 21.16 -9.21
CA ALA B 244 -12.53 22.28 -8.70
C ALA B 244 -13.25 23.36 -7.89
N GLN B 245 -14.58 23.28 -7.86
CA GLN B 245 -15.38 24.19 -7.06
C GLN B 245 -15.32 23.86 -5.56
N ARG B 246 -15.61 24.84 -4.71
CA ARG B 246 -15.73 24.58 -3.28
C ARG B 246 -16.93 25.31 -2.67
N TYR B 247 -17.56 24.65 -1.70
CA TYR B 247 -18.56 25.27 -0.85
C TYR B 247 -18.27 24.98 0.62
N SER B 248 -18.44 25.98 1.47
CA SER B 248 -18.56 25.71 2.89
C SER B 248 -20.04 25.77 3.10
N PHE B 249 -20.58 24.75 3.75
CA PHE B 249 -21.97 24.79 4.20
C PHE B 249 -22.07 24.47 5.69
N VAL B 250 -23.02 25.12 6.35
CA VAL B 250 -23.28 24.84 7.77
C VAL B 250 -24.17 23.60 7.89
N LEU B 251 -23.70 22.64 8.63
CA LEU B 251 -24.52 21.46 8.93
C LEU B 251 -24.93 21.56 10.40
N ASN B 252 -26.24 21.56 10.64
CA ASN B 252 -26.79 21.66 11.99
C ASN B 252 -27.21 20.25 12.46
N ALA B 253 -26.52 19.67 13.44
CA ALA B 253 -26.85 18.29 13.83
C ALA B 253 -28.07 18.24 14.74
N ASN B 254 -29.24 18.46 14.15
CA ASN B 254 -30.50 18.58 14.92
C ASN B 254 -31.45 17.40 14.71
N GLN B 255 -30.92 16.32 14.13
CA GLN B 255 -31.76 15.20 13.76
C GLN B 255 -31.66 14.09 14.81
N PRO B 256 -32.66 13.18 14.84
CA PRO B 256 -32.54 12.06 15.78
C PRO B 256 -31.20 11.32 15.63
N VAL B 257 -30.53 11.09 16.76
CA VAL B 257 -29.25 10.35 16.81
C VAL B 257 -29.32 9.11 15.94
N GLY B 258 -28.49 9.08 14.91
CA GLY B 258 -28.47 7.94 14.02
C GLY B 258 -27.50 7.98 12.86
N ASN B 259 -27.75 7.12 11.89
CA ASN B 259 -26.88 6.93 10.74
C ASN B 259 -27.61 7.43 9.49
N TYR B 260 -26.95 8.32 8.76
CA TYR B 260 -27.53 8.98 7.59
C TYR B 260 -26.54 8.86 6.45
N TRP B 261 -26.99 8.41 5.28
CA TRP B 261 -26.10 8.37 4.12
C TRP B 261 -25.72 9.77 3.62
N ILE B 262 -24.42 9.97 3.39
CA ILE B 262 -23.88 11.10 2.62
C ILE B 262 -23.83 10.61 1.17
N ARG B 263 -24.35 11.45 0.25
CA ARG B 263 -24.56 11.07 -1.12
C ARG B 263 -23.82 12.01 -2.07
N ALA B 264 -23.14 11.41 -3.06
CA ALA B 264 -22.45 12.16 -4.11
C ALA B 264 -22.53 11.38 -5.43
N ASN B 265 -23.53 11.67 -6.24
CA ASN B 265 -23.77 11.00 -7.51
C ASN B 265 -23.09 11.78 -8.64
N PRO B 266 -22.08 11.16 -9.27
CA PRO B 266 -21.39 11.79 -10.40
C PRO B 266 -22.28 11.81 -11.65
N ASN B 267 -21.99 12.74 -12.56
CA ASN B 267 -22.82 12.90 -13.75
C ASN B 267 -22.47 11.85 -14.80
N SER B 268 -21.32 11.20 -14.65
CA SER B 268 -21.01 9.98 -15.41
C SER B 268 -20.49 8.88 -14.45
N GLY B 269 -20.19 7.71 -14.99
CA GLY B 269 -19.77 6.57 -14.16
C GLY B 269 -20.97 5.93 -13.48
N GLY B 270 -20.78 5.34 -12.30
CA GLY B 270 -21.85 4.57 -11.64
C GLY B 270 -23.05 5.38 -11.19
N GLU B 271 -24.25 4.96 -11.58
CA GLU B 271 -25.45 5.68 -11.14
C GLU B 271 -26.11 5.03 -9.93
N GLY B 272 -26.63 5.83 -9.02
CA GLY B 272 -27.33 5.26 -7.85
C GLY B 272 -26.34 4.88 -6.77
N PHE B 273 -26.80 4.05 -5.84
CA PHE B 273 -26.07 3.83 -4.58
C PHE B 273 -26.08 2.37 -4.14
N ASP B 274 -26.35 1.46 -5.08
CA ASP B 274 -26.36 0.04 -4.72
C ASP B 274 -25.01 -0.40 -4.11
N GLY B 275 -25.10 -1.26 -3.08
CA GLY B 275 -23.93 -1.72 -2.35
C GLY B 275 -23.03 -0.64 -1.77
N GLY B 276 -23.54 0.59 -1.68
CA GLY B 276 -22.85 1.69 -1.05
C GLY B 276 -21.89 2.49 -1.91
N ILE B 277 -22.04 2.41 -3.22
CA ILE B 277 -21.25 3.29 -4.09
C ILE B 277 -21.74 4.72 -3.93
N ASN B 278 -20.89 5.67 -4.31
CA ASN B 278 -21.23 7.07 -4.25
C ASN B 278 -21.67 7.50 -2.84
N SER B 279 -21.05 6.97 -1.81
CA SER B 279 -21.58 7.14 -0.47
C SER B 279 -20.52 7.28 0.60
N ALA B 280 -20.86 8.06 1.62
CA ALA B 280 -20.22 7.98 2.93
C ALA B 280 -21.33 7.93 3.97
N ILE B 281 -20.94 7.96 5.24
CA ILE B 281 -21.85 7.85 6.37
C ILE B 281 -21.70 9.05 7.30
N LEU B 282 -22.82 9.74 7.56
CA LEU B 282 -22.86 10.74 8.64
C LEU B 282 -23.40 10.07 9.91
N ARG B 283 -22.61 10.11 10.99
CA ARG B 283 -23.00 9.42 12.20
C ARG B 283 -23.08 10.38 13.42
N TYR B 284 -24.20 10.34 14.15
CA TYR B 284 -24.27 11.08 15.42
C TYR B 284 -23.51 10.28 16.50
N ASP B 285 -22.72 10.97 17.32
CA ASP B 285 -22.19 10.35 18.55
C ASP B 285 -23.33 9.69 19.33
N GLY B 286 -23.14 8.43 19.69
CA GLY B 286 -24.17 7.69 20.40
C GLY B 286 -25.03 6.86 19.47
N ALA B 287 -24.85 6.97 18.16
CA ALA B 287 -25.56 6.06 17.28
C ALA B 287 -24.99 4.67 17.42
N THR B 288 -25.80 3.66 17.10
CA THR B 288 -25.29 2.33 16.84
C THR B 288 -24.36 2.47 15.65
N THR B 289 -23.18 1.88 15.75
CA THR B 289 -22.27 1.84 14.63
C THR B 289 -22.75 0.71 13.69
N ALA B 290 -23.52 1.14 12.69
CA ALA B 290 -24.07 0.31 11.64
C ALA B 290 -24.22 1.21 10.40
N ASP B 291 -24.43 0.61 9.24
CA ASP B 291 -24.72 1.38 8.04
C ASP B 291 -26.04 2.13 8.18
N PRO B 292 -26.15 3.30 7.56
CA PRO B 292 -27.47 3.91 7.49
C PRO B 292 -28.43 3.06 6.67
N VAL B 293 -29.71 3.20 6.97
CA VAL B 293 -30.80 2.63 6.18
C VAL B 293 -31.74 3.73 5.65
N THR B 294 -31.29 4.98 5.70
CA THR B 294 -32.10 6.10 5.22
C THR B 294 -32.16 6.13 3.69
N VAL B 295 -33.08 6.93 3.16
CA VAL B 295 -33.27 7.06 1.72
C VAL B 295 -33.26 8.53 1.34
N ALA B 296 -32.76 8.84 0.15
CA ALA B 296 -32.78 10.19 -0.39
C ALA B 296 -34.22 10.61 -0.64
N SER B 297 -34.52 11.91 -0.54
CA SER B 297 -35.83 12.40 -0.98
C SER B 297 -36.13 11.96 -2.44
N THR B 298 -37.39 11.68 -2.73
CA THR B 298 -37.78 11.30 -4.10
C THR B 298 -37.50 12.47 -5.06
N VAL B 299 -37.87 13.67 -4.61
CA VAL B 299 -37.54 14.87 -5.35
C VAL B 299 -36.92 15.86 -4.39
N HIS B 300 -35.74 16.35 -4.76
CA HIS B 300 -35.08 17.37 -3.99
C HIS B 300 -35.83 18.70 -4.16
N THR B 301 -35.99 19.39 -3.04
CA THR B 301 -36.92 20.49 -2.92
C THR B 301 -36.26 21.90 -2.99
N LYS B 302 -34.98 22.00 -2.63
CA LYS B 302 -34.25 23.26 -2.72
C LYS B 302 -32.85 23.01 -3.22
N CYS B 303 -32.79 22.36 -4.35
CA CYS B 303 -31.57 22.20 -5.11
CA CYS B 303 -31.55 22.20 -5.10
C CYS B 303 -30.84 23.56 -5.25
N LEU B 304 -29.51 23.55 -5.13
CA LEU B 304 -28.73 24.77 -5.30
C LEU B 304 -28.83 25.29 -6.73
N ILE B 305 -29.14 26.57 -6.89
CA ILE B 305 -29.09 27.26 -8.20
C ILE B 305 -28.10 28.39 -8.01
N GLU B 306 -27.23 28.59 -9.01
CA GLU B 306 -26.09 29.52 -8.88
C GLU B 306 -26.56 30.98 -8.73
N THR B 307 -27.61 31.33 -9.45
CA THR B 307 -28.22 32.68 -9.38
C THR B 307 -28.82 33.00 -7.98
N ASP B 308 -28.98 31.99 -7.13
CA ASP B 308 -29.50 32.19 -5.77
C ASP B 308 -28.38 32.58 -4.78
N LEU B 309 -27.13 32.42 -5.22
CA LEU B 309 -25.99 32.78 -4.43
C LEU B 309 -25.63 34.26 -4.63
N HIS B 310 -25.24 34.91 -3.53
CA HIS B 310 -24.80 36.30 -3.52
C HIS B 310 -23.71 36.46 -2.46
N PRO B 311 -22.74 37.36 -2.71
CA PRO B 311 -21.66 37.59 -1.77
C PRO B 311 -22.20 38.09 -0.44
N LEU B 312 -21.47 37.79 0.63
CA LEU B 312 -21.84 38.27 1.96
C LEU B 312 -21.53 39.77 2.09
N SER B 313 -20.44 40.20 1.47
CA SER B 313 -20.14 41.63 1.31
C SER B 313 -20.85 42.19 0.09
N ARG B 314 -21.09 43.50 0.09
CA ARG B 314 -21.58 44.20 -1.09
C ARG B 314 -20.42 44.28 -2.04
N ASN B 315 -20.34 43.29 -2.93
CA ASN B 315 -19.27 43.22 -3.92
C ASN B 315 -19.63 43.99 -5.17
N GLY B 316 -20.93 44.06 -5.46
CA GLY B 316 -21.42 44.61 -6.74
C GLY B 316 -20.82 43.89 -7.95
N VAL B 317 -20.60 44.65 -9.01
CA VAL B 317 -20.03 44.14 -10.25
C VAL B 317 -19.21 45.24 -10.89
N PRO B 318 -17.99 44.92 -11.36
CA PRO B 318 -17.26 45.94 -12.11
C PRO B 318 -17.97 46.33 -13.43
N GLY B 319 -17.88 47.60 -13.82
CA GLY B 319 -18.38 48.06 -15.14
C GLY B 319 -19.85 48.40 -15.30
N ASN B 320 -20.34 48.36 -16.54
CA ASN B 320 -21.68 48.82 -16.93
C ASN B 320 -22.80 47.78 -16.81
N PRO B 321 -23.84 48.10 -16.02
CA PRO B 321 -25.04 47.26 -15.97
C PRO B 321 -25.71 47.06 -17.34
N HIS B 322 -24.98 46.47 -18.27
CA HIS B 322 -25.51 46.00 -19.56
C HIS B 322 -24.48 45.12 -20.27
N GLN B 323 -24.86 44.56 -21.40
CA GLN B 323 -24.03 43.59 -22.09
C GLN B 323 -22.94 44.26 -22.94
N GLY B 324 -21.72 43.75 -22.84
CA GLY B 324 -20.56 44.38 -23.46
C GLY B 324 -20.08 45.61 -22.67
N GLY B 325 -20.62 45.79 -21.47
CA GLY B 325 -20.34 46.97 -20.63
C GLY B 325 -19.05 46.90 -19.82
N ALA B 326 -17.95 46.64 -20.51
CA ALA B 326 -16.64 46.57 -19.89
C ALA B 326 -15.64 47.31 -20.78
N ASP B 327 -14.54 47.76 -20.18
CA ASP B 327 -13.44 48.41 -20.91
C ASP B 327 -12.97 47.58 -22.11
N CYS B 328 -13.08 46.26 -21.97
CA CYS B 328 -12.30 45.33 -22.77
C CYS B 328 -13.00 43.97 -22.79
N ASN B 329 -14.10 43.89 -23.54
CA ASN B 329 -14.94 42.69 -23.51
C ASN B 329 -14.59 41.61 -24.54
N LEU B 330 -14.64 40.35 -24.08
CA LEU B 330 -14.23 39.21 -24.89
C LEU B 330 -15.34 38.19 -25.03
N ASN B 331 -15.50 37.72 -26.26
CA ASN B 331 -16.38 36.60 -26.50
C ASN B 331 -15.56 35.52 -27.21
N LEU B 332 -15.36 34.40 -26.51
CA LEU B 332 -14.52 33.30 -26.98
C LEU B 332 -15.33 32.26 -27.73
N SER B 333 -14.73 31.67 -28.77
CA SER B 333 -15.32 30.56 -29.50
C SER B 333 -14.77 29.30 -28.88
N LEU B 334 -15.64 28.46 -28.35
CA LEU B 334 -15.21 27.24 -27.68
C LEU B 334 -15.64 26.04 -28.50
N GLY B 335 -14.69 25.29 -29.03
CA GLY B 335 -15.04 24.18 -29.91
C GLY B 335 -14.33 22.88 -29.61
N PHE B 336 -14.85 21.80 -30.18
CA PHE B 336 -14.21 20.48 -30.16
C PHE B 336 -14.39 19.78 -31.51
N ALA B 337 -13.30 19.21 -32.02
CA ALA B 337 -13.30 18.45 -33.27
C ALA B 337 -12.07 17.57 -33.32
N CYS B 338 -12.17 16.41 -33.98
CA CYS B 338 -11.01 15.55 -34.23
C CYS B 338 -10.19 15.24 -32.97
N GLY B 339 -10.86 14.91 -31.87
CA GLY B 339 -10.17 14.58 -30.62
C GLY B 339 -9.48 15.73 -29.87
N ASN B 340 -9.83 16.96 -30.22
CA ASN B 340 -9.15 18.16 -29.71
C ASN B 340 -10.09 19.34 -29.43
N PHE B 341 -9.82 20.07 -28.33
CA PHE B 341 -10.58 21.25 -27.97
C PHE B 341 -9.89 22.49 -28.47
N VAL B 342 -10.66 23.54 -28.75
CA VAL B 342 -10.07 24.77 -29.28
C VAL B 342 -10.67 26.01 -28.64
N ILE B 343 -9.84 27.03 -28.46
CA ILE B 343 -10.33 28.33 -28.02
C ILE B 343 -9.96 29.34 -29.11
N ASN B 344 -10.97 29.93 -29.74
CA ASN B 344 -10.76 30.83 -30.89
C ASN B 344 -9.95 30.13 -31.99
N GLY B 345 -10.40 28.93 -32.35
CA GLY B 345 -9.74 28.10 -33.37
C GLY B 345 -8.41 27.44 -33.02
N VAL B 346 -7.84 27.74 -31.85
CA VAL B 346 -6.53 27.17 -31.48
C VAL B 346 -6.59 26.24 -30.26
N SER B 347 -6.11 25.01 -30.45
CA SER B 347 -6.01 24.01 -29.38
C SER B 347 -4.74 24.23 -28.61
N PHE B 348 -4.83 24.20 -27.28
CA PHE B 348 -3.66 24.51 -26.47
C PHE B 348 -2.67 23.38 -26.49
N THR B 349 -1.43 23.71 -26.77
CA THR B 349 -0.33 22.75 -26.59
C THR B 349 0.87 23.49 -25.95
N PRO B 350 1.38 22.94 -24.83
CA PRO B 350 2.35 23.64 -23.97
C PRO B 350 3.59 24.11 -24.71
N PRO B 351 3.99 25.38 -24.52
CA PRO B 351 5.20 25.87 -25.17
C PRO B 351 6.47 25.25 -24.56
N THR B 352 7.59 25.37 -25.25
CA THR B 352 8.84 24.82 -24.75
C THR B 352 9.41 25.74 -23.68
N VAL B 353 9.22 27.05 -23.83
CA VAL B 353 9.63 27.99 -22.80
C VAL B 353 8.37 28.46 -22.10
N PRO B 354 8.32 28.37 -20.76
CA PRO B 354 7.15 28.86 -20.03
C PRO B 354 6.81 30.30 -20.42
N VAL B 355 5.51 30.53 -20.59
CA VAL B 355 5.02 31.85 -20.99
C VAL B 355 5.64 32.93 -20.10
N LEU B 356 5.74 32.68 -18.79
CA LEU B 356 6.31 33.70 -17.88
C LEU B 356 7.74 34.01 -18.27
N LEU B 357 8.52 32.97 -18.55
CA LEU B 357 9.94 33.10 -18.87
C LEU B 357 10.12 33.76 -20.23
N GLN B 358 9.15 33.58 -21.12
CA GLN B 358 9.21 34.28 -22.40
C GLN B 358 9.09 35.78 -22.18
N ILE B 359 8.20 36.18 -21.28
CA ILE B 359 7.99 37.59 -20.94
C ILE B 359 9.24 38.17 -20.29
N CYS B 360 9.79 37.47 -19.29
CA CYS B 360 11.01 37.95 -18.63
C CYS B 360 12.18 38.10 -19.61
N SER B 361 12.11 37.38 -20.73
CA SER B 361 13.13 37.42 -21.81
C SER B 361 12.88 38.51 -22.86
N GLY B 362 11.89 39.37 -22.64
CA GLY B 362 11.67 40.52 -23.53
C GLY B 362 10.43 40.55 -24.38
N ALA B 363 9.70 39.44 -24.48
CA ALA B 363 8.42 39.42 -25.20
C ALA B 363 7.51 40.55 -24.68
N ASN B 364 6.83 41.24 -25.61
CA ASN B 364 6.07 42.47 -25.30
C ASN B 364 4.57 42.39 -25.63
N THR B 365 4.22 41.48 -26.53
CA THR B 365 2.82 41.33 -26.98
C THR B 365 2.42 39.86 -27.06
N ALA B 366 1.11 39.62 -27.19
CA ALA B 366 0.58 38.27 -27.42
C ALA B 366 1.18 37.65 -28.70
N ALA B 367 1.24 38.47 -29.76
CA ALA B 367 1.87 38.09 -31.03
C ALA B 367 3.35 37.69 -30.86
N ASP B 368 4.02 38.26 -29.86
CA ASP B 368 5.39 37.88 -29.51
C ASP B 368 5.52 36.59 -28.69
N LEU B 369 4.40 35.96 -28.32
CA LEU B 369 4.42 34.84 -27.35
C LEU B 369 4.01 33.50 -27.95
N LEU B 370 4.74 32.46 -27.55
CA LEU B 370 4.35 31.11 -27.89
C LEU B 370 3.53 30.52 -26.74
N PRO B 371 2.53 29.67 -27.06
CA PRO B 371 2.12 29.21 -28.39
C PRO B 371 1.34 30.25 -29.19
N SER B 372 1.49 30.19 -30.51
CA SER B 372 0.84 31.10 -31.44
C SER B 372 -0.67 31.01 -31.33
N GLY B 373 -1.32 32.15 -31.11
CA GLY B 373 -2.77 32.19 -31.01
C GLY B 373 -3.34 31.68 -29.69
N SER B 374 -2.47 31.28 -28.77
CA SER B 374 -2.91 30.78 -27.46
C SER B 374 -2.76 31.84 -26.37
N VAL B 375 -2.40 33.05 -26.78
CA VAL B 375 -2.24 34.15 -25.83
C VAL B 375 -3.06 35.38 -26.23
N ILE B 376 -3.83 35.89 -25.26
CA ILE B 376 -4.60 37.12 -25.39
C ILE B 376 -4.05 38.06 -24.32
N SER B 377 -3.52 39.21 -24.74
CA SER B 377 -3.03 40.15 -23.76
C SER B 377 -4.19 40.97 -23.21
N LEU B 378 -3.99 41.45 -21.98
CA LEU B 378 -4.98 42.24 -21.30
C LEU B 378 -4.29 43.47 -20.78
N PRO B 379 -4.92 44.64 -20.97
CA PRO B 379 -4.40 45.90 -20.47
C PRO B 379 -4.68 45.99 -18.99
N SER B 380 -3.89 46.79 -18.30
CA SER B 380 -4.00 46.94 -16.85
C SER B 380 -5.21 47.78 -16.42
N ASN B 381 -5.54 47.69 -15.13
CA ASN B 381 -6.63 48.47 -14.54
C ASN B 381 -7.92 48.58 -15.38
N SER B 382 -8.29 47.50 -16.07
CA SER B 382 -9.52 47.49 -16.89
C SER B 382 -10.55 46.50 -16.39
N THR B 383 -11.80 46.71 -16.77
CA THR B 383 -12.85 45.73 -16.54
C THR B 383 -12.89 44.85 -17.78
N ILE B 384 -12.56 43.58 -17.60
CA ILE B 384 -12.69 42.57 -18.66
C ILE B 384 -14.02 41.83 -18.48
N GLU B 385 -14.69 41.57 -19.59
CA GLU B 385 -15.84 40.70 -19.57
C GLU B 385 -15.54 39.58 -20.54
N ILE B 386 -15.70 38.33 -20.09
CA ILE B 386 -15.56 37.19 -20.98
C ILE B 386 -16.86 36.42 -21.01
N ALA B 387 -17.41 36.28 -22.21
CA ALA B 387 -18.51 35.35 -22.45
C ALA B 387 -17.91 34.04 -22.92
N LEU B 388 -18.49 32.94 -22.42
CA LEU B 388 -18.01 31.59 -22.70
C LEU B 388 -19.17 30.75 -23.20
N PRO B 389 -19.67 31.05 -24.41
CA PRO B 389 -20.87 30.34 -24.90
C PRO B 389 -20.64 28.84 -25.08
N ALA B 390 -21.55 28.05 -24.51
CA ALA B 390 -21.40 26.61 -24.45
C ALA B 390 -21.85 25.93 -25.73
N GLY B 391 -21.62 24.62 -25.79
CA GLY B 391 -22.01 23.84 -26.96
C GLY B 391 -21.01 22.77 -27.34
N ALA B 392 -19.73 23.06 -27.10
CA ALA B 392 -18.66 22.10 -27.34
C ALA B 392 -18.91 20.84 -26.52
N ALA B 393 -18.67 19.69 -27.12
CA ALA B 393 -18.79 18.41 -26.40
C ALA B 393 -17.64 18.35 -25.37
N GLY B 394 -17.70 17.54 -24.32
CA GLY B 394 -18.90 17.04 -23.69
C GLY B 394 -18.96 17.80 -22.36
N GLY B 395 -19.91 18.73 -22.31
CA GLY B 395 -20.15 19.55 -21.15
C GLY B 395 -20.95 18.80 -20.10
N PRO B 396 -21.31 19.50 -19.01
CA PRO B 396 -21.00 20.90 -18.80
C PRO B 396 -19.55 21.12 -18.34
N HIS B 397 -18.89 22.10 -18.98
CA HIS B 397 -17.50 22.37 -18.73
C HIS B 397 -17.34 23.38 -17.63
N PRO B 398 -16.60 23.03 -16.56
CA PRO B 398 -16.28 24.01 -15.51
C PRO B 398 -15.02 24.83 -15.86
N PHE B 399 -15.23 26.07 -16.30
CA PHE B 399 -14.12 26.90 -16.71
C PHE B 399 -13.57 27.64 -15.54
N HIS B 400 -12.24 27.74 -15.50
CA HIS B 400 -11.51 28.30 -14.36
C HIS B 400 -10.44 29.29 -14.79
N LEU B 401 -10.25 30.32 -13.97
CA LEU B 401 -9.24 31.34 -14.25
C LEU B 401 -8.27 31.45 -13.11
N HIS B 402 -6.98 31.32 -13.44
CA HIS B 402 -5.91 31.55 -12.47
C HIS B 402 -5.82 33.05 -12.14
N GLY B 403 -5.12 33.38 -11.07
CA GLY B 403 -4.81 34.76 -10.72
C GLY B 403 -5.94 35.65 -10.26
N HIS B 404 -7.20 35.21 -10.38
CA HIS B 404 -8.34 36.01 -9.96
C HIS B 404 -9.57 35.22 -9.56
N ASP B 405 -10.52 35.91 -8.93
CA ASP B 405 -11.92 35.50 -8.99
C ASP B 405 -12.70 36.47 -9.89
N PHE B 406 -13.97 36.21 -10.12
CA PHE B 406 -14.71 36.99 -11.10
C PHE B 406 -16.15 36.97 -10.73
N ALA B 407 -16.89 37.99 -11.13
CA ALA B 407 -18.34 38.01 -10.96
C ALA B 407 -18.96 37.18 -12.06
N VAL B 408 -19.96 36.37 -11.74
CA VAL B 408 -20.68 35.63 -12.76
C VAL B 408 -21.95 36.42 -13.09
N SER B 409 -21.81 37.32 -14.06
CA SER B 409 -22.91 38.15 -14.55
C SER B 409 -24.03 37.30 -15.15
N GLU B 410 -23.67 36.25 -15.89
CA GLU B 410 -24.68 35.31 -16.39
C GLU B 410 -24.30 33.86 -16.10
N SER B 411 -25.22 33.14 -15.44
CA SER B 411 -25.00 31.74 -15.08
C SER B 411 -25.54 30.75 -16.12
N ALA B 412 -25.35 29.46 -15.82
CA ALA B 412 -25.83 28.38 -16.67
C ALA B 412 -27.35 28.22 -16.59
N SER B 413 -27.95 27.83 -17.73
CA SER B 413 -29.34 27.40 -17.80
C SER B 413 -30.33 28.53 -17.51
N ASN B 414 -29.96 29.74 -17.93
CA ASN B 414 -30.68 30.95 -17.52
C ASN B 414 -30.09 32.15 -18.20
N SER B 415 -30.86 32.72 -19.12
CA SER B 415 -30.36 33.85 -19.93
C SER B 415 -30.38 35.23 -19.26
N THR B 416 -30.92 35.35 -18.04
CA THR B 416 -31.00 36.65 -17.35
C THR B 416 -29.73 36.95 -16.59
N SER B 417 -29.06 37.99 -17.04
CA SER B 417 -27.86 38.44 -16.39
C SER B 417 -28.19 39.12 -15.07
N ASN B 418 -27.17 39.29 -14.24
CA ASN B 418 -27.28 39.99 -12.97
C ASN B 418 -26.07 40.91 -12.74
N TYR B 419 -26.31 42.23 -12.83
CA TYR B 419 -25.26 43.23 -12.64
C TYR B 419 -25.35 43.93 -11.29
N ASP B 420 -26.20 43.44 -10.40
CA ASP B 420 -26.36 44.06 -9.09
C ASP B 420 -25.63 43.25 -8.02
N ASP B 421 -26.05 42.00 -7.82
CA ASP B 421 -25.45 41.16 -6.77
C ASP B 421 -25.11 39.73 -7.17
N PRO B 422 -24.53 39.50 -8.36
CA PRO B 422 -24.11 38.14 -8.74
C PRO B 422 -23.02 37.60 -7.80
N ILE B 423 -22.98 36.28 -7.60
CA ILE B 423 -21.89 35.62 -6.84
C ILE B 423 -20.57 35.84 -7.58
N TRP B 424 -19.49 36.00 -6.81
CA TRP B 424 -18.14 35.93 -7.36
C TRP B 424 -17.58 34.55 -7.03
N ARG B 425 -16.79 33.98 -7.93
CA ARG B 425 -16.14 32.68 -7.72
C ARG B 425 -14.94 32.51 -8.65
N ASP B 426 -14.34 31.33 -8.70
CA ASP B 426 -13.21 31.12 -9.62
C ASP B 426 -13.39 29.94 -10.61
N VAL B 427 -14.42 29.15 -10.41
CA VAL B 427 -14.71 28.05 -11.33
C VAL B 427 -16.20 27.94 -11.63
N VAL B 428 -16.57 28.11 -12.89
CA VAL B 428 -17.97 28.16 -13.22
C VAL B 428 -18.35 27.21 -14.34
N SER B 429 -19.48 26.54 -14.17
CA SER B 429 -20.05 25.71 -15.23
C SER B 429 -20.56 26.62 -16.33
N ILE B 430 -20.05 26.45 -17.55
CA ILE B 430 -20.55 27.19 -18.71
C ILE B 430 -21.89 26.66 -19.29
N GLY B 431 -22.43 25.56 -18.76
CA GLY B 431 -23.78 25.12 -19.12
C GLY B 431 -23.93 24.23 -20.33
N GLY B 432 -25.06 24.37 -21.03
CA GLY B 432 -25.40 23.57 -22.22
C GLY B 432 -25.59 24.44 -23.47
N VAL B 433 -25.94 23.83 -24.60
CA VAL B 433 -26.09 24.59 -25.86
C VAL B 433 -27.15 25.68 -25.67
N GLY B 434 -26.84 26.88 -26.14
CA GLY B 434 -27.72 28.03 -25.98
C GLY B 434 -27.32 29.00 -24.87
N ASP B 435 -26.61 28.50 -23.85
CA ASP B 435 -26.18 29.30 -22.71
C ASP B 435 -25.04 30.23 -23.08
N ASN B 436 -24.95 31.33 -22.33
CA ASN B 436 -23.95 32.34 -22.56
C ASN B 436 -23.33 32.83 -21.25
N VAL B 437 -22.77 31.89 -20.48
CA VAL B 437 -22.13 32.18 -19.19
C VAL B 437 -21.07 33.26 -19.37
N THR B 438 -21.09 34.23 -18.47
CA THR B 438 -20.34 35.46 -18.67
C THR B 438 -19.79 35.92 -17.33
N ILE B 439 -18.53 36.27 -17.34
CA ILE B 439 -17.75 36.62 -16.15
C ILE B 439 -17.08 37.98 -16.33
N ARG B 440 -16.99 38.73 -15.24
CA ARG B 440 -16.29 40.01 -15.24
C ARG B 440 -15.25 40.08 -14.12
N PHE B 441 -14.12 40.69 -14.43
CA PHE B 441 -13.10 41.00 -13.44
C PHE B 441 -12.27 42.23 -13.82
N CYS B 442 -11.35 42.61 -12.93
CA CYS B 442 -10.46 43.75 -13.12
C CYS B 442 -9.00 43.35 -13.20
N THR B 443 -8.30 43.94 -14.17
CA THR B 443 -6.91 43.63 -14.37
C THR B 443 -5.98 44.31 -13.37
N ASP B 444 -5.95 43.80 -12.13
CA ASP B 444 -5.06 44.36 -11.09
C ASP B 444 -3.91 43.41 -10.71
N ASN B 445 -3.57 42.47 -11.58
CA ASN B 445 -2.64 41.42 -11.22
C ASN B 445 -1.79 40.98 -12.41
N PRO B 446 -0.62 41.63 -12.59
CA PRO B 446 0.24 41.39 -13.77
C PRO B 446 0.84 39.98 -13.82
N GLY B 447 0.75 39.38 -14.99
CA GLY B 447 1.27 38.04 -15.21
C GLY B 447 0.41 37.19 -16.13
N PRO B 448 1.01 36.11 -16.65
CA PRO B 448 0.31 35.13 -17.47
C PRO B 448 -0.58 34.23 -16.61
N TRP B 449 -1.87 34.28 -16.89
CA TRP B 449 -2.86 33.56 -16.11
C TRP B 449 -3.61 32.60 -16.98
N PHE B 450 -3.66 31.35 -16.53
CA PHE B 450 -4.28 30.28 -17.28
C PHE B 450 -5.81 30.35 -17.19
N LEU B 451 -6.48 30.20 -18.33
CA LEU B 451 -7.92 30.09 -18.39
C LEU B 451 -8.20 28.75 -19.02
N HIS B 452 -8.89 27.86 -18.32
CA HIS B 452 -9.14 26.52 -18.88
C HIS B 452 -10.36 25.83 -18.31
N CYS B 453 -10.92 24.90 -19.07
CA CYS B 453 -11.85 23.92 -18.53
C CYS B 453 -11.08 23.09 -17.47
N HIS B 454 -11.77 22.71 -16.40
CA HIS B 454 -11.08 22.04 -15.31
C HIS B 454 -11.29 20.55 -15.29
N ILE B 455 -11.96 20.05 -16.34
CA ILE B 455 -11.99 18.61 -16.62
C ILE B 455 -10.58 18.32 -17.15
N ASP B 456 -9.78 17.60 -16.36
CA ASP B 456 -8.37 17.50 -16.67
C ASP B 456 -8.14 16.82 -18.02
N TRP B 457 -9.08 15.97 -18.43
CA TRP B 457 -8.99 15.27 -19.71
C TRP B 457 -9.14 16.23 -20.89
N HIS B 458 -10.00 17.25 -20.73
CA HIS B 458 -10.20 18.31 -21.73
C HIS B 458 -9.02 19.26 -21.81
N LEU B 459 -8.48 19.63 -20.65
CA LEU B 459 -7.26 20.41 -20.61
C LEU B 459 -6.10 19.71 -21.35
N ASP B 460 -5.83 18.43 -21.06
CA ASP B 460 -4.75 17.76 -21.83
C ASP B 460 -5.09 17.74 -23.34
N ALA B 461 -6.37 17.72 -23.69
CA ALA B 461 -6.77 17.74 -25.10
C ALA B 461 -6.83 19.14 -25.75
N GLY B 462 -6.44 20.15 -24.98
CA GLY B 462 -6.23 21.53 -25.50
C GLY B 462 -7.16 22.67 -25.11
N PHE B 463 -8.09 22.44 -24.18
CA PHE B 463 -9.15 23.40 -23.85
C PHE B 463 -8.64 24.50 -22.90
N ALA B 464 -7.79 25.38 -23.42
CA ALA B 464 -7.08 26.32 -22.58
C ALA B 464 -6.55 27.50 -23.40
N ILE B 465 -6.34 28.64 -22.75
CA ILE B 465 -5.57 29.77 -23.31
C ILE B 465 -4.91 30.53 -22.19
N VAL B 466 -4.06 31.47 -22.55
CA VAL B 466 -3.34 32.27 -21.58
C VAL B 466 -3.75 33.74 -21.72
N PHE B 467 -4.26 34.30 -20.62
CA PHE B 467 -4.39 35.74 -20.47
C PHE B 467 -3.07 36.28 -19.93
N ALA B 468 -2.25 36.85 -20.81
CA ALA B 468 -1.07 37.60 -20.37
C ALA B 468 -1.51 39.01 -19.91
N GLU B 469 -1.63 39.16 -18.60
CA GLU B 469 -2.16 40.38 -18.01
C GLU B 469 -1.00 41.34 -17.72
N ASP B 470 -1.14 42.58 -18.23
CA ASP B 470 -0.15 43.65 -18.07
C ASP B 470 1.23 43.15 -18.40
N ILE B 471 1.40 42.71 -19.66
CA ILE B 471 2.71 42.25 -20.11
C ILE B 471 3.86 43.22 -19.80
N PRO B 472 3.67 44.56 -20.01
CA PRO B 472 4.76 45.48 -19.69
C PRO B 472 5.18 45.52 -18.20
N ASN B 473 4.26 45.38 -17.26
CA ASN B 473 4.66 45.44 -15.84
C ASN B 473 4.98 44.06 -15.24
N THR B 474 4.90 43.01 -16.05
CA THR B 474 5.01 41.64 -15.56
C THR B 474 6.30 41.32 -14.81
N ALA B 475 7.43 41.69 -15.40
CA ALA B 475 8.76 41.40 -14.84
C ALA B 475 9.05 42.04 -13.48
N SER B 476 8.64 43.29 -13.33
CA SER B 476 8.94 44.08 -12.13
C SER B 476 7.99 43.71 -11.05
N ALA B 477 6.76 43.41 -11.46
CA ALA B 477 5.71 43.01 -10.52
C ALA B 477 6.01 41.63 -9.92
N ASN B 478 6.67 40.77 -10.69
CA ASN B 478 6.96 39.40 -10.24
C ASN B 478 8.45 39.08 -10.22
N PRO B 479 9.26 39.77 -9.40
CA PRO B 479 10.65 39.33 -9.27
C PRO B 479 10.69 37.86 -8.87
N VAL B 480 11.59 37.10 -9.50
CA VAL B 480 11.65 35.64 -9.40
C VAL B 480 12.87 35.19 -8.59
N PRO B 481 12.75 34.06 -7.85
CA PRO B 481 13.97 33.58 -7.16
C PRO B 481 14.90 32.77 -8.08
N GLU B 482 16.16 32.62 -7.67
CA GLU B 482 17.18 31.91 -8.47
C GLU B 482 16.76 30.48 -8.81
N ALA B 483 16.07 29.85 -7.87
CA ALA B 483 15.67 28.45 -8.01
C ALA B 483 14.63 28.30 -9.12
N TRP B 484 13.74 29.27 -9.23
CA TRP B 484 12.79 29.31 -10.34
C TRP B 484 13.58 29.45 -11.63
N SER B 485 14.49 30.42 -11.67
CA SER B 485 15.41 30.63 -12.80
C SER B 485 16.20 29.39 -13.19
N ASN B 486 16.50 28.53 -12.21
CA ASN B 486 17.16 27.26 -12.48
C ASN B 486 16.26 26.15 -13.01
N LEU B 487 14.93 26.30 -12.87
CA LEU B 487 13.99 25.22 -13.20
C LEU B 487 14.13 24.67 -14.61
N CYS B 488 14.09 25.57 -15.59
CA CYS B 488 14.09 25.19 -17.02
C CYS B 488 15.40 24.63 -17.57
N PRO B 489 16.55 25.27 -17.23
CA PRO B 489 17.83 24.66 -17.59
C PRO B 489 17.92 23.22 -17.06
N SER B 490 17.44 23.00 -15.84
CA SER B 490 17.54 21.67 -15.24
C SER B 490 16.63 20.67 -15.93
N TYR B 491 15.40 21.11 -16.22
CA TYR B 491 14.40 20.29 -16.88
C TYR B 491 14.80 19.98 -18.32
N ASP B 492 15.21 21.02 -19.05
CA ASP B 492 15.65 20.88 -20.43
C ASP B 492 16.85 19.93 -20.52
N SER B 493 17.82 20.09 -19.61
CA SER B 493 19.00 19.22 -19.56
C SER B 493 18.60 17.76 -19.32
N ALA B 494 17.69 17.51 -18.36
CA ALA B 494 17.26 16.15 -18.04
C ALA B 494 16.50 15.49 -19.19
N HIS B 495 15.80 16.31 -19.98
CA HIS B 495 15.01 15.80 -21.11
C HIS B 495 15.71 16.00 -22.47
N VAL C 1 -8.91 -4.27 -15.86
CA VAL C 1 -8.43 -3.31 -16.92
C VAL C 1 -7.64 -4.08 -17.95
N GLN C 2 -7.76 -3.67 -19.21
CA GLN C 2 -7.12 -4.35 -20.34
C GLN C 2 -6.16 -3.50 -21.17
N ILE C 3 -5.08 -4.14 -21.62
CA ILE C 3 -4.05 -3.63 -22.52
C ILE C 3 -3.59 -4.93 -23.18
N GLY C 4 -2.86 -4.96 -24.29
CA GLY C 4 -2.49 -3.85 -25.15
C GLY C 4 -3.27 -3.98 -26.44
N PRO C 5 -2.79 -4.68 -27.48
CA PRO C 5 -1.56 -5.48 -27.64
C PRO C 5 -0.23 -4.72 -27.80
N VAL C 6 -0.30 -3.43 -28.12
CA VAL C 6 0.87 -2.58 -28.07
C VAL C 6 0.76 -1.80 -26.76
N THR C 7 1.70 -2.04 -25.84
CA THR C 7 1.58 -1.45 -24.50
C THR C 7 2.93 -1.37 -23.77
N ASP C 8 3.04 -0.44 -22.83
CA ASP C 8 4.08 -0.46 -21.81
C ASP C 8 3.62 -1.40 -20.70
N LEU C 9 4.56 -2.04 -20.02
CA LEU C 9 4.22 -2.82 -18.83
C LEU C 9 5.34 -2.51 -17.85
N HIS C 10 5.05 -1.65 -16.86
CA HIS C 10 6.05 -1.30 -15.85
C HIS C 10 6.07 -2.36 -14.75
N ILE C 11 7.26 -2.78 -14.35
CA ILE C 11 7.43 -3.74 -13.27
C ILE C 11 7.92 -2.99 -12.03
N VAL C 12 7.05 -2.87 -11.04
CA VAL C 12 7.39 -2.11 -9.83
C VAL C 12 7.19 -2.94 -8.56
N ASN C 13 7.71 -2.41 -7.46
CA ASN C 13 7.51 -2.97 -6.14
C ASN C 13 6.43 -2.15 -5.48
N ALA C 14 5.54 -2.81 -4.74
CA ALA C 14 4.51 -2.15 -3.94
C ALA C 14 4.16 -3.08 -2.79
N ASP C 15 3.79 -2.52 -1.65
CA ASP C 15 3.16 -3.34 -0.62
C ASP C 15 1.69 -3.41 -0.94
N ILE C 16 1.11 -4.59 -0.71
CA ILE C 16 -0.28 -4.87 -0.97
C ILE C 16 -0.74 -5.74 0.20
N VAL C 17 -2.06 -5.74 0.44
CA VAL C 17 -2.69 -6.48 1.53
C VAL C 17 -3.99 -7.20 1.10
N PRO C 18 -3.88 -8.08 0.08
CA PRO C 18 -5.11 -8.65 -0.48
C PRO C 18 -5.98 -9.39 0.56
N ASP C 19 -5.36 -9.92 1.60
CA ASP C 19 -6.10 -10.62 2.66
C ASP C 19 -6.07 -9.89 4.02
N GLY C 20 -5.77 -8.60 4.02
CA GLY C 20 -5.59 -7.85 5.28
C GLY C 20 -4.18 -7.78 5.86
N PHE C 21 -3.24 -8.54 5.30
CA PHE C 21 -1.84 -8.59 5.80
C PHE C 21 -0.91 -7.91 4.80
N VAL C 22 -0.37 -6.75 5.20
CA VAL C 22 0.53 -6.03 4.33
C VAL C 22 1.87 -6.75 4.20
N ARG C 23 2.32 -6.87 2.96
CA ARG C 23 3.62 -7.40 2.61
C ARG C 23 4.03 -6.86 1.25
N PRO C 24 5.35 -6.86 0.94
CA PRO C 24 5.90 -6.44 -0.37
C PRO C 24 5.44 -7.37 -1.51
N ALA C 25 5.38 -6.83 -2.71
CA ALA C 25 5.02 -7.61 -3.90
C ALA C 25 5.90 -7.14 -5.07
N VAL C 26 5.90 -7.94 -6.14
CA VAL C 26 6.45 -7.53 -7.39
C VAL C 26 5.24 -7.42 -8.32
N ASN C 27 4.97 -6.23 -8.85
CA ASN C 27 3.79 -6.03 -9.69
C ASN C 27 4.13 -5.73 -11.12
N ALA C 28 3.35 -6.32 -12.02
CA ALA C 28 3.35 -5.94 -13.43
C ALA C 28 2.18 -4.98 -13.61
N GLY C 29 2.42 -3.87 -14.28
CA GLY C 29 1.38 -2.87 -14.51
C GLY C 29 0.66 -2.34 -13.28
N GLY C 30 1.32 -2.44 -12.12
CA GLY C 30 0.89 -1.78 -10.90
C GLY C 30 -0.29 -2.34 -10.13
N THR C 31 -0.77 -3.53 -10.51
CA THR C 31 -1.92 -4.12 -9.84
C THR C 31 -1.68 -5.57 -9.48
N PHE C 32 -2.49 -6.10 -8.57
CA PHE C 32 -2.55 -7.57 -8.35
C PHE C 32 -3.94 -8.15 -8.54
N PRO C 33 -4.09 -9.11 -9.48
CA PRO C 33 -3.09 -9.47 -10.48
C PRO C 33 -2.82 -8.33 -11.45
N GLY C 34 -1.77 -8.51 -12.26
CA GLY C 34 -1.43 -7.52 -13.28
C GLY C 34 -2.61 -7.29 -14.23
N PRO C 35 -2.58 -6.20 -15.00
CA PRO C 35 -3.69 -6.02 -15.94
C PRO C 35 -3.79 -7.17 -16.98
N VAL C 36 -4.98 -7.41 -17.51
CA VAL C 36 -5.15 -8.34 -18.61
C VAL C 36 -4.45 -7.80 -19.85
N ILE C 37 -3.47 -8.54 -20.34
CA ILE C 37 -2.87 -8.22 -21.62
C ILE C 37 -3.76 -8.89 -22.70
N ALA C 38 -4.18 -8.11 -23.70
CA ALA C 38 -5.20 -8.57 -24.63
C ALA C 38 -5.07 -8.05 -26.07
N GLY C 39 -5.54 -8.89 -26.99
CA GLY C 39 -5.63 -8.55 -28.42
C GLY C 39 -6.47 -9.58 -29.14
N ASN C 40 -6.49 -9.49 -30.47
CA ASN C 40 -7.13 -10.49 -31.33
C ASN C 40 -6.15 -11.47 -31.94
N VAL C 41 -6.66 -12.56 -32.53
CA VAL C 41 -5.83 -13.55 -33.24
C VAL C 41 -5.00 -12.88 -34.33
N GLY C 42 -3.75 -13.30 -34.45
CA GLY C 42 -2.85 -12.73 -35.44
C GLY C 42 -2.52 -11.25 -35.24
N ASP C 43 -2.76 -10.70 -34.04
CA ASP C 43 -2.24 -9.39 -33.69
C ASP C 43 -0.74 -9.46 -33.44
N ASN C 44 -0.06 -8.35 -33.67
CA ASN C 44 1.33 -8.23 -33.29
C ASN C 44 1.34 -7.67 -31.86
N PHE C 45 1.93 -8.42 -30.93
CA PHE C 45 2.09 -7.96 -29.56
C PHE C 45 3.44 -7.27 -29.40
N GLN C 46 3.42 -6.07 -28.85
CA GLN C 46 4.63 -5.33 -28.59
C GLN C 46 4.54 -4.84 -27.15
N ILE C 47 5.08 -5.65 -26.24
CA ILE C 47 4.99 -5.36 -24.81
C ILE C 47 6.33 -4.81 -24.34
N VAL C 48 6.40 -3.49 -24.15
CA VAL C 48 7.62 -2.89 -23.64
C VAL C 48 7.62 -3.02 -22.11
N THR C 49 8.53 -3.84 -21.59
CA THR C 49 8.61 -4.09 -20.16
C THR C 49 9.70 -3.23 -19.52
N PHE C 50 9.28 -2.33 -18.63
CA PHE C 50 10.21 -1.47 -17.92
C PHE C 50 10.45 -2.03 -16.52
N ASN C 51 11.69 -2.44 -16.26
CA ASN C 51 12.08 -2.89 -14.95
C ASN C 51 12.43 -1.71 -14.04
N GLN C 52 11.55 -1.45 -13.08
CA GLN C 52 11.78 -0.41 -12.08
C GLN C 52 11.89 -0.99 -10.66
N LEU C 53 12.16 -2.29 -10.56
CA LEU C 53 12.30 -2.98 -9.27
C LEU C 53 13.43 -2.45 -8.37
N ILE C 54 13.16 -2.30 -7.07
CA ILE C 54 14.21 -1.84 -6.14
C ILE C 54 14.42 -2.76 -4.94
N GLU C 55 13.42 -3.56 -4.61
CA GLU C 55 13.49 -4.39 -3.41
C GLU C 55 14.14 -5.73 -3.69
N CYS C 56 15.39 -5.85 -3.28
CA CYS C 56 16.17 -7.04 -3.56
C CYS C 56 15.66 -8.30 -2.87
N SER C 57 14.84 -8.13 -1.81
CA SER C 57 14.21 -9.26 -1.10
C SER C 57 13.47 -10.17 -2.06
N MET C 58 12.99 -9.59 -3.16
CA MET C 58 12.24 -10.30 -4.18
C MET C 58 12.96 -10.38 -5.55
N LEU C 59 14.23 -9.97 -5.54
CA LEU C 59 15.07 -9.83 -6.74
C LEU C 59 14.67 -8.60 -7.56
N VAL C 60 15.67 -7.83 -7.97
CA VAL C 60 15.39 -6.67 -8.79
C VAL C 60 15.53 -6.92 -10.28
N ASP C 61 15.95 -8.13 -10.65
CA ASP C 61 15.94 -8.56 -12.05
C ASP C 61 14.60 -9.19 -12.36
N THR C 62 14.22 -9.24 -13.64
CA THR C 62 12.97 -9.92 -13.99
C THR C 62 13.06 -10.51 -15.41
N SER C 63 12.14 -11.40 -15.70
CA SER C 63 11.97 -11.93 -17.06
C SER C 63 10.58 -12.51 -17.08
N ILE C 64 9.86 -12.21 -18.15
CA ILE C 64 8.42 -12.50 -18.27
C ILE C 64 8.13 -13.53 -19.35
N HIS C 65 7.33 -14.53 -19.00
CA HIS C 65 6.84 -15.54 -19.93
C HIS C 65 5.36 -15.35 -20.20
N TRP C 66 4.96 -15.55 -21.47
CA TRP C 66 3.59 -15.45 -21.95
C TRP C 66 3.13 -16.91 -22.08
N HIS C 67 2.41 -17.38 -21.05
CA HIS C 67 2.15 -18.82 -20.91
C HIS C 67 1.11 -19.36 -21.89
N GLY C 68 1.54 -20.27 -22.75
CA GLY C 68 0.67 -20.90 -23.72
C GLY C 68 0.84 -20.37 -25.16
N GLU C 69 1.53 -19.23 -25.32
CA GLU C 69 1.90 -18.68 -26.66
C GLU C 69 3.07 -19.42 -27.27
N PHE C 70 2.87 -20.01 -28.45
CA PHE C 70 3.89 -20.84 -29.10
C PHE C 70 5.24 -20.14 -29.41
N GLN C 71 5.21 -18.81 -29.52
CA GLN C 71 6.39 -18.03 -29.93
C GLN C 71 7.19 -18.58 -31.14
N LYS C 72 6.52 -19.18 -32.11
CA LYS C 72 7.21 -19.66 -33.31
C LYS C 72 7.84 -18.47 -34.02
N GLY C 73 9.14 -18.55 -34.28
CA GLY C 73 9.88 -17.43 -34.89
C GLY C 73 10.49 -16.46 -33.88
N THR C 74 9.94 -16.47 -32.67
CA THR C 74 10.33 -15.54 -31.61
C THR C 74 10.62 -16.24 -30.29
N ASN C 75 11.36 -17.35 -30.35
CA ASN C 75 11.72 -18.12 -29.14
C ASN C 75 12.42 -17.27 -28.09
N TRP C 76 13.13 -16.23 -28.56
CA TRP C 76 13.84 -15.25 -27.73
C TRP C 76 12.91 -14.40 -26.88
N ALA C 77 11.61 -14.41 -27.18
CA ALA C 77 10.66 -13.61 -26.41
C ALA C 77 9.89 -14.48 -25.42
N ASP C 78 10.29 -15.74 -25.27
CA ASP C 78 9.54 -16.70 -24.46
C ASP C 78 9.59 -16.42 -22.94
N GLY C 79 10.74 -15.99 -22.40
CA GLY C 79 10.80 -15.51 -21.04
C GLY C 79 11.52 -16.28 -19.94
N PRO C 80 11.61 -17.63 -20.05
CA PRO C 80 12.30 -18.41 -18.98
C PRO C 80 13.79 -18.05 -18.83
N ALA C 81 14.12 -17.40 -17.72
CA ALA C 81 15.49 -17.02 -17.42
C ALA C 81 16.46 -18.18 -17.66
N PHE C 82 17.49 -17.90 -18.47
CA PHE C 82 18.58 -18.85 -18.73
C PHE C 82 18.19 -20.01 -19.66
N ILE C 83 16.96 -19.95 -20.17
CA ILE C 83 16.54 -20.87 -21.19
C ILE C 83 16.51 -20.11 -22.50
N THR C 84 15.78 -19.00 -22.53
CA THR C 84 15.72 -18.20 -23.74
C THR C 84 16.30 -16.79 -23.62
N GLN C 85 16.57 -16.36 -22.39
CA GLN C 85 17.17 -15.04 -22.15
C GLN C 85 17.88 -14.93 -20.82
N CYS C 86 18.75 -13.92 -20.71
CA CYS C 86 19.17 -13.44 -19.40
C CYS C 86 18.09 -12.47 -18.87
N PRO C 87 17.92 -12.37 -17.53
CA PRO C 87 16.97 -11.43 -16.96
C PRO C 87 17.24 -9.99 -17.39
N ILE C 88 16.17 -9.19 -17.45
CA ILE C 88 16.28 -7.75 -17.51
C ILE C 88 16.72 -7.22 -16.13
N ILE C 89 17.69 -6.30 -16.13
CA ILE C 89 18.14 -5.66 -14.89
C ILE C 89 17.37 -4.40 -14.62
N VAL C 90 17.28 -4.03 -13.36
CA VAL C 90 16.53 -2.84 -12.99
C VAL C 90 17.06 -1.57 -13.68
N GLY C 91 16.13 -0.74 -14.14
CA GLY C 91 16.43 0.53 -14.81
C GLY C 91 16.50 0.37 -16.31
N ASN C 92 16.42 -0.88 -16.77
CA ASN C 92 16.40 -1.19 -18.18
C ASN C 92 15.02 -1.66 -18.59
N SER C 93 14.73 -1.56 -19.88
CA SER C 93 13.53 -2.13 -20.47
C SER C 93 13.87 -3.11 -21.59
N PHE C 94 12.85 -3.81 -22.08
CA PHE C 94 13.02 -4.81 -23.13
C PHE C 94 11.67 -4.95 -23.80
N SER C 95 11.65 -4.91 -25.13
CA SER C 95 10.40 -5.07 -25.88
C SER C 95 10.18 -6.54 -26.26
N TYR C 96 9.15 -7.14 -25.69
CA TYR C 96 8.72 -8.46 -26.09
C TYR C 96 7.77 -8.29 -27.28
N ASN C 97 8.28 -8.66 -28.45
CA ASN C 97 7.61 -8.46 -29.74
C ASN C 97 7.31 -9.77 -30.36
N PHE C 98 6.03 -10.09 -30.52
CA PHE C 98 5.70 -11.39 -31.08
C PHE C 98 4.33 -11.41 -31.70
N ASN C 99 4.05 -12.44 -32.46
CA ASN C 99 2.72 -12.60 -33.04
C ASN C 99 2.04 -13.83 -32.46
N VAL C 100 0.69 -13.88 -32.50
CA VAL C 100 -0.04 -15.10 -32.11
C VAL C 100 -0.82 -15.77 -33.27
N PRO C 101 -0.11 -16.20 -34.35
CA PRO C 101 -0.89 -16.79 -35.43
C PRO C 101 -1.52 -18.14 -35.01
N GLY C 102 -2.80 -18.32 -35.32
CA GLY C 102 -3.49 -19.59 -35.14
C GLY C 102 -3.79 -19.99 -33.71
N MET C 103 -3.87 -19.00 -32.82
CA MET C 103 -4.17 -19.25 -31.41
C MET C 103 -5.18 -18.25 -30.93
N ALA C 104 -6.13 -18.70 -30.15
CA ALA C 104 -7.05 -17.79 -29.46
C ALA C 104 -7.51 -18.53 -28.22
N GLY C 105 -7.76 -17.80 -27.15
CA GLY C 105 -8.30 -18.41 -25.94
C GLY C 105 -7.75 -17.70 -24.74
N THR C 106 -7.67 -18.43 -23.63
CA THR C 106 -7.36 -17.83 -22.35
C THR C 106 -5.93 -18.25 -21.94
N TYR C 107 -5.06 -17.27 -21.77
CA TYR C 107 -3.68 -17.52 -21.30
C TYR C 107 -3.35 -16.68 -20.07
N TRP C 108 -2.07 -16.60 -19.69
CA TRP C 108 -1.62 -15.69 -18.64
C TRP C 108 -0.13 -15.43 -18.84
N TYR C 109 0.41 -14.45 -18.12
CA TYR C 109 1.84 -14.13 -18.14
C TYR C 109 2.33 -14.08 -16.69
N HIS C 110 3.61 -14.38 -16.50
CA HIS C 110 4.18 -14.39 -15.17
C HIS C 110 5.69 -14.31 -15.25
N SER C 111 6.29 -13.74 -14.22
CA SER C 111 7.72 -13.85 -14.06
C SER C 111 8.19 -15.31 -14.28
N HIS C 112 9.32 -15.45 -14.96
CA HIS C 112 9.89 -16.80 -15.15
C HIS C 112 11.36 -16.79 -14.71
N LEU C 113 11.62 -16.02 -13.64
CA LEU C 113 12.92 -15.98 -12.94
C LEU C 113 12.71 -16.46 -11.49
N THR C 114 13.46 -17.48 -11.09
CA THR C 114 13.30 -18.14 -9.79
C THR C 114 11.81 -18.29 -9.37
N THR C 115 11.47 -17.95 -8.13
CA THR C 115 10.10 -18.06 -7.67
C THR C 115 9.41 -16.71 -7.62
N GLN C 116 9.79 -15.79 -8.51
CA GLN C 116 9.31 -14.41 -8.42
C GLN C 116 7.82 -14.19 -8.71
N TYR C 117 7.21 -15.04 -9.52
CA TYR C 117 5.80 -14.80 -9.83
C TYR C 117 4.88 -15.05 -8.62
N CYS C 118 5.33 -15.92 -7.70
CA CYS C 118 4.69 -16.08 -6.40
C CYS C 118 4.63 -14.74 -5.65
N ASP C 119 5.68 -13.94 -5.78
CA ASP C 119 5.74 -12.62 -5.13
C ASP C 119 4.89 -11.55 -5.81
N GLY C 120 4.15 -11.90 -6.86
CA GLY C 120 3.11 -11.01 -7.36
C GLY C 120 2.96 -10.82 -8.87
N LEU C 121 3.99 -11.17 -9.63
CA LEU C 121 4.05 -10.79 -11.07
C LEU C 121 3.34 -11.84 -11.91
N ARG C 122 2.03 -11.77 -11.93
CA ARG C 122 1.23 -12.73 -12.67
C ARG C 122 -0.06 -11.98 -13.01
N GLY C 123 -0.54 -12.17 -14.24
CA GLY C 123 -1.79 -11.54 -14.72
C GLY C 123 -2.39 -12.38 -15.84
N PRO C 124 -3.65 -12.11 -16.22
CA PRO C 124 -4.30 -12.81 -17.31
C PRO C 124 -3.84 -12.30 -18.67
N PHE C 125 -3.97 -13.15 -19.70
CA PHE C 125 -3.54 -12.79 -21.04
C PHE C 125 -4.56 -13.44 -21.95
N VAL C 126 -5.31 -12.65 -22.70
CA VAL C 126 -6.43 -13.21 -23.47
C VAL C 126 -6.28 -12.82 -24.94
N VAL C 127 -6.34 -13.81 -25.84
CA VAL C 127 -6.40 -13.55 -27.30
C VAL C 127 -7.83 -13.79 -27.81
N TYR C 128 -8.59 -12.71 -27.88
CA TYR C 128 -9.95 -12.77 -28.37
C TYR C 128 -9.98 -13.18 -29.85
N ASP C 129 -11.13 -13.70 -30.29
CA ASP C 129 -11.30 -14.18 -31.65
C ASP C 129 -12.60 -13.62 -32.17
N PRO C 130 -12.52 -12.63 -33.09
CA PRO C 130 -13.75 -12.04 -33.62
C PRO C 130 -14.71 -13.13 -34.13
N ASN C 131 -14.16 -14.21 -34.71
CA ASN C 131 -14.97 -15.32 -35.25
C ASN C 131 -14.94 -16.57 -34.39
N ASP C 132 -14.85 -16.36 -33.07
CA ASP C 132 -14.68 -17.43 -32.10
C ASP C 132 -15.78 -18.46 -32.34
N PRO C 133 -15.41 -19.72 -32.61
CA PRO C 133 -16.40 -20.76 -32.84
C PRO C 133 -17.46 -20.87 -31.75
N ASP C 134 -17.13 -20.44 -30.53
CA ASP C 134 -18.03 -20.59 -29.37
C ASP C 134 -18.86 -19.31 -29.07
N ALA C 135 -18.58 -18.21 -29.80
CA ALA C 135 -19.14 -16.87 -29.52
C ALA C 135 -20.64 -16.84 -29.31
N ASN C 136 -21.34 -17.65 -30.08
CA ASN C 136 -22.78 -17.61 -30.05
C ASN C 136 -23.34 -18.30 -28.80
N LEU C 137 -22.46 -18.89 -27.99
CA LEU C 137 -22.90 -19.65 -26.79
C LEU C 137 -23.09 -18.78 -25.54
N TYR C 138 -22.74 -17.50 -25.63
CA TYR C 138 -22.87 -16.58 -24.48
C TYR C 138 -23.10 -15.14 -24.95
N ASP C 139 -23.57 -14.30 -24.04
CA ASP C 139 -23.83 -12.89 -24.33
C ASP C 139 -22.68 -11.98 -23.90
N VAL C 140 -21.97 -12.36 -22.84
CA VAL C 140 -20.91 -11.50 -22.30
C VAL C 140 -19.56 -12.19 -22.28
N ASP C 141 -18.55 -11.49 -22.81
CA ASP C 141 -17.16 -11.93 -22.70
C ASP C 141 -16.26 -10.68 -22.65
N ASP C 142 -15.82 -10.30 -21.46
CA ASP C 142 -15.02 -9.07 -21.31
C ASP C 142 -14.20 -9.14 -20.02
N ASP C 143 -13.54 -8.05 -19.64
CA ASP C 143 -12.67 -8.06 -18.46
C ASP C 143 -13.38 -8.44 -17.15
N THR C 144 -14.69 -8.27 -17.11
CA THR C 144 -15.47 -8.63 -15.93
C THR C 144 -15.87 -10.13 -15.82
N THR C 145 -15.51 -10.94 -16.82
CA THR C 145 -15.79 -12.38 -16.85
C THR C 145 -14.49 -13.21 -16.73
N ILE C 146 -13.38 -12.52 -16.50
CA ILE C 146 -12.11 -13.15 -16.12
C ILE C 146 -12.10 -13.42 -14.62
N ILE C 147 -11.93 -14.70 -14.25
CA ILE C 147 -11.77 -15.13 -12.84
C ILE C 147 -10.34 -15.67 -12.59
N THR C 148 -9.53 -14.96 -11.79
CA THR C 148 -8.21 -15.51 -11.43
C THR C 148 -8.23 -16.23 -10.08
N LEU C 149 -7.60 -17.39 -10.02
CA LEU C 149 -7.36 -18.13 -8.75
C LEU C 149 -5.90 -18.09 -8.35
N ALA C 150 -5.58 -17.49 -7.20
CA ALA C 150 -4.20 -17.26 -6.77
C ALA C 150 -3.93 -17.78 -5.36
N ASP C 151 -2.82 -18.51 -5.18
CA ASP C 151 -2.30 -18.76 -3.83
C ASP C 151 -1.53 -17.54 -3.34
N TRP C 152 -1.76 -17.15 -2.09
CA TRP C 152 -1.05 -16.01 -1.53
C TRP C 152 -0.31 -16.36 -0.24
N TYR C 153 0.94 -15.87 -0.15
CA TYR C 153 1.87 -16.16 0.94
C TYR C 153 2.21 -14.96 1.81
N HIS C 154 2.30 -15.15 3.13
CA HIS C 154 2.82 -14.06 4.00
C HIS C 154 4.35 -14.11 4.13
N VAL C 155 4.92 -15.20 3.64
CA VAL C 155 6.36 -15.36 3.65
C VAL C 155 6.89 -15.05 2.27
N LEU C 156 7.87 -14.15 2.20
CA LEU C 156 8.58 -13.82 0.95
C LEU C 156 9.12 -15.05 0.20
N ALA C 157 8.95 -15.11 -1.12
CA ALA C 157 9.29 -16.33 -1.85
C ALA C 157 10.76 -16.75 -1.68
N LYS C 158 11.68 -15.79 -1.74
CA LYS C 158 13.11 -16.04 -1.55
C LYS C 158 13.41 -16.66 -0.19
N GLU C 159 12.50 -16.51 0.77
CA GLU C 159 12.78 -17.01 2.12
C GLU C 159 12.03 -18.29 2.47
N MET C 160 11.27 -18.80 1.50
CA MET C 160 10.83 -20.19 1.53
C MET C 160 12.11 -21.03 1.33
N GLY C 161 12.29 -22.14 2.04
CA GLY C 161 11.30 -22.86 2.80
C GLY C 161 11.37 -24.25 2.19
N ALA C 162 12.01 -24.38 1.01
CA ALA C 162 11.85 -25.57 0.16
C ALA C 162 13.14 -26.22 -0.39
N GLY C 163 13.05 -27.47 -0.88
CA GLY C 163 11.80 -28.24 -0.90
C GLY C 163 11.67 -29.27 0.22
N GLY C 164 10.66 -29.15 1.09
CA GLY C 164 9.54 -28.18 0.97
C GLY C 164 8.38 -28.84 0.24
N ALA C 165 7.21 -28.96 0.87
CA ALA C 165 6.89 -28.54 2.25
C ALA C 165 6.61 -27.01 2.41
N ILE C 166 5.83 -26.45 1.49
CA ILE C 166 5.49 -25.03 1.51
C ILE C 166 3.99 -24.86 1.37
N THR C 167 3.37 -24.03 2.23
CA THR C 167 1.92 -23.83 2.10
C THR C 167 1.52 -22.34 2.08
N ALA C 168 0.47 -22.05 1.32
CA ALA C 168 -0.08 -20.70 1.19
C ALA C 168 -0.80 -20.27 2.47
N ASP C 169 -1.15 -18.99 2.55
CA ASP C 169 -1.79 -18.43 3.73
C ASP C 169 -3.15 -17.88 3.37
N SER C 170 -3.42 -17.82 2.07
CA SER C 170 -4.78 -17.60 1.60
C SER C 170 -4.97 -17.77 0.12
N THR C 171 -6.25 -17.87 -0.25
CA THR C 171 -6.68 -17.99 -1.63
C THR C 171 -7.33 -16.66 -2.00
N LEU C 172 -6.86 -16.07 -3.11
CA LEU C 172 -7.41 -14.84 -3.66
C LEU C 172 -8.09 -15.16 -4.98
N ILE C 173 -9.37 -14.81 -5.04
CA ILE C 173 -10.17 -14.85 -6.24
C ILE C 173 -10.27 -13.38 -6.68
N ASP C 174 -9.87 -13.11 -7.93
CA ASP C 174 -9.72 -11.75 -8.46
C ASP C 174 -9.01 -10.83 -7.48
N GLY C 175 -7.90 -11.32 -6.91
CA GLY C 175 -7.04 -10.49 -6.07
C GLY C 175 -7.47 -10.27 -4.64
N LEU C 176 -8.61 -10.84 -4.24
CA LEU C 176 -9.11 -10.65 -2.87
C LEU C 176 -9.54 -11.98 -2.26
N GLY C 177 -9.30 -12.15 -0.96
CA GLY C 177 -9.60 -13.42 -0.29
C GLY C 177 -9.16 -13.34 1.15
N ARG C 178 -9.53 -14.30 1.98
CA ARG C 178 -9.26 -14.15 3.40
C ARG C 178 -8.19 -15.09 3.88
N THR C 179 -7.53 -14.72 4.95
CA THR C 179 -6.36 -15.44 5.45
C THR C 179 -6.78 -16.76 6.13
N HIS C 180 -5.98 -17.80 5.91
CA HIS C 180 -6.31 -19.15 6.43
C HIS C 180 -6.27 -19.17 7.95
N VAL C 181 -5.22 -18.62 8.55
CA VAL C 181 -5.13 -18.54 10.00
C VAL C 181 -5.56 -17.17 10.54
N ASN C 182 -6.29 -17.17 11.67
CA ASN C 182 -6.80 -15.90 12.27
C ASN C 182 -7.46 -14.99 11.23
N VAL C 183 -8.37 -15.62 10.49
CA VAL C 183 -9.12 -15.01 9.42
C VAL C 183 -9.75 -13.71 9.86
N ALA C 184 -9.29 -12.61 9.23
CA ALA C 184 -9.87 -11.29 9.47
C ALA C 184 -10.93 -11.08 8.40
N ALA C 185 -11.91 -10.22 8.69
CA ALA C 185 -13.06 -10.06 7.83
C ALA C 185 -12.82 -9.02 6.74
N VAL C 186 -11.90 -9.32 5.83
CA VAL C 186 -11.51 -8.43 4.74
C VAL C 186 -12.40 -8.62 3.51
N PRO C 187 -12.33 -7.68 2.54
CA PRO C 187 -13.29 -7.71 1.47
C PRO C 187 -13.09 -8.87 0.51
N LEU C 188 -14.22 -9.35 0.01
CA LEU C 188 -14.25 -10.46 -0.94
C LEU C 188 -14.62 -9.91 -2.29
N SER C 189 -14.07 -10.53 -3.33
CA SER C 189 -14.45 -10.24 -4.70
C SER C 189 -15.89 -10.59 -5.02
N VAL C 190 -16.48 -9.75 -5.90
CA VAL C 190 -17.82 -9.96 -6.41
C VAL C 190 -17.75 -10.19 -7.90
N ILE C 191 -18.56 -11.14 -8.36
CA ILE C 191 -18.82 -11.33 -9.79
C ILE C 191 -20.32 -11.22 -10.02
N THR C 192 -20.69 -10.25 -10.85
CA THR C 192 -22.07 -9.85 -11.03
C THR C 192 -22.59 -10.32 -12.38
N VAL C 193 -23.81 -10.86 -12.37
CA VAL C 193 -24.46 -11.40 -13.55
C VAL C 193 -25.86 -10.88 -13.51
N GLU C 194 -26.57 -10.94 -14.65
CA GLU C 194 -27.97 -10.51 -14.73
C GLU C 194 -28.77 -11.68 -15.25
N VAL C 195 -29.94 -11.95 -14.65
CA VAL C 195 -30.76 -13.08 -15.08
C VAL C 195 -31.01 -13.09 -16.61
N GLY C 196 -31.01 -14.30 -17.18
CA GLY C 196 -31.26 -14.48 -18.61
C GLY C 196 -30.04 -14.32 -19.50
N LYS C 197 -28.95 -13.82 -18.94
CA LYS C 197 -27.72 -13.63 -19.70
C LYS C 197 -26.78 -14.83 -19.51
N ARG C 198 -25.97 -15.08 -20.54
CA ARG C 198 -24.95 -16.13 -20.51
C ARG C 198 -23.58 -15.49 -20.58
N TYR C 199 -22.64 -16.08 -19.83
CA TYR C 199 -21.32 -15.49 -19.56
C TYR C 199 -20.20 -16.45 -19.89
N ARG C 200 -19.23 -15.99 -20.65
CA ARG C 200 -18.01 -16.77 -20.79
C ARG C 200 -17.09 -16.38 -19.64
N MET C 201 -17.12 -17.20 -18.59
CA MET C 201 -16.20 -17.06 -17.50
C MET C 201 -14.91 -17.71 -17.95
N ARG C 202 -13.84 -16.93 -17.90
CA ARG C 202 -12.52 -17.39 -18.27
C ARG C 202 -11.82 -17.63 -16.94
N LEU C 203 -11.76 -18.89 -16.52
CA LEU C 203 -11.13 -19.26 -15.27
C LEU C 203 -9.63 -19.49 -15.46
N VAL C 204 -8.82 -18.74 -14.71
CA VAL C 204 -7.38 -18.80 -14.84
C VAL C 204 -6.70 -19.17 -13.52
N SER C 205 -6.01 -20.29 -13.49
CA SER C 205 -5.18 -20.59 -12.32
C SER C 205 -3.86 -19.88 -12.51
N ILE C 206 -3.62 -18.88 -11.66
CA ILE C 206 -2.29 -18.24 -11.61
C ILE C 206 -1.51 -18.74 -10.37
N SER C 207 -1.84 -19.96 -9.92
CA SER C 207 -1.26 -20.61 -8.76
C SER C 207 0.22 -20.95 -8.88
N CYS C 208 0.97 -20.75 -7.79
CA CYS C 208 2.37 -21.19 -7.69
C CYS C 208 2.45 -22.62 -7.19
N ASP C 209 1.32 -23.17 -6.74
CA ASP C 209 1.35 -24.48 -6.10
C ASP C 209 -0.01 -25.18 -6.19
N PRO C 210 -0.95 -24.81 -5.29
CA PRO C 210 -2.14 -25.65 -5.15
C PRO C 210 -3.04 -25.72 -6.38
N ASN C 211 -3.77 -26.84 -6.47
CA ASN C 211 -4.88 -26.98 -7.39
C ASN C 211 -6.13 -26.65 -6.59
N TYR C 212 -7.16 -26.18 -7.26
CA TYR C 212 -8.37 -25.76 -6.59
C TYR C 212 -9.57 -26.55 -7.07
N ASP C 213 -10.47 -26.88 -6.14
CA ASP C 213 -11.76 -27.43 -6.49
C ASP C 213 -12.69 -26.25 -6.59
N PHE C 214 -13.11 -25.93 -7.81
CA PHE C 214 -13.87 -24.73 -8.11
C PHE C 214 -15.34 -25.06 -8.42
N SER C 215 -16.26 -24.34 -7.79
CA SER C 215 -17.67 -24.53 -8.00
C SER C 215 -18.43 -23.24 -7.67
N ILE C 216 -19.66 -23.13 -8.16
CA ILE C 216 -20.51 -22.01 -7.88
C ILE C 216 -21.83 -22.60 -7.41
N ASP C 217 -22.15 -22.38 -6.12
CA ASP C 217 -23.44 -22.79 -5.56
C ASP C 217 -24.63 -22.43 -6.46
N GLY C 218 -25.57 -23.37 -6.54
CA GLY C 218 -26.79 -23.23 -7.33
C GLY C 218 -26.61 -23.37 -8.84
N HIS C 219 -25.37 -23.46 -9.32
CA HIS C 219 -25.08 -23.31 -10.75
C HIS C 219 -24.19 -24.36 -11.33
N ASP C 220 -24.37 -24.59 -12.63
CA ASP C 220 -23.54 -25.47 -13.44
C ASP C 220 -22.61 -24.64 -14.27
N MET C 221 -21.66 -25.33 -14.89
CA MET C 221 -20.66 -24.69 -15.72
C MET C 221 -20.46 -25.56 -16.95
N THR C 222 -20.54 -24.95 -18.14
CA THR C 222 -20.33 -25.70 -19.39
C THR C 222 -18.99 -25.30 -20.01
N ILE C 223 -18.01 -26.21 -19.89
CA ILE C 223 -16.67 -26.00 -20.38
C ILE C 223 -16.65 -25.96 -21.91
N ILE C 224 -16.03 -24.91 -22.46
CA ILE C 224 -15.92 -24.70 -23.90
C ILE C 224 -14.47 -24.47 -24.42
N GLU C 225 -13.51 -24.37 -23.49
CA GLU C 225 -12.10 -24.12 -23.82
C GLU C 225 -11.25 -24.72 -22.71
N THR C 226 -10.08 -25.27 -23.06
CA THR C 226 -9.14 -25.70 -22.05
C THR C 226 -7.72 -25.36 -22.49
N ASP C 227 -7.05 -24.55 -21.67
CA ASP C 227 -5.70 -24.10 -21.94
C ASP C 227 -5.57 -23.49 -23.35
N GLY C 228 -6.56 -22.72 -23.81
CA GLY C 228 -6.51 -22.13 -25.16
C GLY C 228 -7.04 -23.03 -26.28
N VAL C 229 -7.43 -24.27 -25.94
CA VAL C 229 -7.96 -25.20 -26.94
C VAL C 229 -9.47 -25.32 -26.78
N ASP C 230 -10.20 -24.90 -27.82
CA ASP C 230 -11.67 -24.96 -27.82
C ASP C 230 -12.06 -26.41 -27.62
N SER C 231 -13.07 -26.62 -26.77
CA SER C 231 -13.58 -27.95 -26.49
C SER C 231 -15.04 -28.07 -26.92
N GLN C 232 -15.44 -29.31 -27.21
CA GLN C 232 -16.86 -29.71 -27.20
C GLN C 232 -17.42 -29.38 -25.83
N GLU C 233 -18.69 -28.98 -25.81
CA GLU C 233 -19.37 -28.59 -24.60
C GLU C 233 -19.47 -29.72 -23.56
N LEU C 234 -19.06 -29.42 -22.33
CA LEU C 234 -19.13 -30.38 -21.23
C LEU C 234 -19.58 -29.64 -20.01
N THR C 235 -20.79 -29.96 -19.56
CA THR C 235 -21.41 -29.34 -18.39
C THR C 235 -20.99 -30.11 -17.14
N VAL C 236 -20.39 -29.38 -16.20
CA VAL C 236 -19.91 -29.95 -14.95
C VAL C 236 -20.39 -29.08 -13.78
N ASP C 237 -20.38 -29.61 -12.56
CA ASP C 237 -20.74 -28.81 -11.38
C ASP C 237 -19.53 -28.49 -10.49
N GLU C 238 -18.35 -28.92 -10.93
CA GLU C 238 -17.12 -28.62 -10.20
C GLU C 238 -15.95 -28.80 -11.13
N ILE C 239 -14.94 -27.95 -11.00
CA ILE C 239 -13.73 -28.09 -11.81
C ILE C 239 -12.53 -28.17 -10.89
N GLN C 240 -11.76 -29.26 -10.97
CA GLN C 240 -10.44 -29.32 -10.32
C GLN C 240 -9.48 -28.74 -11.30
N ILE C 241 -8.88 -27.62 -10.93
CA ILE C 241 -8.01 -26.86 -11.85
C ILE C 241 -6.59 -26.76 -11.29
N PHE C 242 -5.62 -27.26 -12.04
CA PHE C 242 -4.25 -27.32 -11.56
C PHE C 242 -3.46 -26.08 -11.95
N ALA C 243 -2.32 -25.86 -11.28
CA ALA C 243 -1.60 -24.61 -11.45
C ALA C 243 -1.28 -24.37 -12.92
N ALA C 244 -1.45 -23.11 -13.34
CA ALA C 244 -1.25 -22.69 -14.73
C ALA C 244 -2.38 -23.06 -15.71
N GLN C 245 -3.32 -23.93 -15.35
CA GLN C 245 -4.38 -24.32 -16.29
C GLN C 245 -5.45 -23.23 -16.48
N ARG C 246 -6.16 -23.29 -17.59
CA ARG C 246 -7.26 -22.38 -17.86
C ARG C 246 -8.47 -23.14 -18.40
N TYR C 247 -9.65 -22.66 -18.01
CA TYR C 247 -10.91 -23.11 -18.59
C TYR C 247 -11.77 -21.91 -18.89
N SER C 248 -12.43 -21.95 -20.03
CA SER C 248 -13.56 -21.05 -20.21
C SER C 248 -14.81 -21.87 -20.00
N PHE C 249 -15.76 -21.30 -19.27
CA PHE C 249 -17.03 -22.00 -19.09
C PHE C 249 -18.16 -21.01 -19.23
N VAL C 250 -19.24 -21.45 -19.87
CA VAL C 250 -20.48 -20.66 -19.90
C VAL C 250 -21.19 -20.77 -18.54
N LEU C 251 -21.44 -19.60 -17.95
CA LEU C 251 -22.35 -19.49 -16.83
C LEU C 251 -23.67 -18.92 -17.37
N ASN C 252 -24.72 -19.72 -17.28
CA ASN C 252 -26.04 -19.26 -17.61
C ASN C 252 -26.67 -18.75 -16.32
N ALA C 253 -26.98 -17.45 -16.29
CA ALA C 253 -27.55 -16.83 -15.09
C ALA C 253 -29.05 -17.13 -15.01
N ASN C 254 -29.39 -18.37 -14.65
CA ASN C 254 -30.77 -18.86 -14.76
C ASN C 254 -31.39 -19.24 -13.42
N GLN C 255 -30.76 -18.83 -12.33
CA GLN C 255 -31.25 -19.10 -10.99
C GLN C 255 -31.95 -17.85 -10.45
N PRO C 256 -32.70 -17.98 -9.34
CA PRO C 256 -33.35 -16.82 -8.70
C PRO C 256 -32.33 -15.74 -8.38
N VAL C 257 -32.75 -14.49 -8.54
CA VAL C 257 -31.96 -13.34 -8.13
C VAL C 257 -31.56 -13.46 -6.66
N GLY C 258 -30.24 -13.48 -6.43
CA GLY C 258 -29.68 -13.58 -5.11
C GLY C 258 -28.17 -13.61 -5.13
N ASN C 259 -27.61 -14.16 -4.04
CA ASN C 259 -26.18 -14.17 -3.79
C ASN C 259 -25.75 -15.61 -3.65
N TYR C 260 -24.72 -16.01 -4.41
CA TYR C 260 -24.24 -17.40 -4.40
C TYR C 260 -22.76 -17.41 -4.12
N TRP C 261 -22.30 -18.34 -3.28
CA TRP C 261 -20.87 -18.50 -2.99
C TRP C 261 -20.11 -19.05 -4.18
N ILE C 262 -19.00 -18.39 -4.50
CA ILE C 262 -18.03 -18.92 -5.43
C ILE C 262 -17.00 -19.62 -4.57
N ARG C 263 -16.74 -20.90 -4.86
CA ARG C 263 -15.80 -21.70 -4.06
C ARG C 263 -14.55 -22.13 -4.86
N ALA C 264 -13.40 -22.10 -4.18
CA ALA C 264 -12.11 -22.55 -4.71
C ALA C 264 -11.29 -23.13 -3.56
N ASN C 265 -11.39 -24.46 -3.36
CA ASN C 265 -10.75 -25.22 -2.28
CA ASN C 265 -10.67 -25.14 -2.27
C ASN C 265 -9.38 -25.75 -2.77
N PRO C 266 -8.28 -25.27 -2.18
CA PRO C 266 -6.97 -25.75 -2.57
C PRO C 266 -6.67 -27.13 -1.95
N ASN C 267 -5.74 -27.87 -2.56
CA ASN C 267 -5.37 -29.18 -2.06
C ASN C 267 -4.56 -29.05 -0.77
N SER C 268 -3.93 -27.90 -0.58
CA SER C 268 -3.22 -27.63 0.68
C SER C 268 -3.55 -26.24 1.22
N GLY C 269 -3.12 -25.97 2.45
CA GLY C 269 -3.52 -24.77 3.20
C GLY C 269 -4.93 -24.97 3.73
N GLY C 270 -5.66 -23.86 3.91
CA GLY C 270 -6.95 -23.90 4.61
C GLY C 270 -8.05 -24.71 3.94
N GLU C 271 -8.61 -25.66 4.69
CA GLU C 271 -9.68 -26.55 4.23
C GLU C 271 -11.06 -25.99 4.62
N GLY C 272 -12.02 -26.05 3.70
CA GLY C 272 -13.33 -25.51 4.00
C GLY C 272 -13.38 -24.01 3.76
N PHE C 273 -14.45 -23.40 4.25
CA PHE C 273 -14.86 -22.04 3.87
C PHE C 273 -15.29 -21.18 5.09
N ASP C 274 -14.89 -21.58 6.29
CA ASP C 274 -15.32 -20.85 7.48
C ASP C 274 -14.82 -19.42 7.38
N GLY C 275 -15.67 -18.47 7.72
CA GLY C 275 -15.23 -17.07 7.77
C GLY C 275 -15.09 -16.47 6.40
N GLY C 276 -15.33 -17.28 5.37
CA GLY C 276 -15.34 -16.80 3.99
C GLY C 276 -13.97 -16.95 3.33
N ILE C 277 -13.15 -17.85 3.87
CA ILE C 277 -11.92 -18.22 3.16
C ILE C 277 -12.29 -19.00 1.90
N ASN C 278 -11.32 -19.12 1.00
CA ASN C 278 -11.51 -19.80 -0.28
C ASN C 278 -12.81 -19.41 -1.00
N SER C 279 -13.27 -18.16 -0.81
CA SER C 279 -14.58 -17.70 -1.32
C SER C 279 -14.57 -16.33 -2.06
N ALA C 280 -15.55 -16.18 -2.95
CA ALA C 280 -15.93 -14.93 -3.59
C ALA C 280 -17.44 -15.00 -3.73
N ILE C 281 -18.05 -13.94 -4.26
CA ILE C 281 -19.51 -13.87 -4.26
C ILE C 281 -20.03 -13.71 -5.69
N LEU C 282 -20.92 -14.60 -6.11
CA LEU C 282 -21.65 -14.42 -7.35
C LEU C 282 -22.92 -13.63 -7.02
N ARG C 283 -23.01 -12.41 -7.55
CA ARG C 283 -24.18 -11.58 -7.24
C ARG C 283 -25.00 -11.27 -8.49
N TYR C 284 -26.29 -11.54 -8.43
CA TYR C 284 -27.22 -11.15 -9.49
C TYR C 284 -27.57 -9.69 -9.34
N ASP C 285 -27.62 -8.97 -10.47
CA ASP C 285 -28.03 -7.58 -10.39
C ASP C 285 -29.47 -7.55 -9.87
N GLY C 286 -29.70 -6.75 -8.83
CA GLY C 286 -31.01 -6.69 -8.19
C GLY C 286 -31.03 -7.36 -6.84
N ALA C 287 -30.06 -8.23 -6.57
CA ALA C 287 -29.98 -8.97 -5.29
C ALA C 287 -29.67 -7.99 -4.16
N THR C 288 -30.06 -8.35 -2.94
CA THR C 288 -29.62 -7.62 -1.75
C THR C 288 -28.11 -7.72 -1.69
N THR C 289 -27.44 -6.64 -1.30
CA THR C 289 -26.01 -6.68 -1.13
C THR C 289 -25.75 -7.28 0.25
N ALA C 290 -25.54 -8.59 0.27
CA ALA C 290 -25.28 -9.32 1.50
C ALA C 290 -24.46 -10.55 1.14
N ASP C 291 -23.84 -11.17 2.13
CA ASP C 291 -23.12 -12.39 1.86
C ASP C 291 -24.09 -13.47 1.40
N PRO C 292 -23.66 -14.36 0.50
CA PRO C 292 -24.50 -15.52 0.21
C PRO C 292 -24.72 -16.37 1.47
N VAL C 293 -25.82 -17.13 1.50
CA VAL C 293 -26.06 -18.09 2.58
C VAL C 293 -26.31 -19.48 2.01
N THR C 294 -25.92 -19.67 0.76
CA THR C 294 -26.11 -20.92 0.06
C THR C 294 -25.14 -21.99 0.56
N VAL C 295 -25.43 -23.25 0.26
CA VAL C 295 -24.48 -24.33 0.51
C VAL C 295 -24.10 -25.00 -0.80
N ALA C 296 -22.89 -25.57 -0.87
CA ALA C 296 -22.54 -26.47 -1.96
C ALA C 296 -23.42 -27.72 -1.94
N SER C 297 -23.60 -28.36 -3.11
CA SER C 297 -24.20 -29.71 -3.11
C SER C 297 -23.43 -30.65 -2.15
N THR C 298 -24.18 -31.49 -1.44
CA THR C 298 -23.60 -32.53 -0.55
C THR C 298 -22.54 -33.34 -1.31
N VAL C 299 -22.88 -33.77 -2.51
CA VAL C 299 -21.95 -34.51 -3.34
C VAL C 299 -22.08 -33.97 -4.76
N HIS C 300 -20.95 -33.53 -5.31
CA HIS C 300 -20.94 -33.03 -6.70
C HIS C 300 -21.14 -34.18 -7.70
N THR C 301 -22.10 -34.00 -8.60
CA THR C 301 -22.59 -35.07 -9.46
C THR C 301 -21.87 -35.19 -10.80
N LYS C 302 -21.44 -34.07 -11.34
CA LYS C 302 -20.85 -34.07 -12.66
C LYS C 302 -19.50 -33.30 -12.65
N CYS C 303 -18.59 -33.69 -11.77
CA CYS C 303 -17.28 -33.03 -11.68
C CYS C 303 -16.39 -33.34 -12.87
N LEU C 304 -15.61 -32.34 -13.27
CA LEU C 304 -14.72 -32.49 -14.41
C LEU C 304 -13.82 -33.70 -14.27
N ILE C 305 -13.80 -34.53 -15.31
CA ILE C 305 -12.85 -35.63 -15.42
C ILE C 305 -12.22 -35.35 -16.76
N GLU C 306 -10.89 -35.37 -16.83
CA GLU C 306 -10.17 -34.92 -18.02
C GLU C 306 -10.45 -35.77 -19.27
N THR C 307 -10.76 -37.05 -19.07
CA THR C 307 -11.10 -37.93 -20.19
C THR C 307 -12.45 -37.59 -20.80
N ASP C 308 -13.26 -36.74 -20.14
CA ASP C 308 -14.55 -36.27 -20.72
C ASP C 308 -14.42 -35.05 -21.63
N LEU C 309 -13.25 -34.44 -21.65
CA LEU C 309 -13.04 -33.27 -22.53
C LEU C 309 -12.60 -33.74 -23.90
N HIS C 310 -13.07 -33.07 -24.96
CA HIS C 310 -12.56 -33.31 -26.32
C HIS C 310 -12.45 -32.02 -27.16
N PRO C 311 -11.45 -31.92 -28.06
CA PRO C 311 -11.35 -30.67 -28.84
C PRO C 311 -12.61 -30.41 -29.68
N LEU C 312 -12.95 -29.13 -29.83
CA LEU C 312 -14.07 -28.72 -30.67
C LEU C 312 -13.69 -29.03 -32.10
N SER C 313 -12.43 -28.79 -32.43
CA SER C 313 -11.86 -29.12 -33.73
C SER C 313 -11.62 -30.61 -33.82
N ARG C 314 -11.66 -31.15 -35.03
CA ARG C 314 -11.22 -32.54 -35.24
C ARG C 314 -9.68 -32.54 -35.18
N ASN C 315 -9.14 -32.65 -33.97
CA ASN C 315 -7.70 -32.59 -33.74
C ASN C 315 -6.98 -33.91 -33.87
N GLY C 316 -7.68 -35.00 -33.58
CA GLY C 316 -7.08 -36.34 -33.58
C GLY C 316 -5.89 -36.43 -32.64
N VAL C 317 -4.91 -37.26 -33.03
CA VAL C 317 -3.71 -37.54 -32.25
C VAL C 317 -2.61 -37.87 -33.24
N PRO C 318 -1.44 -37.24 -33.13
CA PRO C 318 -0.43 -37.64 -34.08
C PRO C 318 0.10 -39.04 -33.77
N GLY C 319 0.54 -39.76 -34.81
CA GLY C 319 1.17 -41.08 -34.65
C GLY C 319 0.24 -42.30 -34.71
N ASN C 320 0.55 -43.32 -33.93
CA ASN C 320 -0.08 -44.65 -33.99
C ASN C 320 -0.94 -45.01 -32.76
N PRO C 321 -2.05 -45.74 -32.97
CA PRO C 321 -2.98 -45.94 -31.86
C PRO C 321 -2.55 -47.02 -30.85
N HIS C 322 -1.29 -46.99 -30.40
CA HIS C 322 -0.84 -47.85 -29.32
C HIS C 322 0.27 -47.20 -28.52
N GLN C 323 0.53 -47.71 -27.32
CA GLN C 323 1.56 -47.14 -26.45
C GLN C 323 2.93 -47.26 -27.11
N GLY C 324 3.54 -46.11 -27.37
CA GLY C 324 4.85 -46.07 -28.04
C GLY C 324 4.77 -45.87 -29.55
N GLY C 325 3.55 -45.73 -30.07
CA GLY C 325 3.31 -45.48 -31.49
C GLY C 325 3.68 -44.09 -31.98
N ALA C 326 4.87 -43.62 -31.58
CA ALA C 326 5.41 -42.35 -32.07
C ALA C 326 6.86 -42.51 -32.51
N ASP C 327 7.33 -41.55 -33.32
CA ASP C 327 8.71 -41.54 -33.81
C ASP C 327 9.70 -41.62 -32.64
N CYS C 328 9.85 -40.50 -31.95
CA CYS C 328 10.77 -40.35 -30.82
C CYS C 328 9.95 -40.47 -29.52
N ASN C 329 9.81 -41.69 -29.00
CA ASN C 329 8.94 -41.92 -27.83
C ASN C 329 9.73 -41.98 -26.54
N LEU C 330 9.46 -41.00 -25.69
CA LEU C 330 10.20 -40.82 -24.47
C LEU C 330 9.42 -41.29 -23.26
N ASN C 331 10.16 -41.62 -22.23
CA ASN C 331 9.61 -42.06 -20.97
C ASN C 331 10.54 -41.47 -19.94
N LEU C 332 10.03 -40.55 -19.14
CA LEU C 332 10.90 -39.79 -18.25
C LEU C 332 10.85 -40.36 -16.83
N SER C 333 12.02 -40.52 -16.21
CA SER C 333 12.09 -40.90 -14.79
C SER C 333 12.08 -39.62 -13.97
N LEU C 334 10.92 -39.36 -13.37
CA LEU C 334 10.69 -38.16 -12.57
C LEU C 334 10.81 -38.58 -11.12
N GLY C 335 11.69 -37.90 -10.38
CA GLY C 335 11.95 -38.32 -9.02
C GLY C 335 12.23 -37.17 -8.10
N PHE C 336 12.28 -37.49 -6.80
CA PHE C 336 12.57 -36.53 -5.75
C PHE C 336 13.31 -37.21 -4.61
N ALA C 337 14.40 -36.58 -4.19
CA ALA C 337 15.13 -37.03 -3.01
C ALA C 337 16.15 -35.98 -2.56
N CYS C 338 16.30 -35.83 -1.25
CA CYS C 338 17.24 -34.88 -0.62
C CYS C 338 17.01 -33.45 -1.08
N GLY C 339 15.73 -33.03 -0.98
CA GLY C 339 15.29 -31.66 -1.25
C GLY C 339 15.35 -31.21 -2.69
N ASN C 340 15.54 -32.18 -3.60
CA ASN C 340 15.76 -31.92 -5.02
C ASN C 340 14.92 -32.81 -5.91
N PHE C 341 14.35 -32.23 -6.96
CA PHE C 341 13.62 -33.01 -7.97
C PHE C 341 14.54 -33.39 -9.10
N VAL C 342 14.32 -34.57 -9.66
CA VAL C 342 15.16 -35.06 -10.76
C VAL C 342 14.32 -35.46 -11.96
N ILE C 343 14.88 -35.28 -13.15
CA ILE C 343 14.28 -35.86 -14.36
C ILE C 343 15.40 -36.60 -15.09
N ASN C 344 15.26 -37.93 -15.15
CA ASN C 344 16.29 -38.79 -15.69
C ASN C 344 17.60 -38.57 -14.93
N GLY C 345 17.48 -38.67 -13.61
CA GLY C 345 18.57 -38.51 -12.69
C GLY C 345 19.22 -37.14 -12.56
N VAL C 346 18.70 -36.12 -13.24
CA VAL C 346 19.38 -34.81 -13.25
C VAL C 346 18.46 -33.64 -12.81
N SER C 347 18.85 -32.96 -11.74
CA SER C 347 18.11 -31.78 -11.23
C SER C 347 18.46 -30.56 -12.06
N PHE C 348 17.45 -29.80 -12.48
CA PHE C 348 17.72 -28.65 -13.32
C PHE C 348 18.26 -27.52 -12.44
N THR C 349 19.42 -27.01 -12.79
CA THR C 349 19.92 -25.76 -12.22
C THR C 349 20.38 -24.88 -13.39
N PRO C 350 19.90 -23.64 -13.46
CA PRO C 350 20.04 -22.87 -14.69
C PRO C 350 21.50 -22.61 -15.12
N PRO C 351 21.79 -22.66 -16.44
CA PRO C 351 23.15 -22.39 -16.91
C PRO C 351 23.47 -20.90 -16.91
N THR C 352 24.75 -20.56 -16.96
CA THR C 352 25.20 -19.16 -16.98
C THR C 352 24.83 -18.49 -18.29
N VAL C 353 24.87 -19.26 -19.38
CA VAL C 353 24.50 -18.78 -20.71
C VAL C 353 23.17 -19.41 -21.10
N PRO C 354 22.17 -18.60 -21.47
CA PRO C 354 20.90 -19.17 -21.86
C PRO C 354 21.04 -20.16 -23.01
N VAL C 355 20.41 -21.32 -22.85
CA VAL C 355 20.38 -22.34 -23.86
C VAL C 355 20.26 -21.72 -25.24
N LEU C 356 19.30 -20.81 -25.45
CA LEU C 356 19.12 -20.21 -26.79
C LEU C 356 20.40 -19.60 -27.33
N LEU C 357 21.05 -18.78 -26.50
CA LEU C 357 22.33 -18.13 -26.84
C LEU C 357 23.46 -19.15 -27.09
N GLN C 358 23.50 -20.22 -26.31
CA GLN C 358 24.42 -21.32 -26.57
C GLN C 358 24.34 -21.83 -28.03
N ILE C 359 23.11 -21.95 -28.52
CA ILE C 359 22.80 -22.43 -29.86
C ILE C 359 23.14 -21.37 -30.92
N CYS C 360 22.86 -20.12 -30.60
CA CYS C 360 23.20 -19.01 -31.48
C CYS C 360 24.71 -18.85 -31.58
N SER C 361 25.41 -19.40 -30.58
CA SER C 361 26.87 -19.33 -30.53
C SER C 361 27.53 -20.49 -31.27
N GLY C 362 26.73 -21.39 -31.84
CA GLY C 362 27.28 -22.51 -32.60
C GLY C 362 27.07 -23.90 -32.04
N ALA C 363 26.28 -24.02 -30.98
CA ALA C 363 25.88 -25.34 -30.51
C ALA C 363 25.12 -26.08 -31.63
N ASN C 364 25.55 -27.32 -31.91
CA ASN C 364 25.00 -28.16 -33.00
C ASN C 364 24.04 -29.23 -32.49
N THR C 365 24.40 -29.84 -31.37
CA THR C 365 23.73 -31.04 -30.87
C THR C 365 23.43 -30.88 -29.38
N ALA C 366 22.67 -31.83 -28.81
CA ALA C 366 22.32 -31.78 -27.40
C ALA C 366 23.55 -31.86 -26.51
N ALA C 367 24.53 -32.67 -26.92
CA ALA C 367 25.78 -32.86 -26.18
C ALA C 367 26.56 -31.56 -25.94
N ASP C 368 26.49 -30.64 -26.90
CA ASP C 368 27.14 -29.34 -26.84
C ASP C 368 26.50 -28.31 -25.86
N LEU C 369 25.38 -28.68 -25.24
CA LEU C 369 24.58 -27.70 -24.48
C LEU C 369 24.68 -27.91 -22.98
N LEU C 370 24.61 -26.81 -22.24
CA LEU C 370 24.64 -26.84 -20.79
C LEU C 370 23.25 -26.41 -20.28
N PRO C 371 22.78 -26.99 -19.15
CA PRO C 371 23.47 -28.00 -18.33
C PRO C 371 23.42 -29.40 -18.94
N SER C 372 24.53 -30.13 -18.75
CA SER C 372 24.63 -31.55 -19.10
C SER C 372 23.60 -32.37 -18.36
N GLY C 373 22.86 -33.18 -19.13
CA GLY C 373 21.83 -34.04 -18.58
C GLY C 373 20.48 -33.36 -18.43
N SER C 374 20.40 -32.08 -18.83
CA SER C 374 19.17 -31.28 -18.68
C SER C 374 18.57 -30.82 -20.01
N VAL C 375 19.18 -31.23 -21.12
CA VAL C 375 18.72 -30.88 -22.46
C VAL C 375 18.53 -32.14 -23.31
N ILE C 376 17.35 -32.28 -23.88
CA ILE C 376 17.05 -33.34 -24.81
C ILE C 376 16.72 -32.69 -26.16
N SER C 377 17.41 -33.09 -27.22
CA SER C 377 17.03 -32.60 -28.53
C SER C 377 15.84 -33.37 -29.07
N LEU C 378 15.12 -32.74 -29.99
CA LEU C 378 13.99 -33.37 -30.65
C LEU C 378 14.14 -33.11 -32.14
N PRO C 379 13.95 -34.15 -32.97
CA PRO C 379 14.08 -34.05 -34.40
C PRO C 379 12.97 -33.22 -34.98
N SER C 380 13.29 -32.47 -36.02
CA SER C 380 12.31 -31.63 -36.69
C SER C 380 11.22 -32.48 -37.34
N ASN C 381 10.00 -31.96 -37.41
CA ASN C 381 8.87 -32.58 -38.15
C ASN C 381 8.54 -34.01 -37.70
N SER C 382 8.56 -34.24 -36.40
CA SER C 382 8.43 -35.59 -35.86
C SER C 382 7.30 -35.65 -34.86
N THR C 383 6.82 -36.87 -34.62
CA THR C 383 5.81 -37.15 -33.61
C THR C 383 6.54 -37.53 -32.36
N ILE C 384 6.47 -36.68 -31.35
CA ILE C 384 7.06 -36.98 -30.06
C ILE C 384 5.96 -37.50 -29.15
N GLU C 385 6.19 -38.65 -28.50
CA GLU C 385 5.33 -39.09 -27.40
C GLU C 385 6.11 -39.01 -26.09
N ILE C 386 5.53 -38.36 -25.07
CA ILE C 386 6.16 -38.33 -23.74
C ILE C 386 5.34 -38.97 -22.62
N ALA C 387 5.94 -39.93 -21.93
CA ALA C 387 5.34 -40.54 -20.74
C ALA C 387 5.91 -39.88 -19.48
N LEU C 388 5.02 -39.45 -18.59
CA LEU C 388 5.44 -38.78 -17.38
C LEU C 388 4.87 -39.54 -16.17
N PRO C 389 5.34 -40.77 -15.94
CA PRO C 389 4.80 -41.60 -14.86
C PRO C 389 4.95 -40.96 -13.49
N ALA C 390 3.86 -40.99 -12.73
CA ALA C 390 3.79 -40.31 -11.42
C ALA C 390 4.51 -41.11 -10.34
N GLY C 391 4.61 -40.55 -9.15
CA GLY C 391 5.24 -41.23 -8.02
C GLY C 391 6.13 -40.35 -7.16
N ALA C 392 6.78 -39.37 -7.78
CA ALA C 392 7.62 -38.44 -7.04
C ALA C 392 6.74 -37.59 -6.15
N ALA C 393 7.21 -37.32 -4.93
CA ALA C 393 6.43 -36.54 -3.99
C ALA C 393 6.74 -35.07 -4.14
N GLY C 394 5.73 -34.21 -4.06
CA GLY C 394 4.32 -34.56 -4.04
C GLY C 394 3.81 -33.48 -4.95
N GLY C 395 2.85 -33.75 -5.81
CA GLY C 395 1.93 -34.85 -5.81
C GLY C 395 0.59 -34.16 -5.58
N PRO C 396 -0.18 -33.89 -6.65
CA PRO C 396 0.10 -34.16 -8.07
C PRO C 396 0.69 -32.97 -8.87
N HIS C 397 1.73 -33.29 -9.65
CA HIS C 397 2.54 -32.33 -10.39
C HIS C 397 1.94 -31.95 -11.76
N PRO C 398 1.62 -30.66 -11.95
CA PRO C 398 1.09 -30.27 -13.24
C PRO C 398 2.23 -29.94 -14.17
N PHE C 399 2.51 -30.82 -15.14
CA PHE C 399 3.57 -30.53 -16.12
C PHE C 399 3.11 -29.64 -17.25
N HIS C 400 4.00 -28.73 -17.65
CA HIS C 400 3.72 -27.77 -18.72
C HIS C 400 4.88 -27.75 -19.75
N LEU C 401 4.52 -27.50 -21.02
CA LEU C 401 5.50 -27.42 -22.08
C LEU C 401 5.35 -26.09 -22.83
N HIS C 402 6.45 -25.36 -22.92
CA HIS C 402 6.51 -24.10 -23.66
C HIS C 402 6.52 -24.42 -25.15
N GLY C 403 6.04 -23.48 -25.95
CA GLY C 403 6.11 -23.57 -27.40
C GLY C 403 5.20 -24.57 -28.05
N HIS C 404 4.37 -25.23 -27.26
CA HIS C 404 3.48 -26.25 -27.80
C HIS C 404 2.27 -26.47 -26.93
N ASP C 405 1.25 -27.04 -27.53
CA ASP C 405 0.20 -27.67 -26.79
C ASP C 405 0.30 -29.12 -27.22
N PHE C 406 -0.38 -30.00 -26.50
CA PHE C 406 -0.22 -31.41 -26.69
C PHE C 406 -1.50 -32.20 -26.45
N ALA C 407 -1.60 -33.33 -27.14
CA ALA C 407 -2.68 -34.27 -26.95
C ALA C 407 -2.44 -35.05 -25.64
N VAL C 408 -3.48 -35.19 -24.82
CA VAL C 408 -3.33 -35.94 -23.58
C VAL C 408 -3.85 -37.35 -23.80
N SER C 409 -2.95 -38.25 -24.21
CA SER C 409 -3.29 -39.63 -24.60
C SER C 409 -3.74 -40.48 -23.42
N GLU C 410 -3.07 -40.33 -22.29
CA GLU C 410 -3.54 -40.97 -21.09
C GLU C 410 -3.56 -39.95 -19.96
N SER C 411 -4.72 -39.78 -19.35
CA SER C 411 -4.86 -38.85 -18.21
C SER C 411 -4.57 -39.52 -16.86
N ALA C 412 -4.63 -38.72 -15.80
CA ALA C 412 -4.49 -39.19 -14.43
C ALA C 412 -5.68 -40.08 -14.02
N SER C 413 -5.42 -41.00 -13.09
CA SER C 413 -6.40 -41.95 -12.50
C SER C 413 -7.21 -42.79 -13.48
N ASN C 414 -6.61 -43.12 -14.62
CA ASN C 414 -7.28 -43.91 -15.66
C ASN C 414 -6.24 -44.42 -16.62
N SER C 415 -6.02 -45.73 -16.64
CA SER C 415 -4.94 -46.27 -17.48
C SER C 415 -5.40 -46.67 -18.89
N THR C 416 -6.59 -46.21 -19.28
CA THR C 416 -7.08 -46.34 -20.65
C THR C 416 -6.64 -45.15 -21.50
N SER C 417 -5.78 -45.42 -22.47
CA SER C 417 -5.39 -44.38 -23.40
C SER C 417 -6.51 -44.04 -24.40
N ASN C 418 -6.40 -42.86 -25.03
CA ASN C 418 -7.37 -42.41 -26.01
C ASN C 418 -6.61 -41.84 -27.19
N TYR C 419 -6.61 -42.59 -28.29
CA TYR C 419 -5.90 -42.18 -29.51
C TYR C 419 -6.86 -41.64 -30.57
N ASP C 420 -8.10 -41.41 -30.20
CA ASP C 420 -9.11 -40.94 -31.14
C ASP C 420 -9.36 -39.46 -30.90
N ASP C 421 -9.99 -39.11 -29.78
CA ASP C 421 -10.36 -37.72 -29.53
C ASP C 421 -9.96 -37.18 -28.14
N PRO C 422 -8.71 -37.40 -27.72
CA PRO C 422 -8.34 -36.82 -26.43
C PRO C 422 -8.25 -35.30 -26.51
N ILE C 423 -8.45 -34.64 -25.35
CA ILE C 423 -8.26 -33.19 -25.25
C ILE C 423 -6.78 -32.85 -25.50
N TRP C 424 -6.56 -31.71 -26.14
CA TRP C 424 -5.23 -31.14 -26.22
C TRP C 424 -5.16 -29.94 -25.29
N ARG C 425 -4.02 -29.76 -24.64
CA ARG C 425 -3.82 -28.65 -23.70
C ARG C 425 -2.33 -28.38 -23.56
N ASP C 426 -1.94 -27.54 -22.59
CA ASP C 426 -0.52 -27.22 -22.39
C ASP C 426 -0.03 -27.52 -20.96
N VAL C 427 -0.97 -27.71 -20.04
CA VAL C 427 -0.62 -28.03 -18.65
C VAL C 427 -1.47 -29.19 -18.21
N VAL C 428 -0.84 -30.23 -17.63
CA VAL C 428 -1.59 -31.46 -17.31
C VAL C 428 -1.15 -32.07 -15.98
N SER C 429 -2.11 -32.44 -15.14
CA SER C 429 -1.74 -33.19 -13.90
C SER C 429 -1.22 -34.58 -14.27
N ILE C 430 -0.02 -34.90 -13.80
CA ILE C 430 0.52 -36.25 -14.05
C ILE C 430 -0.04 -37.30 -13.06
N GLY C 431 -0.91 -36.87 -12.14
CA GLY C 431 -1.62 -37.78 -11.24
C GLY C 431 -0.86 -38.35 -10.05
N GLY C 432 -1.21 -39.57 -9.65
CA GLY C 432 -0.61 -40.23 -8.47
C GLY C 432 0.11 -41.52 -8.83
N VAL C 433 0.83 -42.10 -7.87
CA VAL C 433 1.62 -43.30 -8.11
C VAL C 433 0.77 -44.38 -8.81
N GLY C 434 1.36 -45.00 -9.83
CA GLY C 434 0.64 -45.97 -10.66
C GLY C 434 0.22 -45.38 -11.99
N ASP C 435 -0.04 -44.08 -12.00
CA ASP C 435 -0.53 -43.38 -13.19
C ASP C 435 0.56 -43.33 -14.27
N ASN C 436 0.14 -43.22 -15.53
CA ASN C 436 1.10 -43.10 -16.60
C ASN C 436 0.67 -42.09 -17.64
N VAL C 437 0.62 -40.84 -17.20
CA VAL C 437 0.12 -39.77 -18.03
C VAL C 437 1.08 -39.63 -19.19
N THR C 438 0.52 -39.51 -20.38
CA THR C 438 1.32 -39.56 -21.60
C THR C 438 0.83 -38.48 -22.55
N ILE C 439 1.76 -37.82 -23.23
CA ILE C 439 1.38 -36.74 -24.13
C ILE C 439 2.00 -36.88 -25.52
N ARG C 440 1.34 -36.27 -26.50
CA ARG C 440 1.88 -36.25 -27.86
C ARG C 440 1.78 -34.90 -28.54
N PHE C 441 2.82 -34.58 -29.31
CA PHE C 441 2.88 -33.39 -30.13
C PHE C 441 3.83 -33.61 -31.31
N CYS C 442 3.81 -32.65 -32.23
CA CYS C 442 4.68 -32.60 -33.40
C CYS C 442 5.63 -31.45 -33.33
N THR C 443 6.89 -31.72 -33.64
CA THR C 443 7.91 -30.70 -33.61
C THR C 443 7.83 -29.80 -34.86
N ASP C 444 6.99 -28.77 -34.81
CA ASP C 444 6.93 -27.77 -35.89
C ASP C 444 7.48 -26.40 -35.46
N ASN C 445 8.32 -26.39 -34.42
CA ASN C 445 8.68 -25.14 -33.73
C ASN C 445 10.11 -25.16 -33.24
N PRO C 446 11.06 -24.81 -34.13
CA PRO C 446 12.47 -24.82 -33.74
C PRO C 446 12.81 -23.88 -32.56
N GLY C 447 13.56 -24.42 -31.61
CA GLY C 447 14.02 -23.66 -30.47
C GLY C 447 13.99 -24.47 -29.18
N PRO C 448 14.63 -23.94 -28.11
CA PRO C 448 14.64 -24.64 -26.82
C PRO C 448 13.38 -24.32 -26.01
N TRP C 449 12.58 -25.36 -25.76
CA TRP C 449 11.32 -25.20 -25.05
C TRP C 449 11.36 -25.90 -23.68
N PHE C 450 11.04 -25.13 -22.64
CA PHE C 450 11.12 -25.60 -21.26
C PHE C 450 10.03 -26.63 -21.01
N LEU C 451 10.40 -27.75 -20.38
CA LEU C 451 9.41 -28.74 -19.88
C LEU C 451 9.60 -28.83 -18.38
N HIS C 452 8.59 -28.38 -17.63
CA HIS C 452 8.72 -28.34 -16.18
C HIS C 452 7.43 -28.59 -15.40
N CYS C 453 7.57 -28.91 -14.11
CA CYS C 453 6.41 -28.93 -13.22
C CYS C 453 6.04 -27.48 -13.00
N HIS C 454 4.74 -27.17 -12.99
CA HIS C 454 4.32 -25.77 -12.77
C HIS C 454 4.05 -25.39 -11.31
N ILE C 455 4.45 -26.24 -10.38
CA ILE C 455 4.48 -25.86 -8.99
C ILE C 455 5.82 -25.20 -8.82
N ASP C 456 5.80 -23.87 -8.72
CA ASP C 456 7.00 -23.06 -8.91
C ASP C 456 8.11 -23.47 -7.94
N TRP C 457 7.71 -23.86 -6.73
CA TRP C 457 8.61 -24.32 -5.69
C TRP C 457 9.37 -25.56 -6.21
N HIS C 458 8.67 -26.47 -6.89
CA HIS C 458 9.32 -27.66 -7.46
C HIS C 458 10.26 -27.32 -8.62
N LEU C 459 9.83 -26.41 -9.49
CA LEU C 459 10.71 -25.87 -10.52
C LEU C 459 12.02 -25.36 -9.91
N ASP C 460 11.92 -24.57 -8.83
CA ASP C 460 13.10 -24.02 -8.15
C ASP C 460 13.93 -25.12 -7.48
N ALA C 461 13.26 -26.20 -7.06
CA ALA C 461 13.95 -27.40 -6.57
C ALA C 461 14.43 -28.34 -7.71
N GLY C 462 14.32 -27.89 -8.95
CA GLY C 462 14.94 -28.58 -10.08
C GLY C 462 14.12 -29.46 -11.01
N PHE C 463 12.79 -29.46 -10.85
CA PHE C 463 11.91 -30.35 -11.63
C PHE C 463 11.66 -29.85 -13.09
N ALA C 464 12.67 -29.97 -13.95
CA ALA C 464 12.58 -29.39 -15.31
C ALA C 464 13.66 -29.90 -16.23
N ILE C 465 13.36 -29.87 -17.54
CA ILE C 465 14.39 -30.07 -18.57
C ILE C 465 14.07 -29.23 -19.79
N VAL C 466 14.98 -29.24 -20.76
CA VAL C 466 14.80 -28.47 -21.98
C VAL C 466 14.73 -29.38 -23.22
N PHE C 467 13.61 -29.28 -23.94
CA PHE C 467 13.51 -29.85 -25.26
C PHE C 467 14.10 -28.86 -26.28
N ALA C 468 15.28 -29.19 -26.79
CA ALA C 468 15.94 -28.37 -27.79
C ALA C 468 15.48 -28.85 -29.16
N GLU C 469 14.41 -28.23 -29.64
CA GLU C 469 13.74 -28.64 -30.86
C GLU C 469 14.46 -28.07 -32.07
N ASP C 470 14.75 -28.98 -33.01
CA ASP C 470 15.44 -28.64 -34.25
C ASP C 470 16.61 -27.67 -34.02
N ILE C 471 17.59 -28.11 -33.24
CA ILE C 471 18.78 -27.29 -32.97
C ILE C 471 19.35 -26.61 -34.26
N PRO C 472 19.62 -27.41 -35.33
CA PRO C 472 20.33 -26.84 -36.49
C PRO C 472 19.57 -25.71 -37.18
N ASN C 473 18.24 -25.72 -37.08
CA ASN C 473 17.41 -24.67 -37.66
C ASN C 473 17.05 -23.55 -36.69
N THR C 474 17.54 -23.64 -35.46
CA THR C 474 17.11 -22.71 -34.40
C THR C 474 17.49 -21.23 -34.66
N ALA C 475 18.69 -20.99 -35.20
CA ALA C 475 19.13 -19.63 -35.46
C ALA C 475 18.44 -18.97 -36.67
N SER C 476 18.36 -19.68 -37.79
CA SER C 476 17.61 -19.18 -38.95
C SER C 476 16.15 -18.93 -38.60
N ALA C 477 15.60 -19.80 -37.76
CA ALA C 477 14.19 -19.76 -37.42
C ALA C 477 13.84 -18.61 -36.48
N ASN C 478 14.79 -18.24 -35.62
CA ASN C 478 14.54 -17.20 -34.60
C ASN C 478 15.51 -16.02 -34.64
N PRO C 479 15.34 -15.10 -35.60
CA PRO C 479 16.21 -13.93 -35.63
C PRO C 479 15.97 -13.08 -34.37
N VAL C 480 17.04 -12.62 -33.74
CA VAL C 480 16.93 -11.91 -32.46
C VAL C 480 17.24 -10.41 -32.57
N PRO C 481 16.47 -9.57 -31.87
CA PRO C 481 16.74 -8.16 -31.97
C PRO C 481 18.04 -7.83 -31.21
N GLU C 482 18.59 -6.65 -31.47
CA GLU C 482 19.81 -6.21 -30.81
C GLU C 482 19.64 -6.15 -29.29
N ALA C 483 18.47 -5.71 -28.84
CA ALA C 483 18.19 -5.55 -27.40
C ALA C 483 18.21 -6.89 -26.65
N TRP C 484 17.95 -7.99 -27.35
CA TRP C 484 18.04 -9.30 -26.75
C TRP C 484 19.52 -9.65 -26.55
N SER C 485 20.34 -9.30 -27.55
CA SER C 485 21.79 -9.52 -27.52
C SER C 485 22.45 -8.77 -26.37
N ASN C 486 21.92 -7.58 -26.06
CA ASN C 486 22.41 -6.75 -24.98
C ASN C 486 22.06 -7.24 -23.58
N LEU C 487 21.14 -8.19 -23.46
CA LEU C 487 20.64 -8.65 -22.15
C LEU C 487 21.70 -9.30 -21.30
N CYS C 488 22.34 -10.35 -21.84
CA CYS C 488 23.29 -11.15 -21.07
C CYS C 488 24.54 -10.36 -20.68
N PRO C 489 25.11 -9.59 -21.63
CA PRO C 489 26.16 -8.63 -21.28
C PRO C 489 25.76 -7.65 -20.14
N SER C 490 24.57 -7.09 -20.18
CA SER C 490 24.14 -6.19 -19.10
C SER C 490 23.98 -6.95 -17.77
N TYR C 491 23.33 -8.11 -17.83
CA TYR C 491 23.13 -8.94 -16.65
C TYR C 491 24.44 -9.36 -15.99
N ASP C 492 25.30 -10.06 -16.74
CA ASP C 492 26.56 -10.56 -16.21
C ASP C 492 27.43 -9.43 -15.65
N SER C 493 27.51 -8.31 -16.37
CA SER C 493 28.23 -7.11 -15.91
C SER C 493 27.72 -6.64 -14.55
N ALA C 494 26.39 -6.46 -14.47
CA ALA C 494 25.71 -5.99 -13.25
C ALA C 494 25.87 -6.96 -12.07
N HIS C 495 26.11 -8.23 -12.37
CA HIS C 495 26.26 -9.27 -11.35
C HIS C 495 27.70 -9.82 -11.24
#